data_3QLM
# 
_entry.id   3QLM 
# 
_audit_conform.dict_name       mmcif_pdbx.dic 
_audit_conform.dict_version    5.399 
_audit_conform.dict_location   http://mmcif.pdb.org/dictionaries/ascii/mmcif_pdbx.dic 
# 
loop_
_database_2.database_id 
_database_2.database_code 
_database_2.pdbx_database_accession 
_database_2.pdbx_DOI 
PDB   3QLM         pdb_00003qlm 10.2210/pdb3qlm/pdb 
RCSB  RCSB063799   ?            ?                   
WWPDB D_1000063799 ?            ?                   
# 
loop_
_pdbx_audit_revision_history.ordinal 
_pdbx_audit_revision_history.data_content_type 
_pdbx_audit_revision_history.major_revision 
_pdbx_audit_revision_history.minor_revision 
_pdbx_audit_revision_history.revision_date 
1 'Structure model' 1 0 2011-04-06 
2 'Structure model' 1 1 2011-07-13 
3 'Structure model' 1 2 2012-06-20 
4 'Structure model' 1 3 2017-11-08 
5 'Structure model' 1 4 2023-11-01 
6 'Structure model' 1 5 2024-11-20 
# 
_pdbx_audit_revision_details.ordinal             1 
_pdbx_audit_revision_details.revision_ordinal    1 
_pdbx_audit_revision_details.data_content_type   'Structure model' 
_pdbx_audit_revision_details.provider            repository 
_pdbx_audit_revision_details.type                'Initial release' 
_pdbx_audit_revision_details.description         ? 
_pdbx_audit_revision_details.details             ? 
# 
loop_
_pdbx_audit_revision_group.ordinal 
_pdbx_audit_revision_group.revision_ordinal 
_pdbx_audit_revision_group.data_content_type 
_pdbx_audit_revision_group.group 
1 2 'Structure model' 'Version format compliance' 
2 3 'Structure model' 'Database references'       
3 4 'Structure model' 'Refinement description'    
4 5 'Structure model' 'Data collection'           
5 5 'Structure model' 'Database references'       
6 5 'Structure model' 'Derived calculations'      
7 5 'Structure model' 'Refinement description'    
8 6 'Structure model' 'Structure summary'         
# 
loop_
_pdbx_audit_revision_category.ordinal 
_pdbx_audit_revision_category.revision_ordinal 
_pdbx_audit_revision_category.data_content_type 
_pdbx_audit_revision_category.category 
1  4 'Structure model' software                      
2  5 'Structure model' chem_comp_atom                
3  5 'Structure model' chem_comp_bond                
4  5 'Structure model' database_2                    
5  5 'Structure model' pdbx_initial_refinement_model 
6  5 'Structure model' pdbx_struct_conn_angle        
7  5 'Structure model' struct_conn                   
8  5 'Structure model' struct_site                   
9  6 'Structure model' pdbx_entry_details            
10 6 'Structure model' pdbx_modification_feature     
# 
loop_
_pdbx_audit_revision_item.ordinal 
_pdbx_audit_revision_item.revision_ordinal 
_pdbx_audit_revision_item.data_content_type 
_pdbx_audit_revision_item.item 
1  5 'Structure model' '_database_2.pdbx_DOI'                        
2  5 'Structure model' '_database_2.pdbx_database_accession'         
3  5 'Structure model' '_pdbx_struct_conn_angle.ptnr1_auth_comp_id'  
4  5 'Structure model' '_pdbx_struct_conn_angle.ptnr1_auth_seq_id'   
5  5 'Structure model' '_pdbx_struct_conn_angle.ptnr1_label_asym_id' 
6  5 'Structure model' '_pdbx_struct_conn_angle.ptnr1_label_atom_id' 
7  5 'Structure model' '_pdbx_struct_conn_angle.ptnr1_label_comp_id' 
8  5 'Structure model' '_pdbx_struct_conn_angle.ptnr1_label_seq_id'  
9  5 'Structure model' '_pdbx_struct_conn_angle.ptnr2_auth_seq_id'   
10 5 'Structure model' '_pdbx_struct_conn_angle.ptnr2_label_asym_id' 
11 5 'Structure model' '_pdbx_struct_conn_angle.ptnr3_auth_comp_id'  
12 5 'Structure model' '_pdbx_struct_conn_angle.ptnr3_auth_seq_id'   
13 5 'Structure model' '_pdbx_struct_conn_angle.ptnr3_label_asym_id' 
14 5 'Structure model' '_pdbx_struct_conn_angle.ptnr3_label_atom_id' 
15 5 'Structure model' '_pdbx_struct_conn_angle.ptnr3_label_comp_id' 
16 5 'Structure model' '_pdbx_struct_conn_angle.ptnr3_label_seq_id'  
17 5 'Structure model' '_pdbx_struct_conn_angle.value'               
18 5 'Structure model' '_struct_conn.pdbx_dist_value'                
19 5 'Structure model' '_struct_conn.ptnr1_auth_comp_id'             
20 5 'Structure model' '_struct_conn.ptnr1_auth_seq_id'              
21 5 'Structure model' '_struct_conn.ptnr1_label_asym_id'            
22 5 'Structure model' '_struct_conn.ptnr1_label_atom_id'            
23 5 'Structure model' '_struct_conn.ptnr1_label_comp_id'            
24 5 'Structure model' '_struct_conn.ptnr1_label_seq_id'             
25 5 'Structure model' '_struct_conn.ptnr2_auth_comp_id'             
26 5 'Structure model' '_struct_conn.ptnr2_auth_seq_id'              
27 5 'Structure model' '_struct_conn.ptnr2_label_asym_id'            
28 5 'Structure model' '_struct_conn.ptnr2_label_atom_id'            
29 5 'Structure model' '_struct_conn.ptnr2_label_comp_id'            
30 5 'Structure model' '_struct_site.pdbx_auth_asym_id'              
31 5 'Structure model' '_struct_site.pdbx_auth_comp_id'              
32 5 'Structure model' '_struct_site.pdbx_auth_seq_id'               
# 
_pdbx_database_status.status_code                     REL 
_pdbx_database_status.entry_id                        3QLM 
_pdbx_database_status.recvd_initial_deposition_date   2011-02-03 
_pdbx_database_status.deposit_site                    RCSB 
_pdbx_database_status.process_site                    PDBJ 
_pdbx_database_status.status_code_sf                  REL 
_pdbx_database_status.status_code_mr                  ? 
_pdbx_database_status.SG_entry                        ? 
_pdbx_database_status.status_code_cs                  ? 
_pdbx_database_status.pdb_format_compatible           Y 
_pdbx_database_status.methods_development_category    ? 
_pdbx_database_status.status_code_nmr_data            ? 
# 
loop_
_pdbx_database_related.db_name 
_pdbx_database_related.db_id 
_pdbx_database_related.details 
_pdbx_database_related.content_type 
PDB 3O4M 'Crystal structure of porcine pancreatic phospholipase A2 in complex with 1,2-dihydroxybenzene'                   
unspecified 
PDB 3HSW 'Crystal Structure of Porcine Pancreatic Phospholipase A2 in Complex with 2-methoxycyclohexa-2-5-diene-1,4-dione' 
unspecified 
PDB 3L30 'Crystal structure of porcine pancreatic phospholipase A2 complexed with dihydroxyberberine'                      
unspecified 
PDB 3L69 'Crystal structure of porcine pancreatic phospholipase A2 complexed with berberine'                               
unspecified 
PDB 2B00 'Crystal Structure of Porcine Pancreatic Phospholipase A2 in Complex with Glycocholate'                           
unspecified 
PDB 2B01 'Crystal Structure of Porcine Pancreatic Phospholipase A2 in Complex with Taurochenodeoxycholate'                 
unspecified 
PDB 2B04 'Crystal Structure of Porcine Pancreatic Phospholipase A2 in Complex with Glycochenodeoxycholate'                 
unspecified 
PDB 2B03 'Crystal Structure of Porcine Pancreatic Phospholipase A2 in Complex with Taurochenodeoxycholate'                 
unspecified 
# 
loop_
_audit_author.name 
_audit_author.pdbx_ordinal 
'Aparna, V.'    1 
'Dileep, K.V.'  2 
'Karthe, P.'    3 
'Mandal, P.K.'  4 
'Sadasivan, C.' 5 
'Haridas, M.'   6 
# 
_citation.id                        primary 
_citation.title                     
'Anti-inflammatory property of n-hexadecanoic acid: Structural evidence and Kinetic assessment.' 
_citation.journal_abbrev            'Chem.Biol.Drug Des.' 
_citation.journal_volume            ? 
_citation.page_first                ? 
_citation.page_last                 ? 
_citation.year                      2012 
_citation.journal_id_ASTM           ? 
_citation.country                   US 
_citation.journal_id_ISSN           1747-0285 
_citation.journal_id_CSD            ? 
_citation.book_publisher            ? 
_citation.pdbx_database_id_PubMed   22642495 
_citation.pdbx_database_id_DOI      10.1111/j.1747-0285.2012.01418.x 
# 
loop_
_citation_author.citation_id 
_citation_author.name 
_citation_author.ordinal 
_citation_author.identifier_ORCID 
primary 'Aparna, V.'    1 ? 
primary 'Dileep, K.V.'  2 ? 
primary 'Mandal, P.K.'  3 ? 
primary 'Karthe, P.'    4 ? 
primary 'Sadasivan, C.' 5 ? 
primary 'Haridas, M.'   6 ? 
# 
loop_
_entity.id 
_entity.type 
_entity.src_method 
_entity.pdbx_description 
_entity.formula_weight 
_entity.pdbx_number_of_molecules 
_entity.pdbx_ec 
_entity.pdbx_mutation 
_entity.pdbx_fragment 
_entity.details 
1 polymer     nat 'Phospholipase A2, major isoenzyme' 14009.714 1  3.1.1.4 ? ? ? 
2 non-polymer syn 'CALCIUM ION'                       40.078    2  ?       ? ? ? 
3 non-polymer syn 'PALMITIC ACID'                     256.424   1  ?       ? ? ? 
4 water       nat water                               18.015    58 ?       ? ? ? 
# 
_entity_name_com.entity_id   1 
_entity_name_com.name        'Group IB phospholipase A2, Phosphatidylcholine 2-acylhydrolase 1B' 
# 
_entity_poly.entity_id                      1 
_entity_poly.type                           'polypeptide(L)' 
_entity_poly.nstd_linkage                   no 
_entity_poly.nstd_monomer                   no 
_entity_poly.pdbx_seq_one_letter_code       
;ALWQFRSMIKCAIPGSHPLMDFNNYGCYCGLGGSGTPVDELDRCCETHDNCYRDAKNLDSCKFLVDNPYTESYSYSCSNT
EITCNSKNNACEAFICNCDRNAAICFSKAPYNKEHKNLDTKKYC
;
_entity_poly.pdbx_seq_one_letter_code_can   
;ALWQFRSMIKCAIPGSHPLMDFNNYGCYCGLGGSGTPVDELDRCCETHDNCYRDAKNLDSCKFLVDNPYTESYSYSCSNT
EITCNSKNNACEAFICNCDRNAAICFSKAPYNKEHKNLDTKKYC
;
_entity_poly.pdbx_strand_id                 A 
_entity_poly.pdbx_target_identifier         ? 
# 
loop_
_pdbx_entity_nonpoly.entity_id 
_pdbx_entity_nonpoly.name 
_pdbx_entity_nonpoly.comp_id 
2 'CALCIUM ION'   CA  
3 'PALMITIC ACID' PLM 
4 water           HOH 
# 
loop_
_entity_poly_seq.entity_id 
_entity_poly_seq.num 
_entity_poly_seq.mon_id 
_entity_poly_seq.hetero 
1 1   ALA n 
1 2   LEU n 
1 3   TRP n 
1 4   GLN n 
1 5   PHE n 
1 6   ARG n 
1 7   SER n 
1 8   MET n 
1 9   ILE n 
1 10  LYS n 
1 11  CYS n 
1 12  ALA n 
1 13  ILE n 
1 14  PRO n 
1 15  GLY n 
1 16  SER n 
1 17  HIS n 
1 18  PRO n 
1 19  LEU n 
1 20  MET n 
1 21  ASP n 
1 22  PHE n 
1 23  ASN n 
1 24  ASN n 
1 25  TYR n 
1 26  GLY n 
1 27  CYS n 
1 28  TYR n 
1 29  CYS n 
1 30  GLY n 
1 31  LEU n 
1 32  GLY n 
1 33  GLY n 
1 34  SER n 
1 35  GLY n 
1 36  THR n 
1 37  PRO n 
1 38  VAL n 
1 39  ASP n 
1 40  GLU n 
1 41  LEU n 
1 42  ASP n 
1 43  ARG n 
1 44  CYS n 
1 45  CYS n 
1 46  GLU n 
1 47  THR n 
1 48  HIS n 
1 49  ASP n 
1 50  ASN n 
1 51  CYS n 
1 52  TYR n 
1 53  ARG n 
1 54  ASP n 
1 55  ALA n 
1 56  LYS n 
1 57  ASN n 
1 58  LEU n 
1 59  ASP n 
1 60  SER n 
1 61  CYS n 
1 62  LYS n 
1 63  PHE n 
1 64  LEU n 
1 65  VAL n 
1 66  ASP n 
1 67  ASN n 
1 68  PRO n 
1 69  TYR n 
1 70  THR n 
1 71  GLU n 
1 72  SER n 
1 73  TYR n 
1 74  SER n 
1 75  TYR n 
1 76  SER n 
1 77  CYS n 
1 78  SER n 
1 79  ASN n 
1 80  THR n 
1 81  GLU n 
1 82  ILE n 
1 83  THR n 
1 84  CYS n 
1 85  ASN n 
1 86  SER n 
1 87  LYS n 
1 88  ASN n 
1 89  ASN n 
1 90  ALA n 
1 91  CYS n 
1 92  GLU n 
1 93  ALA n 
1 94  PHE n 
1 95  ILE n 
1 96  CYS n 
1 97  ASN n 
1 98  CYS n 
1 99  ASP n 
1 100 ARG n 
1 101 ASN n 
1 102 ALA n 
1 103 ALA n 
1 104 ILE n 
1 105 CYS n 
1 106 PHE n 
1 107 SER n 
1 108 LYS n 
1 109 ALA n 
1 110 PRO n 
1 111 TYR n 
1 112 ASN n 
1 113 LYS n 
1 114 GLU n 
1 115 HIS n 
1 116 LYS n 
1 117 ASN n 
1 118 LEU n 
1 119 ASP n 
1 120 THR n 
1 121 LYS n 
1 122 LYS n 
1 123 TYR n 
1 124 CYS n 
# 
_entity_src_nat.entity_id                  1 
_entity_src_nat.pdbx_src_id                1 
_entity_src_nat.pdbx_alt_source_flag       sample 
_entity_src_nat.pdbx_beg_seq_num           ? 
_entity_src_nat.pdbx_end_seq_num           ? 
_entity_src_nat.common_name                pigs 
_entity_src_nat.pdbx_organism_scientific   'Sus scrofa' 
_entity_src_nat.pdbx_ncbi_taxonomy_id      9823 
_entity_src_nat.genus                      ? 
_entity_src_nat.species                    ? 
_entity_src_nat.strain                     ? 
_entity_src_nat.tissue                     Pancreas 
_entity_src_nat.tissue_fraction            ? 
_entity_src_nat.pdbx_secretion             ? 
_entity_src_nat.pdbx_fragment              ? 
_entity_src_nat.pdbx_variant               ? 
_entity_src_nat.pdbx_cell_line             ? 
_entity_src_nat.pdbx_atcc                  ? 
_entity_src_nat.pdbx_cellular_location     ? 
_entity_src_nat.pdbx_organ                 ? 
_entity_src_nat.pdbx_organelle             ? 
_entity_src_nat.pdbx_cell                  ? 
_entity_src_nat.pdbx_plasmid_name          ? 
_entity_src_nat.pdbx_plasmid_details       ? 
_entity_src_nat.details                    ? 
# 
loop_
_chem_comp.id 
_chem_comp.type 
_chem_comp.mon_nstd_flag 
_chem_comp.name 
_chem_comp.pdbx_synonyms 
_chem_comp.formula 
_chem_comp.formula_weight 
ALA 'L-peptide linking' y ALANINE         ? 'C3 H7 N O2'     89.093  
ARG 'L-peptide linking' y ARGININE        ? 'C6 H15 N4 O2 1' 175.209 
ASN 'L-peptide linking' y ASPARAGINE      ? 'C4 H8 N2 O3'    132.118 
ASP 'L-peptide linking' y 'ASPARTIC ACID' ? 'C4 H7 N O4'     133.103 
CA  non-polymer         . 'CALCIUM ION'   ? 'Ca 2'           40.078  
CYS 'L-peptide linking' y CYSTEINE        ? 'C3 H7 N O2 S'   121.158 
GLN 'L-peptide linking' y GLUTAMINE       ? 'C5 H10 N2 O3'   146.144 
GLU 'L-peptide linking' y 'GLUTAMIC ACID' ? 'C5 H9 N O4'     147.129 
GLY 'peptide linking'   y GLYCINE         ? 'C2 H5 N O2'     75.067  
HIS 'L-peptide linking' y HISTIDINE       ? 'C6 H10 N3 O2 1' 156.162 
HOH non-polymer         . WATER           ? 'H2 O'           18.015  
ILE 'L-peptide linking' y ISOLEUCINE      ? 'C6 H13 N O2'    131.173 
LEU 'L-peptide linking' y LEUCINE         ? 'C6 H13 N O2'    131.173 
LYS 'L-peptide linking' y LYSINE          ? 'C6 H15 N2 O2 1' 147.195 
MET 'L-peptide linking' y METHIONINE      ? 'C5 H11 N O2 S'  149.211 
PHE 'L-peptide linking' y PHENYLALANINE   ? 'C9 H11 N O2'    165.189 
PLM non-polymer         . 'PALMITIC ACID' ? 'C16 H32 O2'     256.424 
PRO 'L-peptide linking' y PROLINE         ? 'C5 H9 N O2'     115.130 
SER 'L-peptide linking' y SERINE          ? 'C3 H7 N O3'     105.093 
THR 'L-peptide linking' y THREONINE       ? 'C4 H9 N O3'     119.119 
TRP 'L-peptide linking' y TRYPTOPHAN      ? 'C11 H12 N2 O2'  204.225 
TYR 'L-peptide linking' y TYROSINE        ? 'C9 H11 N O3'    181.189 
VAL 'L-peptide linking' y VALINE          ? 'C5 H11 N O2'    117.146 
# 
loop_
_pdbx_poly_seq_scheme.asym_id 
_pdbx_poly_seq_scheme.entity_id 
_pdbx_poly_seq_scheme.seq_id 
_pdbx_poly_seq_scheme.mon_id 
_pdbx_poly_seq_scheme.ndb_seq_num 
_pdbx_poly_seq_scheme.pdb_seq_num 
_pdbx_poly_seq_scheme.auth_seq_num 
_pdbx_poly_seq_scheme.pdb_mon_id 
_pdbx_poly_seq_scheme.auth_mon_id 
_pdbx_poly_seq_scheme.pdb_strand_id 
_pdbx_poly_seq_scheme.pdb_ins_code 
_pdbx_poly_seq_scheme.hetero 
A 1 1   ALA 1   1   1   ALA ALA A . n 
A 1 2   LEU 2   2   2   LEU LEU A . n 
A 1 3   TRP 3   3   3   TRP TRP A . n 
A 1 4   GLN 4   4   4   GLN GLN A . n 
A 1 5   PHE 5   5   5   PHE PHE A . n 
A 1 6   ARG 6   6   6   ARG ARG A . n 
A 1 7   SER 7   7   7   SER SER A . n 
A 1 8   MET 8   8   8   MET MET A . n 
A 1 9   ILE 9   9   9   ILE ILE A . n 
A 1 10  LYS 10  10  10  LYS LYS A . n 
A 1 11  CYS 11  11  11  CYS CYS A . n 
A 1 12  ALA 12  12  12  ALA ALA A . n 
A 1 13  ILE 13  13  13  ILE ILE A . n 
A 1 14  PRO 14  14  14  PRO PRO A . n 
A 1 15  GLY 15  15  15  GLY GLY A . n 
A 1 16  SER 16  16  16  SER SER A . n 
A 1 17  HIS 17  17  17  HIS HIS A . n 
A 1 18  PRO 18  18  18  PRO PRO A . n 
A 1 19  LEU 19  19  19  LEU LEU A . n 
A 1 20  MET 20  20  20  MET MET A . n 
A 1 21  ASP 21  21  21  ASP ASP A . n 
A 1 22  PHE 22  22  22  PHE PHE A . n 
A 1 23  ASN 23  23  23  ASN ASN A . n 
A 1 24  ASN 24  24  24  ASN ASN A . n 
A 1 25  TYR 25  25  25  TYR TYR A . n 
A 1 26  GLY 26  26  26  GLY GLY A . n 
A 1 27  CYS 27  27  27  CYS CYS A . n 
A 1 28  TYR 28  28  28  TYR TYR A . n 
A 1 29  CYS 29  29  29  CYS CYS A . n 
A 1 30  GLY 30  30  30  GLY GLY A . n 
A 1 31  LEU 31  31  31  LEU LEU A . n 
A 1 32  GLY 32  32  32  GLY GLY A . n 
A 1 33  GLY 33  33  33  GLY GLY A . n 
A 1 34  SER 34  34  34  SER SER A . n 
A 1 35  GLY 35  35  35  GLY GLY A . n 
A 1 36  THR 36  36  36  THR THR A . n 
A 1 37  PRO 37  37  37  PRO PRO A . n 
A 1 38  VAL 38  38  38  VAL VAL A . n 
A 1 39  ASP 39  39  39  ASP ASP A . n 
A 1 40  GLU 40  40  40  GLU GLU A . n 
A 1 41  LEU 41  41  41  LEU LEU A . n 
A 1 42  ASP 42  42  42  ASP ASP A . n 
A 1 43  ARG 43  43  43  ARG ARG A . n 
A 1 44  CYS 44  44  44  CYS CYS A . n 
A 1 45  CYS 45  45  45  CYS CYS A . n 
A 1 46  GLU 46  46  46  GLU GLU A . n 
A 1 47  THR 47  47  47  THR THR A . n 
A 1 48  HIS 48  48  48  HIS HIS A . n 
A 1 49  ASP 49  49  49  ASP ASP A . n 
A 1 50  ASN 50  50  50  ASN ASN A . n 
A 1 51  CYS 51  51  51  CYS CYS A . n 
A 1 52  TYR 52  52  52  TYR TYR A . n 
A 1 53  ARG 53  53  53  ARG ARG A . n 
A 1 54  ASP 54  54  54  ASP ASP A . n 
A 1 55  ALA 55  55  55  ALA ALA A . n 
A 1 56  LYS 56  56  56  LYS LYS A . n 
A 1 57  ASN 57  57  57  ASN ASN A . n 
A 1 58  LEU 58  58  58  LEU LEU A . n 
A 1 59  ASP 59  59  59  ASP ASP A . n 
A 1 60  SER 60  60  60  SER SER A . n 
A 1 61  CYS 61  61  61  CYS CYS A . n 
A 1 62  LYS 62  62  62  LYS LYS A . n 
A 1 63  PHE 63  63  63  PHE PHE A . n 
A 1 64  LEU 64  64  64  LEU LEU A . n 
A 1 65  VAL 65  65  65  VAL VAL A . n 
A 1 66  ASP 66  66  66  ASP ASP A . n 
A 1 67  ASN 67  67  67  ASN ASN A . n 
A 1 68  PRO 68  68  68  PRO PRO A . n 
A 1 69  TYR 69  69  69  TYR TYR A . n 
A 1 70  THR 70  70  70  THR THR A . n 
A 1 71  GLU 71  71  71  GLU GLU A . n 
A 1 72  SER 72  72  72  SER SER A . n 
A 1 73  TYR 73  73  73  TYR TYR A . n 
A 1 74  SER 74  74  74  SER SER A . n 
A 1 75  TYR 75  75  75  TYR TYR A . n 
A 1 76  SER 76  76  76  SER SER A . n 
A 1 77  CYS 77  77  77  CYS CYS A . n 
A 1 78  SER 78  78  78  SER SER A . n 
A 1 79  ASN 79  79  79  ASN ASN A . n 
A 1 80  THR 80  80  80  THR THR A . n 
A 1 81  GLU 81  81  81  GLU GLU A . n 
A 1 82  ILE 82  82  82  ILE ILE A . n 
A 1 83  THR 83  83  83  THR THR A . n 
A 1 84  CYS 84  84  84  CYS CYS A . n 
A 1 85  ASN 85  85  85  ASN ASN A . n 
A 1 86  SER 86  86  86  SER SER A . n 
A 1 87  LYS 87  87  87  LYS LYS A . n 
A 1 88  ASN 88  88  88  ASN ASN A . n 
A 1 89  ASN 89  89  89  ASN ASN A . n 
A 1 90  ALA 90  90  90  ALA ALA A . n 
A 1 91  CYS 91  91  91  CYS CYS A . n 
A 1 92  GLU 92  92  92  GLU GLU A . n 
A 1 93  ALA 93  93  93  ALA ALA A . n 
A 1 94  PHE 94  94  94  PHE PHE A . n 
A 1 95  ILE 95  95  95  ILE ILE A . n 
A 1 96  CYS 96  96  96  CYS CYS A . n 
A 1 97  ASN 97  97  97  ASN ASN A . n 
A 1 98  CYS 98  98  98  CYS CYS A . n 
A 1 99  ASP 99  99  99  ASP ASP A . n 
A 1 100 ARG 100 100 100 ARG ARG A . n 
A 1 101 ASN 101 101 101 ASN ASN A . n 
A 1 102 ALA 102 102 102 ALA ALA A . n 
A 1 103 ALA 103 103 103 ALA ALA A . n 
A 1 104 ILE 104 104 104 ILE ILE A . n 
A 1 105 CYS 105 105 105 CYS CYS A . n 
A 1 106 PHE 106 106 106 PHE PHE A . n 
A 1 107 SER 107 107 107 SER SER A . n 
A 1 108 LYS 108 108 108 LYS LYS A . n 
A 1 109 ALA 109 109 109 ALA ALA A . n 
A 1 110 PRO 110 110 110 PRO PRO A . n 
A 1 111 TYR 111 111 111 TYR TYR A . n 
A 1 112 ASN 112 112 112 ASN ASN A . n 
A 1 113 LYS 113 113 113 LYS LYS A . n 
A 1 114 GLU 114 114 114 GLU GLU A . n 
A 1 115 HIS 115 115 115 HIS HIS A . n 
A 1 116 LYS 116 116 116 LYS LYS A . n 
A 1 117 ASN 117 117 117 ASN ASN A . n 
A 1 118 LEU 118 118 118 LEU LEU A . n 
A 1 119 ASP 119 119 119 ASP ASP A . n 
A 1 120 THR 120 120 120 THR THR A . n 
A 1 121 LYS 121 121 121 LYS LYS A . n 
A 1 122 LYS 122 122 122 LYS LYS A . n 
A 1 123 TYR 123 123 123 TYR TYR A . n 
A 1 124 CYS 124 124 124 CYS CYS A . n 
# 
loop_
_pdbx_nonpoly_scheme.asym_id 
_pdbx_nonpoly_scheme.entity_id 
_pdbx_nonpoly_scheme.mon_id 
_pdbx_nonpoly_scheme.ndb_seq_num 
_pdbx_nonpoly_scheme.pdb_seq_num 
_pdbx_nonpoly_scheme.auth_seq_num 
_pdbx_nonpoly_scheme.pdb_mon_id 
_pdbx_nonpoly_scheme.auth_mon_id 
_pdbx_nonpoly_scheme.pdb_strand_id 
_pdbx_nonpoly_scheme.pdb_ins_code 
B 2 CA  1  125 1  CA  CA  A . 
C 2 CA  1  126 2  CA  CA  A . 
D 3 PLM 1  127 1  PLM MOL A . 
E 4 HOH 1  128 1  HOH HOH A . 
E 4 HOH 2  129 2  HOH HOH A . 
E 4 HOH 3  130 3  HOH HOH A . 
E 4 HOH 4  131 4  HOH HOH A . 
E 4 HOH 5  132 5  HOH HOH A . 
E 4 HOH 6  133 6  HOH HOH A . 
E 4 HOH 7  134 7  HOH HOH A . 
E 4 HOH 8  135 8  HOH HOH A . 
E 4 HOH 9  136 9  HOH HOH A . 
E 4 HOH 10 137 10 HOH HOH A . 
E 4 HOH 11 138 11 HOH HOH A . 
E 4 HOH 12 139 12 HOH HOH A . 
E 4 HOH 13 140 13 HOH HOH A . 
E 4 HOH 14 141 14 HOH HOH A . 
E 4 HOH 15 142 15 HOH HOH A . 
E 4 HOH 16 143 16 HOH HOH A . 
E 4 HOH 17 144 17 HOH HOH A . 
E 4 HOH 18 145 18 HOH HOH A . 
E 4 HOH 19 146 19 HOH HOH A . 
E 4 HOH 20 147 20 HOH HOH A . 
E 4 HOH 21 148 21 HOH HOH A . 
E 4 HOH 22 149 22 HOH HOH A . 
E 4 HOH 23 150 23 HOH HOH A . 
E 4 HOH 24 151 24 HOH HOH A . 
E 4 HOH 25 152 25 HOH HOH A . 
E 4 HOH 26 153 26 HOH HOH A . 
E 4 HOH 27 154 27 HOH HOH A . 
E 4 HOH 28 155 28 HOH HOH A . 
E 4 HOH 29 156 29 HOH HOH A . 
E 4 HOH 30 157 30 HOH HOH A . 
E 4 HOH 31 158 31 HOH HOH A . 
E 4 HOH 32 159 32 HOH HOH A . 
E 4 HOH 33 160 33 HOH HOH A . 
E 4 HOH 34 161 34 HOH HOH A . 
E 4 HOH 35 162 35 HOH HOH A . 
E 4 HOH 36 163 36 HOH HOH A . 
E 4 HOH 37 164 37 HOH HOH A . 
E 4 HOH 38 165 38 HOH HOH A . 
E 4 HOH 39 166 39 HOH HOH A . 
E 4 HOH 40 167 40 HOH HOH A . 
E 4 HOH 41 168 41 HOH HOH A . 
E 4 HOH 42 169 42 HOH HOH A . 
E 4 HOH 43 170 43 HOH HOH A . 
E 4 HOH 44 171 44 HOH HOH A . 
E 4 HOH 45 172 45 HOH HOH A . 
E 4 HOH 46 173 46 HOH HOH A . 
E 4 HOH 47 174 47 HOH HOH A . 
E 4 HOH 48 175 48 HOH HOH A . 
E 4 HOH 49 176 49 HOH HOH A . 
E 4 HOH 50 177 50 HOH HOH A . 
E 4 HOH 51 178 51 HOH HOH A . 
E 4 HOH 52 179 52 HOH HOH A . 
E 4 HOH 53 180 53 HOH HOH A . 
E 4 HOH 54 181 54 HOH HOH A . 
E 4 HOH 55 182 55 HOH HOH A . 
E 4 HOH 56 183 56 HOH HOH A . 
E 4 HOH 57 184 57 HOH HOH A . 
E 4 HOH 58 185 58 HOH HOH A . 
# 
loop_
_software.name 
_software.classification 
_software.version 
_software.citation_id 
_software.pdbx_ordinal 
MAR345dtb 'data collection' .        ? 1 
PHASER    phasing           .        ? 2 
REFMAC    refinement        5.5.0072 ? 3 
MOSFLM    'data reduction'  .        ? 4 
SCALA     'data scaling'    .        ? 5 
# 
_cell.entry_id           3QLM 
_cell.length_a           69.260 
_cell.length_b           69.260 
_cell.length_c           69.660 
_cell.angle_alpha        90.00 
_cell.angle_beta         90.00 
_cell.angle_gamma        120.00 
_cell.Z_PDB              6 
_cell.pdbx_unique_axis   ? 
_cell.length_a_esd       ? 
_cell.length_b_esd       ? 
_cell.length_c_esd       ? 
_cell.angle_alpha_esd    ? 
_cell.angle_beta_esd     ? 
_cell.angle_gamma_esd    ? 
# 
_symmetry.entry_id                         3QLM 
_symmetry.space_group_name_H-M             'P 31 2 1' 
_symmetry.pdbx_full_space_group_name_H-M   ? 
_symmetry.cell_setting                     ? 
_symmetry.Int_Tables_number                152 
_symmetry.space_group_name_Hall            ? 
# 
_exptl.entry_id          3QLM 
_exptl.method            'X-RAY DIFFRACTION' 
_exptl.crystals_number   1 
# 
_exptl_crystal.id                    1 
_exptl_crystal.density_meas          ? 
_exptl_crystal.density_Matthews      3.44 
_exptl_crystal.density_percent_sol   64.27 
_exptl_crystal.description           ? 
_exptl_crystal.F_000                 ? 
_exptl_crystal.preparation           ? 
# 
_exptl_crystal_grow.crystal_id      1 
_exptl_crystal_grow.method          'VAPOR DIFFUSION, HANGING DROP' 
_exptl_crystal_grow.temp            294 
_exptl_crystal_grow.temp_details    ? 
_exptl_crystal_grow.pH              7.2 
_exptl_crystal_grow.pdbx_details    
'15% MPD, 0.05M Tris Maliate, 5mM Calcium Chloride, pH 7.2, VAPOR DIFFUSION, HANGING DROP, temperature 294K' 
_exptl_crystal_grow.pdbx_pH_range   . 
# 
_diffrn.id                     1 
_diffrn.ambient_temp           100 
_diffrn.ambient_temp_details   ? 
_diffrn.crystal_id             1 
# 
_diffrn_detector.diffrn_id              1 
_diffrn_detector.detector               'IMAGE PLATE' 
_diffrn_detector.type                   'MAR scanner 345 mm plate' 
_diffrn_detector.pdbx_collection_date   2010-02-24 
_diffrn_detector.details                Mirrors 
# 
_diffrn_radiation.diffrn_id                        1 
_diffrn_radiation.wavelength_id                    1 
_diffrn_radiation.pdbx_monochromatic_or_laue_m_l   M 
_diffrn_radiation.monochromator                    Mirrors 
_diffrn_radiation.pdbx_diffrn_protocol             'SINGLE WAVELENGTH' 
_diffrn_radiation.pdbx_scattering_type             x-ray 
# 
_diffrn_radiation_wavelength.id           1 
_diffrn_radiation_wavelength.wavelength   1.542 
_diffrn_radiation_wavelength.wt           1.0 
# 
_diffrn_source.diffrn_id                   1 
_diffrn_source.source                      'ROTATING ANODE' 
_diffrn_source.type                        'BRUKER AXS MICROSTAR' 
_diffrn_source.pdbx_synchrotron_site       ? 
_diffrn_source.pdbx_synchrotron_beamline   ? 
_diffrn_source.pdbx_wavelength             ? 
_diffrn_source.pdbx_wavelength_list        1.542 
# 
_reflns.entry_id                     3QLM 
_reflns.observed_criterion_sigma_I   2.00 
_reflns.observed_criterion_sigma_F   2.6 
_reflns.d_resolution_low             45.44 
_reflns.d_resolution_high            2.50 
_reflns.number_obs                   6010 
_reflns.number_all                   6866 
_reflns.percent_possible_obs         90.4 
_reflns.pdbx_Rmerge_I_obs            0.079 
_reflns.pdbx_Rsym_value              0.084 
_reflns.pdbx_netI_over_sigmaI        ? 
_reflns.B_iso_Wilson_estimate        ? 
_reflns.pdbx_redundancy              ? 
_reflns.R_free_details               ? 
_reflns.limit_h_max                  ? 
_reflns.limit_h_min                  ? 
_reflns.limit_k_max                  ? 
_reflns.limit_k_min                  ? 
_reflns.limit_l_max                  ? 
_reflns.limit_l_min                  ? 
_reflns.observed_criterion_F_max     ? 
_reflns.observed_criterion_F_min     ? 
_reflns.pdbx_chi_squared             ? 
_reflns.pdbx_scaling_rejects         ? 
_reflns.pdbx_ordinal                 1 
_reflns.pdbx_diffrn_id               1 
# 
_reflns_shell.d_res_high                  2.60 
_reflns_shell.d_res_low                   2.74 
_reflns_shell.percent_possible_all        90.4 
_reflns_shell.Rmerge_I_obs                ? 
_reflns_shell.pdbx_Rsym_value             ? 
_reflns_shell.meanI_over_sigI_obs         ? 
_reflns_shell.pdbx_redundancy             ? 
_reflns_shell.percent_possible_obs        ? 
_reflns_shell.number_unique_all           ? 
_reflns_shell.number_measured_all         ? 
_reflns_shell.number_measured_obs         ? 
_reflns_shell.number_unique_obs           ? 
_reflns_shell.pdbx_chi_squared            ? 
_reflns_shell.pdbx_rejects                ? 
_reflns_shell.pdbx_netI_over_sigmaI_obs   ? 
_reflns_shell.number_possible             ? 
_reflns_shell.Rmerge_F_all                ? 
_reflns_shell.Rmerge_F_obs                ? 
_reflns_shell.Rmerge_I_all                ? 
_reflns_shell.meanI_over_sigI_all         ? 
_reflns_shell.pdbx_Rrim_I_all             ? 
_reflns_shell.pdbx_Rpim_I_all             ? 
_reflns_shell.pdbx_ordinal                1 
_reflns_shell.pdbx_diffrn_id              1 
# 
_refine.entry_id                                 3QLM 
_refine.ls_number_reflns_obs                     5654 
_refine.ls_number_reflns_all                     6866 
_refine.pdbx_ls_sigma_I                          ? 
_refine.pdbx_ls_sigma_F                          ? 
_refine.pdbx_data_cutoff_high_absF               ? 
_refine.pdbx_data_cutoff_low_absF                ? 
_refine.pdbx_data_cutoff_high_rms_absF           ? 
_refine.ls_d_res_low                             15.00 
_refine.ls_d_res_high                            2.50 
_refine.ls_percent_reflns_obs                    91.13 
_refine.ls_R_factor_obs                          0.19411 
_refine.ls_R_factor_all                          ? 
_refine.ls_R_factor_R_work                       0.19137 
_refine.ls_R_factor_R_free                       0.24935 
_refine.ls_R_factor_R_free_error                 ? 
_refine.ls_R_factor_R_free_error_details         ? 
_refine.ls_percent_reflns_R_free                 4.7 
_refine.ls_number_reflns_R_free                  295 
_refine.ls_number_parameters                     ? 
_refine.ls_number_restraints                     ? 
_refine.occupancy_min                            ? 
_refine.occupancy_max                            ? 
_refine.correlation_coeff_Fo_to_Fc               0.947 
_refine.correlation_coeff_Fo_to_Fc_free          0.924 
_refine.B_iso_mean                               40.616 
_refine.aniso_B[1][1]                            0.00 
_refine.aniso_B[2][2]                            0.00 
_refine.aniso_B[3][3]                            0.00 
_refine.aniso_B[1][2]                            0.00 
_refine.aniso_B[1][3]                            0.00 
_refine.aniso_B[2][3]                            0.00 
_refine.solvent_model_details                    MASK 
_refine.solvent_model_param_ksol                 ? 
_refine.solvent_model_param_bsol                 ? 
_refine.pdbx_solvent_vdw_probe_radii             1.40 
_refine.pdbx_solvent_ion_probe_radii             0.80 
_refine.pdbx_solvent_shrinkage_radii             0.80 
_refine.pdbx_ls_cross_valid_method               THROUGHOUT 
_refine.details                                  'HYDROGENS HAVE BEEN ADDED IN THE RIDING POSITIONS' 
_refine.pdbx_starting_model                      3O4M 
_refine.pdbx_method_to_determine_struct          'MOLECULAR REPLACEMENT' 
_refine.pdbx_isotropic_thermal_model             ? 
_refine.pdbx_stereochemistry_target_values       'MAXIMUM LIKELIHOOD' 
_refine.pdbx_stereochem_target_val_spec_case     ? 
_refine.pdbx_R_Free_selection_details            RANDOM 
_refine.pdbx_overall_ESU_R_Free                  0.273 
_refine.overall_SU_ML                            0.197 
_refine.overall_SU_B                             9.089 
_refine.overall_SU_R_Cruickshank_DPI             ? 
_refine.ls_redundancy_reflns_obs                 ? 
_refine.B_iso_min                                ? 
_refine.B_iso_max                                ? 
_refine.overall_SU_R_free                        ? 
_refine.ls_wR_factor_R_free                      ? 
_refine.ls_wR_factor_R_work                      ? 
_refine.overall_FOM_free_R_set                   ? 
_refine.overall_FOM_work_R_set                   ? 
_refine.pdbx_refine_id                           'X-RAY DIFFRACTION' 
_refine.pdbx_overall_phase_error                 ? 
_refine.pdbx_overall_ESU_R                       ? 
_refine.pdbx_diffrn_id                           1 
_refine.pdbx_TLS_residual_ADP_flag               ? 
_refine.pdbx_overall_SU_R_free_Cruickshank_DPI   ? 
_refine.pdbx_overall_SU_R_Blow_DPI               ? 
_refine.pdbx_overall_SU_R_free_Blow_DPI          ? 
# 
_refine_hist.pdbx_refine_id                   'X-RAY DIFFRACTION' 
_refine_hist.cycle_id                         LAST 
_refine_hist.pdbx_number_atoms_protein        971 
_refine_hist.pdbx_number_atoms_nucleic_acid   0 
_refine_hist.pdbx_number_atoms_ligand         20 
_refine_hist.number_atoms_solvent             58 
_refine_hist.number_atoms_total               1049 
_refine_hist.d_res_high                       2.50 
_refine_hist.d_res_low                        15.00 
# 
loop_
_refine_ls_restr.type 
_refine_ls_restr.dev_ideal 
_refine_ls_restr.dev_ideal_target 
_refine_ls_restr.weight 
_refine_ls_restr.number 
_refine_ls_restr.pdbx_refine_id 
_refine_ls_restr.pdbx_restraint_function 
r_bond_refined_d       0.019  0.022  ? 1017 'X-RAY DIFFRACTION' ? 
r_angle_refined_deg    1.898  1.950  ? 1373 'X-RAY DIFFRACTION' ? 
r_dihedral_angle_1_deg 6.620  5.000  ? 123  'X-RAY DIFFRACTION' ? 
r_dihedral_angle_2_deg 44.918 25.000 ? 50   'X-RAY DIFFRACTION' ? 
r_dihedral_angle_3_deg 20.131 15.000 ? 163  'X-RAY DIFFRACTION' ? 
r_dihedral_angle_4_deg 26.110 15.000 ? 4    'X-RAY DIFFRACTION' ? 
r_chiral_restr         0.132  0.200  ? 138  'X-RAY DIFFRACTION' ? 
r_gen_planes_refined   0.008  0.021  ? 783  'X-RAY DIFFRACTION' ? 
r_mcbond_it            1.048  1.500  ? 619  'X-RAY DIFFRACTION' ? 
r_mcangle_it           2.062  2.000  ? 993  'X-RAY DIFFRACTION' ? 
r_scbond_it            2.906  3.000  ? 398  'X-RAY DIFFRACTION' ? 
r_scangle_it           5.023  4.500  ? 380  'X-RAY DIFFRACTION' ? 
# 
_refine_ls_shell.pdbx_refine_id                   'X-RAY DIFFRACTION' 
_refine_ls_shell.pdbx_total_number_of_bins_used   20 
_refine_ls_shell.d_res_high                       2.502 
_refine_ls_shell.d_res_low                        2.566 
_refine_ls_shell.number_reflns_R_work             468 
_refine_ls_shell.R_factor_R_work                  0.250 
_refine_ls_shell.percent_reflns_obs               100.00 
_refine_ls_shell.R_factor_R_free                  0.265 
_refine_ls_shell.R_factor_R_free_error            ? 
_refine_ls_shell.percent_reflns_R_free            ? 
_refine_ls_shell.number_reflns_R_free             25 
_refine_ls_shell.number_reflns_all                ? 
_refine_ls_shell.R_factor_all                     ? 
_refine_ls_shell.number_reflns_obs                ? 
_refine_ls_shell.redundancy_reflns_obs            ? 
# 
_struct.entry_id                  3QLM 
_struct.title                     'Crystal structure of porcine pancreatic phospholipase A2 in complex with n-hexadecanoic acid' 
_struct.pdbx_model_details        ? 
_struct.pdbx_CASP_flag            ? 
_struct.pdbx_model_type_details   ? 
# 
_struct_keywords.entry_id        3QLM 
_struct_keywords.pdbx_keywords   HYDROLASE 
_struct_keywords.text            'Hydrolase, Pla2, Pancreatic enzyme, palmitic acid binding' 
# 
loop_
_struct_asym.id 
_struct_asym.pdbx_blank_PDB_chainid_flag 
_struct_asym.pdbx_modified 
_struct_asym.entity_id 
_struct_asym.details 
A N N 1 ? 
B N N 2 ? 
C N N 2 ? 
D N N 3 ? 
E N N 4 ? 
# 
_struct_ref.id                         1 
_struct_ref.db_name                    UNP 
_struct_ref.db_code                    PA21B_PIG 
_struct_ref.pdbx_db_accession          P00592 
_struct_ref.entity_id                  1 
_struct_ref.pdbx_seq_one_letter_code   
;ALWQFRSMIKCAIPGSHPLMDFNNYGCYCGLGGSGTPVDELDRCCETHDNCYRDAKNLDSCKFLVDNPYTESYSYSCSNT
EITCNSKNNACEAFICNCDRNAAICFSKAPYNKEHKNLDTKKYC
;
_struct_ref.pdbx_align_begin           23 
_struct_ref.pdbx_db_isoform            ? 
# 
_struct_ref_seq.align_id                      1 
_struct_ref_seq.ref_id                        1 
_struct_ref_seq.pdbx_PDB_id_code              3QLM 
_struct_ref_seq.pdbx_strand_id                A 
_struct_ref_seq.seq_align_beg                 1 
_struct_ref_seq.pdbx_seq_align_beg_ins_code   ? 
_struct_ref_seq.seq_align_end                 124 
_struct_ref_seq.pdbx_seq_align_end_ins_code   ? 
_struct_ref_seq.pdbx_db_accession             P00592 
_struct_ref_seq.db_align_beg                  23 
_struct_ref_seq.pdbx_db_align_beg_ins_code    ? 
_struct_ref_seq.db_align_end                  146 
_struct_ref_seq.pdbx_db_align_end_ins_code    ? 
_struct_ref_seq.pdbx_auth_seq_align_beg       1 
_struct_ref_seq.pdbx_auth_seq_align_end       124 
# 
_pdbx_struct_assembly.id                   1 
_pdbx_struct_assembly.details              author_and_software_defined_assembly 
_pdbx_struct_assembly.method_details       PISA 
_pdbx_struct_assembly.oligomeric_details   dimeric 
_pdbx_struct_assembly.oligomeric_count     2 
# 
loop_
_pdbx_struct_assembly_prop.biol_id 
_pdbx_struct_assembly_prop.type 
_pdbx_struct_assembly_prop.value 
_pdbx_struct_assembly_prop.details 
1 'ABSA (A^2)' 1230  ? 
1 MORE         -7    ? 
1 'SSA (A^2)'  13480 ? 
# 
_pdbx_struct_assembly_gen.assembly_id       1 
_pdbx_struct_assembly_gen.oper_expression   1,2 
_pdbx_struct_assembly_gen.asym_id_list      A,B,C,D,E 
# 
loop_
_pdbx_struct_oper_list.id 
_pdbx_struct_oper_list.type 
_pdbx_struct_oper_list.name 
_pdbx_struct_oper_list.symmetry_operation 
_pdbx_struct_oper_list.matrix[1][1] 
_pdbx_struct_oper_list.matrix[1][2] 
_pdbx_struct_oper_list.matrix[1][3] 
_pdbx_struct_oper_list.vector[1] 
_pdbx_struct_oper_list.matrix[2][1] 
_pdbx_struct_oper_list.matrix[2][2] 
_pdbx_struct_oper_list.matrix[2][3] 
_pdbx_struct_oper_list.vector[2] 
_pdbx_struct_oper_list.matrix[3][1] 
_pdbx_struct_oper_list.matrix[3][2] 
_pdbx_struct_oper_list.matrix[3][3] 
_pdbx_struct_oper_list.vector[3] 
1 'identity operation'         1_555 x,y,z         1.0000000000  0.0000000000 0.0000000000  0.0000000000  0.0000000000 1.0000000000  0.0000000000  0.0000000000  0.0000000000  0.0000000000  1.0000000000 0.0000000000  
2 'crystal symmetry operation' 5_554 x-y,-y,-z-1/3 -0.3736365511 0.0449115740 -0.9264872790 26.0353759840 0.0449115740 -0.9967797459 -0.0664310826 11.1573237270 -0.9264872790 -0.0664310826 0.3704162970 18.1423978993 
# 
_struct_biol.id        1 
_struct_biol.details   ? 
# 
loop_
_struct_conf.conf_type_id 
_struct_conf.id 
_struct_conf.pdbx_PDB_helix_id 
_struct_conf.beg_label_comp_id 
_struct_conf.beg_label_asym_id 
_struct_conf.beg_label_seq_id 
_struct_conf.pdbx_beg_PDB_ins_code 
_struct_conf.end_label_comp_id 
_struct_conf.end_label_asym_id 
_struct_conf.end_label_seq_id 
_struct_conf.pdbx_end_PDB_ins_code 
_struct_conf.beg_auth_comp_id 
_struct_conf.beg_auth_asym_id 
_struct_conf.beg_auth_seq_id 
_struct_conf.end_auth_comp_id 
_struct_conf.end_auth_asym_id 
_struct_conf.end_auth_seq_id 
_struct_conf.pdbx_PDB_helix_class 
_struct_conf.details 
_struct_conf.pdbx_PDB_helix_length 
HELX_P HELX_P1 1 ALA A 1   ? ILE A 13  ? ALA A 1   ILE A 13  1 ? 13 
HELX_P HELX_P2 2 HIS A 17  ? ASN A 23  ? HIS A 17  ASN A 23  1 ? 7  
HELX_P HELX_P3 3 ASP A 39  ? ASN A 57  ? ASP A 39  ASN A 57  1 ? 19 
HELX_P HELX_P4 4 PHE A 63  ? GLU A 71  ? PHE A 63  GLU A 71  5 ? 9  
HELX_P HELX_P5 5 ASN A 89  ? ALA A 109 ? ASN A 89  ALA A 109 1 ? 21 
HELX_P HELX_P6 6 ASN A 112 ? LYS A 116 ? ASN A 112 LYS A 116 5 ? 5  
HELX_P HELX_P7 7 ASP A 119 ? CYS A 124 ? ASP A 119 CYS A 124 1 ? 6  
# 
_struct_conf_type.id          HELX_P 
_struct_conf_type.criteria    ? 
_struct_conf_type.reference   ? 
# 
loop_
_struct_conn.id 
_struct_conn.conn_type_id 
_struct_conn.pdbx_leaving_atom_flag 
_struct_conn.pdbx_PDB_id 
_struct_conn.ptnr1_label_asym_id 
_struct_conn.ptnr1_label_comp_id 
_struct_conn.ptnr1_label_seq_id 
_struct_conn.ptnr1_label_atom_id 
_struct_conn.pdbx_ptnr1_label_alt_id 
_struct_conn.pdbx_ptnr1_PDB_ins_code 
_struct_conn.pdbx_ptnr1_standard_comp_id 
_struct_conn.ptnr1_symmetry 
_struct_conn.ptnr2_label_asym_id 
_struct_conn.ptnr2_label_comp_id 
_struct_conn.ptnr2_label_seq_id 
_struct_conn.ptnr2_label_atom_id 
_struct_conn.pdbx_ptnr2_label_alt_id 
_struct_conn.pdbx_ptnr2_PDB_ins_code 
_struct_conn.ptnr1_auth_asym_id 
_struct_conn.ptnr1_auth_comp_id 
_struct_conn.ptnr1_auth_seq_id 
_struct_conn.ptnr2_auth_asym_id 
_struct_conn.ptnr2_auth_comp_id 
_struct_conn.ptnr2_auth_seq_id 
_struct_conn.ptnr2_symmetry 
_struct_conn.pdbx_ptnr3_label_atom_id 
_struct_conn.pdbx_ptnr3_label_seq_id 
_struct_conn.pdbx_ptnr3_label_comp_id 
_struct_conn.pdbx_ptnr3_label_asym_id 
_struct_conn.pdbx_ptnr3_label_alt_id 
_struct_conn.pdbx_ptnr3_PDB_ins_code 
_struct_conn.details 
_struct_conn.pdbx_dist_value 
_struct_conn.pdbx_value_order 
_struct_conn.pdbx_role 
disulf1 disulf ? ? A CYS 11 SG  ? ? ? 1_555 A CYS 77  SG ? ? A CYS 11  A CYS 77  1_555 ? ? ? ? ? ? ? 2.216 ? ? 
disulf2 disulf ? ? A CYS 27 SG  ? ? ? 1_555 A CYS 124 SG ? ? A CYS 27  A CYS 124 1_555 ? ? ? ? ? ? ? 2.196 ? ? 
disulf3 disulf ? ? A CYS 29 SG  ? ? ? 1_555 A CYS 45  SG ? ? A CYS 29  A CYS 45  1_555 ? ? ? ? ? ? ? 2.230 ? ? 
disulf4 disulf ? ? A CYS 44 SG  ? ? ? 1_555 A CYS 105 SG ? ? A CYS 44  A CYS 105 1_555 ? ? ? ? ? ? ? 2.216 ? ? 
disulf5 disulf ? ? A CYS 51 SG  ? ? ? 1_555 A CYS 98  SG ? ? A CYS 51  A CYS 98  1_555 ? ? ? ? ? ? ? 2.233 ? ? 
disulf6 disulf ? ? A CYS 61 SG  ? ? ? 1_555 A CYS 91  SG ? ? A CYS 61  A CYS 91  1_555 ? ? ? ? ? ? ? 2.226 ? ? 
disulf7 disulf ? ? A CYS 84 SG  ? ? ? 1_555 A CYS 96  SG ? ? A CYS 84  A CYS 96  1_555 ? ? ? ? ? ? ? 2.215 ? ? 
metalc1 metalc ? ? A TYR 28 O   ? ? ? 1_555 C CA  .   CA ? ? A TYR 28  A CA  126 1_555 ? ? ? ? ? ? ? 2.470 ? ? 
metalc2 metalc ? ? A GLY 30 O   ? ? ? 1_555 C CA  .   CA ? ? A GLY 30  A CA  126 1_555 ? ? ? ? ? ? ? 2.949 ? ? 
metalc3 metalc ? ? A GLY 32 O   ? ? ? 1_555 C CA  .   CA ? ? A GLY 32  A CA  126 1_555 ? ? ? ? ? ? ? 2.455 ? ? 
metalc4 metalc ? ? A ASP 49 OD1 ? ? ? 1_555 C CA  .   CA ? ? A ASP 49  A CA  126 1_555 ? ? ? ? ? ? ? 2.768 ? ? 
metalc5 metalc ? ? A ASP 49 OD2 ? ? ? 1_555 C CA  .   CA ? ? A ASP 49  A CA  126 1_555 ? ? ? ? ? ? ? 2.874 ? ? 
metalc6 metalc ? ? A GLU 71 OE2 ? ? ? 1_555 B CA  .   CA ? ? A GLU 71  A CA  125 1_555 ? ? ? ? ? ? ? 2.170 ? ? 
metalc7 metalc ? ? A SER 72 O   ? ? ? 1_555 B CA  .   CA ? ? A SER 72  A CA  125 1_555 ? ? ? ? ? ? ? 2.337 ? ? 
metalc8 metalc ? ? A GLU 92 OE1 ? ? ? 1_555 B CA  .   CA ? ? A GLU 92  A CA  125 1_555 ? ? ? ? ? ? ? 2.228 ? ? 
metalc9 metalc ? ? C CA  .  CA  ? ? ? 1_555 E HOH .   O  ? ? A CA  126 A HOH 156 1_555 ? ? ? ? ? ? ? 2.596 ? ? 
# 
loop_
_struct_conn_type.id 
_struct_conn_type.criteria 
_struct_conn_type.reference 
disulf ? ? 
metalc ? ? 
# 
loop_
_pdbx_struct_conn_angle.id 
_pdbx_struct_conn_angle.ptnr1_label_atom_id 
_pdbx_struct_conn_angle.ptnr1_label_alt_id 
_pdbx_struct_conn_angle.ptnr1_label_asym_id 
_pdbx_struct_conn_angle.ptnr1_label_comp_id 
_pdbx_struct_conn_angle.ptnr1_label_seq_id 
_pdbx_struct_conn_angle.ptnr1_auth_atom_id 
_pdbx_struct_conn_angle.ptnr1_auth_asym_id 
_pdbx_struct_conn_angle.ptnr1_auth_comp_id 
_pdbx_struct_conn_angle.ptnr1_auth_seq_id 
_pdbx_struct_conn_angle.ptnr1_PDB_ins_code 
_pdbx_struct_conn_angle.ptnr1_symmetry 
_pdbx_struct_conn_angle.ptnr2_label_atom_id 
_pdbx_struct_conn_angle.ptnr2_label_alt_id 
_pdbx_struct_conn_angle.ptnr2_label_asym_id 
_pdbx_struct_conn_angle.ptnr2_label_comp_id 
_pdbx_struct_conn_angle.ptnr2_label_seq_id 
_pdbx_struct_conn_angle.ptnr2_auth_atom_id 
_pdbx_struct_conn_angle.ptnr2_auth_asym_id 
_pdbx_struct_conn_angle.ptnr2_auth_comp_id 
_pdbx_struct_conn_angle.ptnr2_auth_seq_id 
_pdbx_struct_conn_angle.ptnr2_PDB_ins_code 
_pdbx_struct_conn_angle.ptnr2_symmetry 
_pdbx_struct_conn_angle.ptnr3_label_atom_id 
_pdbx_struct_conn_angle.ptnr3_label_alt_id 
_pdbx_struct_conn_angle.ptnr3_label_asym_id 
_pdbx_struct_conn_angle.ptnr3_label_comp_id 
_pdbx_struct_conn_angle.ptnr3_label_seq_id 
_pdbx_struct_conn_angle.ptnr3_auth_atom_id 
_pdbx_struct_conn_angle.ptnr3_auth_asym_id 
_pdbx_struct_conn_angle.ptnr3_auth_comp_id 
_pdbx_struct_conn_angle.ptnr3_auth_seq_id 
_pdbx_struct_conn_angle.ptnr3_PDB_ins_code 
_pdbx_struct_conn_angle.ptnr3_symmetry 
_pdbx_struct_conn_angle.value 
_pdbx_struct_conn_angle.value_esd 
1  O   ? A TYR 28 ? A TYR 28 ? 1_555 CA ? C CA . ? A CA 126 ? 1_555 O   ? A GLY 30 ? A GLY 30  ? 1_555 69.3  ? 
2  O   ? A TYR 28 ? A TYR 28 ? 1_555 CA ? C CA . ? A CA 126 ? 1_555 O   ? A GLY 32 ? A GLY 32  ? 1_555 91.9  ? 
3  O   ? A GLY 30 ? A GLY 30 ? 1_555 CA ? C CA . ? A CA 126 ? 1_555 O   ? A GLY 32 ? A GLY 32  ? 1_555 70.6  ? 
4  O   ? A TYR 28 ? A TYR 28 ? 1_555 CA ? C CA . ? A CA 126 ? 1_555 OD1 ? A ASP 49 ? A ASP 49  ? 1_555 102.0 ? 
5  O   ? A GLY 30 ? A GLY 30 ? 1_555 CA ? C CA . ? A CA 126 ? 1_555 OD1 ? A ASP 49 ? A ASP 49  ? 1_555 167.6 ? 
6  O   ? A GLY 32 ? A GLY 32 ? 1_555 CA ? C CA . ? A CA 126 ? 1_555 OD1 ? A ASP 49 ? A ASP 49  ? 1_555 119.5 ? 
7  O   ? A TYR 28 ? A TYR 28 ? 1_555 CA ? C CA . ? A CA 126 ? 1_555 OD2 ? A ASP 49 ? A ASP 49  ? 1_555 113.0 ? 
8  O   ? A GLY 30 ? A GLY 30 ? 1_555 CA ? C CA . ? A CA 126 ? 1_555 OD2 ? A ASP 49 ? A ASP 49  ? 1_555 144.6 ? 
9  O   ? A GLY 32 ? A GLY 32 ? 1_555 CA ? C CA . ? A CA 126 ? 1_555 OD2 ? A ASP 49 ? A ASP 49  ? 1_555 74.0  ? 
10 OD1 ? A ASP 49 ? A ASP 49 ? 1_555 CA ? C CA . ? A CA 126 ? 1_555 OD2 ? A ASP 49 ? A ASP 49  ? 1_555 46.3  ? 
11 O   ? A TYR 28 ? A TYR 28 ? 1_555 CA ? C CA . ? A CA 126 ? 1_555 O   ? E HOH .  ? A HOH 156 ? 1_555 177.3 ? 
12 O   ? A GLY 30 ? A GLY 30 ? 1_555 CA ? C CA . ? A CA 126 ? 1_555 O   ? E HOH .  ? A HOH 156 ? 1_555 108.0 ? 
13 O   ? A GLY 32 ? A GLY 32 ? 1_555 CA ? C CA . ? A CA 126 ? 1_555 O   ? E HOH .  ? A HOH 156 ? 1_555 87.4  ? 
14 OD1 ? A ASP 49 ? A ASP 49 ? 1_555 CA ? C CA . ? A CA 126 ? 1_555 O   ? E HOH .  ? A HOH 156 ? 1_555 80.6  ? 
15 OD2 ? A ASP 49 ? A ASP 49 ? 1_555 CA ? C CA . ? A CA 126 ? 1_555 O   ? E HOH .  ? A HOH 156 ? 1_555 69.3  ? 
16 OE2 ? A GLU 71 ? A GLU 71 ? 1_555 CA ? B CA . ? A CA 125 ? 1_555 O   ? A SER 72 ? A SER 72  ? 1_555 96.6  ? 
17 OE2 ? A GLU 71 ? A GLU 71 ? 1_555 CA ? B CA . ? A CA 125 ? 1_555 OE1 ? A GLU 92 ? A GLU 92  ? 1_555 104.9 ? 
18 O   ? A SER 72 ? A SER 72 ? 1_555 CA ? B CA . ? A CA 125 ? 1_555 OE1 ? A GLU 92 ? A GLU 92  ? 1_555 81.8  ? 
# 
loop_
_pdbx_modification_feature.ordinal 
_pdbx_modification_feature.label_comp_id 
_pdbx_modification_feature.label_asym_id 
_pdbx_modification_feature.label_seq_id 
_pdbx_modification_feature.label_alt_id 
_pdbx_modification_feature.modified_residue_label_comp_id 
_pdbx_modification_feature.modified_residue_label_asym_id 
_pdbx_modification_feature.modified_residue_label_seq_id 
_pdbx_modification_feature.modified_residue_label_alt_id 
_pdbx_modification_feature.auth_comp_id 
_pdbx_modification_feature.auth_asym_id 
_pdbx_modification_feature.auth_seq_id 
_pdbx_modification_feature.PDB_ins_code 
_pdbx_modification_feature.symmetry 
_pdbx_modification_feature.modified_residue_auth_comp_id 
_pdbx_modification_feature.modified_residue_auth_asym_id 
_pdbx_modification_feature.modified_residue_auth_seq_id 
_pdbx_modification_feature.modified_residue_PDB_ins_code 
_pdbx_modification_feature.modified_residue_symmetry 
_pdbx_modification_feature.comp_id_linking_atom 
_pdbx_modification_feature.modified_residue_id_linking_atom 
_pdbx_modification_feature.modified_residue_id 
_pdbx_modification_feature.ref_pcm_id 
_pdbx_modification_feature.ref_comp_id 
_pdbx_modification_feature.type 
_pdbx_modification_feature.category 
1 CYS A 11 ? CYS A 77  ? CYS A 11 ? 1_555 CYS A 77  ? 1_555 SG SG . . . None 'Disulfide bridge' 
2 CYS A 27 ? CYS A 124 ? CYS A 27 ? 1_555 CYS A 124 ? 1_555 SG SG . . . None 'Disulfide bridge' 
3 CYS A 29 ? CYS A 45  ? CYS A 29 ? 1_555 CYS A 45  ? 1_555 SG SG . . . None 'Disulfide bridge' 
4 CYS A 44 ? CYS A 105 ? CYS A 44 ? 1_555 CYS A 105 ? 1_555 SG SG . . . None 'Disulfide bridge' 
5 CYS A 51 ? CYS A 98  ? CYS A 51 ? 1_555 CYS A 98  ? 1_555 SG SG . . . None 'Disulfide bridge' 
6 CYS A 61 ? CYS A 91  ? CYS A 61 ? 1_555 CYS A 91  ? 1_555 SG SG . . . None 'Disulfide bridge' 
7 CYS A 84 ? CYS A 96  ? CYS A 84 ? 1_555 CYS A 96  ? 1_555 SG SG . . . None 'Disulfide bridge' 
# 
_struct_sheet.id               A 
_struct_sheet.type             ? 
_struct_sheet.number_strands   2 
_struct_sheet.details          ? 
# 
_struct_sheet_order.sheet_id     A 
_struct_sheet_order.range_id_1   1 
_struct_sheet_order.range_id_2   2 
_struct_sheet_order.offset       ? 
_struct_sheet_order.sense        anti-parallel 
# 
loop_
_struct_sheet_range.sheet_id 
_struct_sheet_range.id 
_struct_sheet_range.beg_label_comp_id 
_struct_sheet_range.beg_label_asym_id 
_struct_sheet_range.beg_label_seq_id 
_struct_sheet_range.pdbx_beg_PDB_ins_code 
_struct_sheet_range.end_label_comp_id 
_struct_sheet_range.end_label_asym_id 
_struct_sheet_range.end_label_seq_id 
_struct_sheet_range.pdbx_end_PDB_ins_code 
_struct_sheet_range.beg_auth_comp_id 
_struct_sheet_range.beg_auth_asym_id 
_struct_sheet_range.beg_auth_seq_id 
_struct_sheet_range.end_auth_comp_id 
_struct_sheet_range.end_auth_asym_id 
_struct_sheet_range.end_auth_seq_id 
A 1 TYR A 75 ? SER A 78 ? TYR A 75 SER A 78 
A 2 GLU A 81 ? CYS A 84 ? GLU A 81 CYS A 84 
# 
_pdbx_struct_sheet_hbond.sheet_id                A 
_pdbx_struct_sheet_hbond.range_id_1              1 
_pdbx_struct_sheet_hbond.range_id_2              2 
_pdbx_struct_sheet_hbond.range_1_label_atom_id   N 
_pdbx_struct_sheet_hbond.range_1_label_comp_id   SER 
_pdbx_struct_sheet_hbond.range_1_label_asym_id   A 
_pdbx_struct_sheet_hbond.range_1_label_seq_id    78 
_pdbx_struct_sheet_hbond.range_1_PDB_ins_code    ? 
_pdbx_struct_sheet_hbond.range_1_auth_atom_id    N 
_pdbx_struct_sheet_hbond.range_1_auth_comp_id    SER 
_pdbx_struct_sheet_hbond.range_1_auth_asym_id    A 
_pdbx_struct_sheet_hbond.range_1_auth_seq_id     78 
_pdbx_struct_sheet_hbond.range_2_label_atom_id   O 
_pdbx_struct_sheet_hbond.range_2_label_comp_id   GLU 
_pdbx_struct_sheet_hbond.range_2_label_asym_id   A 
_pdbx_struct_sheet_hbond.range_2_label_seq_id    81 
_pdbx_struct_sheet_hbond.range_2_PDB_ins_code    ? 
_pdbx_struct_sheet_hbond.range_2_auth_atom_id    O 
_pdbx_struct_sheet_hbond.range_2_auth_comp_id    GLU 
_pdbx_struct_sheet_hbond.range_2_auth_asym_id    A 
_pdbx_struct_sheet_hbond.range_2_auth_seq_id     81 
# 
loop_
_struct_site.id 
_struct_site.pdbx_evidence_code 
_struct_site.pdbx_auth_asym_id 
_struct_site.pdbx_auth_comp_id 
_struct_site.pdbx_auth_seq_id 
_struct_site.pdbx_auth_ins_code 
_struct_site.pdbx_num_residues 
_struct_site.details 
AC1 Software A CA  125 ? 6  'BINDING SITE FOR RESIDUE CA A 125'  
AC2 Software A CA  126 ? 5  'BINDING SITE FOR RESIDUE CA A 126'  
AC3 Software A PLM 127 ? 10 'BINDING SITE FOR RESIDUE PLM A 127' 
# 
loop_
_struct_site_gen.id 
_struct_site_gen.site_id 
_struct_site_gen.pdbx_num_res 
_struct_site_gen.label_comp_id 
_struct_site_gen.label_asym_id 
_struct_site_gen.label_seq_id 
_struct_site_gen.pdbx_auth_ins_code 
_struct_site_gen.auth_comp_id 
_struct_site_gen.auth_asym_id 
_struct_site_gen.auth_seq_id 
_struct_site_gen.label_atom_id 
_struct_site_gen.label_alt_id 
_struct_site_gen.symmetry 
_struct_site_gen.details 
1  AC1 6  GLU A 71  ? GLU A 71  . ? 5_554 ? 
2  AC1 6  GLU A 71  ? GLU A 71  . ? 1_555 ? 
3  AC1 6  SER A 72  ? SER A 72  . ? 1_555 ? 
4  AC1 6  SER A 72  ? SER A 72  . ? 5_554 ? 
5  AC1 6  GLU A 92  ? GLU A 92  . ? 5_554 ? 
6  AC1 6  GLU A 92  ? GLU A 92  . ? 1_555 ? 
7  AC2 5  TYR A 28  ? TYR A 28  . ? 1_555 ? 
8  AC2 5  GLY A 30  ? GLY A 30  . ? 1_555 ? 
9  AC2 5  GLY A 32  ? GLY A 32  . ? 1_555 ? 
10 AC2 5  ASP A 49  ? ASP A 49  . ? 1_555 ? 
11 AC2 5  HOH E .   ? HOH A 156 . ? 1_555 ? 
12 AC3 10 LEU A 2   ? LEU A 2   . ? 1_555 ? 
13 AC3 10 PHE A 22  ? PHE A 22  . ? 1_555 ? 
14 AC3 10 ASN A 23  ? ASN A 23  . ? 1_555 ? 
15 AC3 10 LEU A 31  ? LEU A 31  . ? 1_555 ? 
16 AC3 10 PRO A 37  ? PRO A 37  . ? 3_454 ? 
17 AC3 10 ASP A 39  ? ASP A 39  . ? 3_454 ? 
18 AC3 10 ARG A 43  ? ARG A 43  . ? 3_454 ? 
19 AC3 10 TYR A 69  ? TYR A 69  . ? 1_555 ? 
20 AC3 10 PHE A 106 ? PHE A 106 . ? 1_555 ? 
21 AC3 10 HOH E .   ? HOH A 185 . ? 1_555 ? 
# 
_pdbx_entry_details.entry_id                   3QLM 
_pdbx_entry_details.compound_details           ? 
_pdbx_entry_details.source_details             ? 
_pdbx_entry_details.nonpolymer_details         ? 
_pdbx_entry_details.sequence_details           ? 
_pdbx_entry_details.has_ligand_of_interest     ? 
_pdbx_entry_details.has_protein_modification   Y 
# 
loop_
_pdbx_validate_torsion.id 
_pdbx_validate_torsion.PDB_model_num 
_pdbx_validate_torsion.auth_comp_id 
_pdbx_validate_torsion.auth_asym_id 
_pdbx_validate_torsion.auth_seq_id 
_pdbx_validate_torsion.PDB_ins_code 
_pdbx_validate_torsion.label_alt_id 
_pdbx_validate_torsion.phi 
_pdbx_validate_torsion.psi 
1 1 LEU A 31 ? ? -33.03 135.82 
2 1 THR A 80 ? ? 66.68  -11.77 
# 
_pdbx_validate_polymer_linkage.id               1 
_pdbx_validate_polymer_linkage.PDB_model_num    1 
_pdbx_validate_polymer_linkage.auth_atom_id_1   C 
_pdbx_validate_polymer_linkage.auth_asym_id_1   A 
_pdbx_validate_polymer_linkage.auth_comp_id_1   ILE 
_pdbx_validate_polymer_linkage.auth_seq_id_1    104 
_pdbx_validate_polymer_linkage.PDB_ins_code_1   ? 
_pdbx_validate_polymer_linkage.label_alt_id_1   ? 
_pdbx_validate_polymer_linkage.auth_atom_id_2   N 
_pdbx_validate_polymer_linkage.auth_asym_id_2   A 
_pdbx_validate_polymer_linkage.auth_comp_id_2   CYS 
_pdbx_validate_polymer_linkage.auth_seq_id_2    105 
_pdbx_validate_polymer_linkage.PDB_ins_code_2   ? 
_pdbx_validate_polymer_linkage.label_alt_id_2   ? 
_pdbx_validate_polymer_linkage.dist             1.20 
# 
_pdbx_struct_special_symmetry.id              1 
_pdbx_struct_special_symmetry.PDB_model_num   1 
_pdbx_struct_special_symmetry.auth_asym_id    A 
_pdbx_struct_special_symmetry.auth_comp_id    CA 
_pdbx_struct_special_symmetry.auth_seq_id     125 
_pdbx_struct_special_symmetry.PDB_ins_code    ? 
_pdbx_struct_special_symmetry.label_asym_id   B 
_pdbx_struct_special_symmetry.label_comp_id   CA 
_pdbx_struct_special_symmetry.label_seq_id    . 
# 
loop_
_chem_comp_atom.comp_id 
_chem_comp_atom.atom_id 
_chem_comp_atom.type_symbol 
_chem_comp_atom.pdbx_aromatic_flag 
_chem_comp_atom.pdbx_stereo_config 
_chem_comp_atom.pdbx_ordinal 
ALA N    N  N N 1   
ALA CA   C  N S 2   
ALA C    C  N N 3   
ALA O    O  N N 4   
ALA CB   C  N N 5   
ALA OXT  O  N N 6   
ALA H    H  N N 7   
ALA H2   H  N N 8   
ALA HA   H  N N 9   
ALA HB1  H  N N 10  
ALA HB2  H  N N 11  
ALA HB3  H  N N 12  
ALA HXT  H  N N 13  
ARG N    N  N N 14  
ARG CA   C  N S 15  
ARG C    C  N N 16  
ARG O    O  N N 17  
ARG CB   C  N N 18  
ARG CG   C  N N 19  
ARG CD   C  N N 20  
ARG NE   N  N N 21  
ARG CZ   C  N N 22  
ARG NH1  N  N N 23  
ARG NH2  N  N N 24  
ARG OXT  O  N N 25  
ARG H    H  N N 26  
ARG H2   H  N N 27  
ARG HA   H  N N 28  
ARG HB2  H  N N 29  
ARG HB3  H  N N 30  
ARG HG2  H  N N 31  
ARG HG3  H  N N 32  
ARG HD2  H  N N 33  
ARG HD3  H  N N 34  
ARG HE   H  N N 35  
ARG HH11 H  N N 36  
ARG HH12 H  N N 37  
ARG HH21 H  N N 38  
ARG HH22 H  N N 39  
ARG HXT  H  N N 40  
ASN N    N  N N 41  
ASN CA   C  N S 42  
ASN C    C  N N 43  
ASN O    O  N N 44  
ASN CB   C  N N 45  
ASN CG   C  N N 46  
ASN OD1  O  N N 47  
ASN ND2  N  N N 48  
ASN OXT  O  N N 49  
ASN H    H  N N 50  
ASN H2   H  N N 51  
ASN HA   H  N N 52  
ASN HB2  H  N N 53  
ASN HB3  H  N N 54  
ASN HD21 H  N N 55  
ASN HD22 H  N N 56  
ASN HXT  H  N N 57  
ASP N    N  N N 58  
ASP CA   C  N S 59  
ASP C    C  N N 60  
ASP O    O  N N 61  
ASP CB   C  N N 62  
ASP CG   C  N N 63  
ASP OD1  O  N N 64  
ASP OD2  O  N N 65  
ASP OXT  O  N N 66  
ASP H    H  N N 67  
ASP H2   H  N N 68  
ASP HA   H  N N 69  
ASP HB2  H  N N 70  
ASP HB3  H  N N 71  
ASP HD2  H  N N 72  
ASP HXT  H  N N 73  
CA  CA   CA N N 74  
CYS N    N  N N 75  
CYS CA   C  N R 76  
CYS C    C  N N 77  
CYS O    O  N N 78  
CYS CB   C  N N 79  
CYS SG   S  N N 80  
CYS OXT  O  N N 81  
CYS H    H  N N 82  
CYS H2   H  N N 83  
CYS HA   H  N N 84  
CYS HB2  H  N N 85  
CYS HB3  H  N N 86  
CYS HG   H  N N 87  
CYS HXT  H  N N 88  
GLN N    N  N N 89  
GLN CA   C  N S 90  
GLN C    C  N N 91  
GLN O    O  N N 92  
GLN CB   C  N N 93  
GLN CG   C  N N 94  
GLN CD   C  N N 95  
GLN OE1  O  N N 96  
GLN NE2  N  N N 97  
GLN OXT  O  N N 98  
GLN H    H  N N 99  
GLN H2   H  N N 100 
GLN HA   H  N N 101 
GLN HB2  H  N N 102 
GLN HB3  H  N N 103 
GLN HG2  H  N N 104 
GLN HG3  H  N N 105 
GLN HE21 H  N N 106 
GLN HE22 H  N N 107 
GLN HXT  H  N N 108 
GLU N    N  N N 109 
GLU CA   C  N S 110 
GLU C    C  N N 111 
GLU O    O  N N 112 
GLU CB   C  N N 113 
GLU CG   C  N N 114 
GLU CD   C  N N 115 
GLU OE1  O  N N 116 
GLU OE2  O  N N 117 
GLU OXT  O  N N 118 
GLU H    H  N N 119 
GLU H2   H  N N 120 
GLU HA   H  N N 121 
GLU HB2  H  N N 122 
GLU HB3  H  N N 123 
GLU HG2  H  N N 124 
GLU HG3  H  N N 125 
GLU HE2  H  N N 126 
GLU HXT  H  N N 127 
GLY N    N  N N 128 
GLY CA   C  N N 129 
GLY C    C  N N 130 
GLY O    O  N N 131 
GLY OXT  O  N N 132 
GLY H    H  N N 133 
GLY H2   H  N N 134 
GLY HA2  H  N N 135 
GLY HA3  H  N N 136 
GLY HXT  H  N N 137 
HIS N    N  N N 138 
HIS CA   C  N S 139 
HIS C    C  N N 140 
HIS O    O  N N 141 
HIS CB   C  N N 142 
HIS CG   C  Y N 143 
HIS ND1  N  Y N 144 
HIS CD2  C  Y N 145 
HIS CE1  C  Y N 146 
HIS NE2  N  Y N 147 
HIS OXT  O  N N 148 
HIS H    H  N N 149 
HIS H2   H  N N 150 
HIS HA   H  N N 151 
HIS HB2  H  N N 152 
HIS HB3  H  N N 153 
HIS HD1  H  N N 154 
HIS HD2  H  N N 155 
HIS HE1  H  N N 156 
HIS HE2  H  N N 157 
HIS HXT  H  N N 158 
HOH O    O  N N 159 
HOH H1   H  N N 160 
HOH H2   H  N N 161 
ILE N    N  N N 162 
ILE CA   C  N S 163 
ILE C    C  N N 164 
ILE O    O  N N 165 
ILE CB   C  N S 166 
ILE CG1  C  N N 167 
ILE CG2  C  N N 168 
ILE CD1  C  N N 169 
ILE OXT  O  N N 170 
ILE H    H  N N 171 
ILE H2   H  N N 172 
ILE HA   H  N N 173 
ILE HB   H  N N 174 
ILE HG12 H  N N 175 
ILE HG13 H  N N 176 
ILE HG21 H  N N 177 
ILE HG22 H  N N 178 
ILE HG23 H  N N 179 
ILE HD11 H  N N 180 
ILE HD12 H  N N 181 
ILE HD13 H  N N 182 
ILE HXT  H  N N 183 
LEU N    N  N N 184 
LEU CA   C  N S 185 
LEU C    C  N N 186 
LEU O    O  N N 187 
LEU CB   C  N N 188 
LEU CG   C  N N 189 
LEU CD1  C  N N 190 
LEU CD2  C  N N 191 
LEU OXT  O  N N 192 
LEU H    H  N N 193 
LEU H2   H  N N 194 
LEU HA   H  N N 195 
LEU HB2  H  N N 196 
LEU HB3  H  N N 197 
LEU HG   H  N N 198 
LEU HD11 H  N N 199 
LEU HD12 H  N N 200 
LEU HD13 H  N N 201 
LEU HD21 H  N N 202 
LEU HD22 H  N N 203 
LEU HD23 H  N N 204 
LEU HXT  H  N N 205 
LYS N    N  N N 206 
LYS CA   C  N S 207 
LYS C    C  N N 208 
LYS O    O  N N 209 
LYS CB   C  N N 210 
LYS CG   C  N N 211 
LYS CD   C  N N 212 
LYS CE   C  N N 213 
LYS NZ   N  N N 214 
LYS OXT  O  N N 215 
LYS H    H  N N 216 
LYS H2   H  N N 217 
LYS HA   H  N N 218 
LYS HB2  H  N N 219 
LYS HB3  H  N N 220 
LYS HG2  H  N N 221 
LYS HG3  H  N N 222 
LYS HD2  H  N N 223 
LYS HD3  H  N N 224 
LYS HE2  H  N N 225 
LYS HE3  H  N N 226 
LYS HZ1  H  N N 227 
LYS HZ2  H  N N 228 
LYS HZ3  H  N N 229 
LYS HXT  H  N N 230 
MET N    N  N N 231 
MET CA   C  N S 232 
MET C    C  N N 233 
MET O    O  N N 234 
MET CB   C  N N 235 
MET CG   C  N N 236 
MET SD   S  N N 237 
MET CE   C  N N 238 
MET OXT  O  N N 239 
MET H    H  N N 240 
MET H2   H  N N 241 
MET HA   H  N N 242 
MET HB2  H  N N 243 
MET HB3  H  N N 244 
MET HG2  H  N N 245 
MET HG3  H  N N 246 
MET HE1  H  N N 247 
MET HE2  H  N N 248 
MET HE3  H  N N 249 
MET HXT  H  N N 250 
PHE N    N  N N 251 
PHE CA   C  N S 252 
PHE C    C  N N 253 
PHE O    O  N N 254 
PHE CB   C  N N 255 
PHE CG   C  Y N 256 
PHE CD1  C  Y N 257 
PHE CD2  C  Y N 258 
PHE CE1  C  Y N 259 
PHE CE2  C  Y N 260 
PHE CZ   C  Y N 261 
PHE OXT  O  N N 262 
PHE H    H  N N 263 
PHE H2   H  N N 264 
PHE HA   H  N N 265 
PHE HB2  H  N N 266 
PHE HB3  H  N N 267 
PHE HD1  H  N N 268 
PHE HD2  H  N N 269 
PHE HE1  H  N N 270 
PHE HE2  H  N N 271 
PHE HZ   H  N N 272 
PHE HXT  H  N N 273 
PLM C1   C  N N 274 
PLM O1   O  N N 275 
PLM O2   O  N N 276 
PLM C2   C  N N 277 
PLM C3   C  N N 278 
PLM C4   C  N N 279 
PLM C5   C  N N 280 
PLM C6   C  N N 281 
PLM C7   C  N N 282 
PLM C8   C  N N 283 
PLM C9   C  N N 284 
PLM CA   C  N N 285 
PLM CB   C  N N 286 
PLM CC   C  N N 287 
PLM CD   C  N N 288 
PLM CE   C  N N 289 
PLM CF   C  N N 290 
PLM CG   C  N N 291 
PLM H    H  N N 292 
PLM H21  H  N N 293 
PLM H22  H  N N 294 
PLM H31  H  N N 295 
PLM H32  H  N N 296 
PLM H41  H  N N 297 
PLM H42  H  N N 298 
PLM H51  H  N N 299 
PLM H52  H  N N 300 
PLM H61  H  N N 301 
PLM H62  H  N N 302 
PLM H71  H  N N 303 
PLM H72  H  N N 304 
PLM H81  H  N N 305 
PLM H82  H  N N 306 
PLM H91  H  N N 307 
PLM H92  H  N N 308 
PLM HA1  H  N N 309 
PLM HA2  H  N N 310 
PLM HB1  H  N N 311 
PLM HB2  H  N N 312 
PLM HC1  H  N N 313 
PLM HC2  H  N N 314 
PLM HD1  H  N N 315 
PLM HD2  H  N N 316 
PLM HE1  H  N N 317 
PLM HE2  H  N N 318 
PLM HF1  H  N N 319 
PLM HF2  H  N N 320 
PLM HG1  H  N N 321 
PLM HG2  H  N N 322 
PLM HG3  H  N N 323 
PRO N    N  N N 324 
PRO CA   C  N S 325 
PRO C    C  N N 326 
PRO O    O  N N 327 
PRO CB   C  N N 328 
PRO CG   C  N N 329 
PRO CD   C  N N 330 
PRO OXT  O  N N 331 
PRO H    H  N N 332 
PRO HA   H  N N 333 
PRO HB2  H  N N 334 
PRO HB3  H  N N 335 
PRO HG2  H  N N 336 
PRO HG3  H  N N 337 
PRO HD2  H  N N 338 
PRO HD3  H  N N 339 
PRO HXT  H  N N 340 
SER N    N  N N 341 
SER CA   C  N S 342 
SER C    C  N N 343 
SER O    O  N N 344 
SER CB   C  N N 345 
SER OG   O  N N 346 
SER OXT  O  N N 347 
SER H    H  N N 348 
SER H2   H  N N 349 
SER HA   H  N N 350 
SER HB2  H  N N 351 
SER HB3  H  N N 352 
SER HG   H  N N 353 
SER HXT  H  N N 354 
THR N    N  N N 355 
THR CA   C  N S 356 
THR C    C  N N 357 
THR O    O  N N 358 
THR CB   C  N R 359 
THR OG1  O  N N 360 
THR CG2  C  N N 361 
THR OXT  O  N N 362 
THR H    H  N N 363 
THR H2   H  N N 364 
THR HA   H  N N 365 
THR HB   H  N N 366 
THR HG1  H  N N 367 
THR HG21 H  N N 368 
THR HG22 H  N N 369 
THR HG23 H  N N 370 
THR HXT  H  N N 371 
TRP N    N  N N 372 
TRP CA   C  N S 373 
TRP C    C  N N 374 
TRP O    O  N N 375 
TRP CB   C  N N 376 
TRP CG   C  Y N 377 
TRP CD1  C  Y N 378 
TRP CD2  C  Y N 379 
TRP NE1  N  Y N 380 
TRP CE2  C  Y N 381 
TRP CE3  C  Y N 382 
TRP CZ2  C  Y N 383 
TRP CZ3  C  Y N 384 
TRP CH2  C  Y N 385 
TRP OXT  O  N N 386 
TRP H    H  N N 387 
TRP H2   H  N N 388 
TRP HA   H  N N 389 
TRP HB2  H  N N 390 
TRP HB3  H  N N 391 
TRP HD1  H  N N 392 
TRP HE1  H  N N 393 
TRP HE3  H  N N 394 
TRP HZ2  H  N N 395 
TRP HZ3  H  N N 396 
TRP HH2  H  N N 397 
TRP HXT  H  N N 398 
TYR N    N  N N 399 
TYR CA   C  N S 400 
TYR C    C  N N 401 
TYR O    O  N N 402 
TYR CB   C  N N 403 
TYR CG   C  Y N 404 
TYR CD1  C  Y N 405 
TYR CD2  C  Y N 406 
TYR CE1  C  Y N 407 
TYR CE2  C  Y N 408 
TYR CZ   C  Y N 409 
TYR OH   O  N N 410 
TYR OXT  O  N N 411 
TYR H    H  N N 412 
TYR H2   H  N N 413 
TYR HA   H  N N 414 
TYR HB2  H  N N 415 
TYR HB3  H  N N 416 
TYR HD1  H  N N 417 
TYR HD2  H  N N 418 
TYR HE1  H  N N 419 
TYR HE2  H  N N 420 
TYR HH   H  N N 421 
TYR HXT  H  N N 422 
VAL N    N  N N 423 
VAL CA   C  N S 424 
VAL C    C  N N 425 
VAL O    O  N N 426 
VAL CB   C  N N 427 
VAL CG1  C  N N 428 
VAL CG2  C  N N 429 
VAL OXT  O  N N 430 
VAL H    H  N N 431 
VAL H2   H  N N 432 
VAL HA   H  N N 433 
VAL HB   H  N N 434 
VAL HG11 H  N N 435 
VAL HG12 H  N N 436 
VAL HG13 H  N N 437 
VAL HG21 H  N N 438 
VAL HG22 H  N N 439 
VAL HG23 H  N N 440 
VAL HXT  H  N N 441 
# 
loop_
_chem_comp_bond.comp_id 
_chem_comp_bond.atom_id_1 
_chem_comp_bond.atom_id_2 
_chem_comp_bond.value_order 
_chem_comp_bond.pdbx_aromatic_flag 
_chem_comp_bond.pdbx_stereo_config 
_chem_comp_bond.pdbx_ordinal 
ALA N   CA   sing N N 1   
ALA N   H    sing N N 2   
ALA N   H2   sing N N 3   
ALA CA  C    sing N N 4   
ALA CA  CB   sing N N 5   
ALA CA  HA   sing N N 6   
ALA C   O    doub N N 7   
ALA C   OXT  sing N N 8   
ALA CB  HB1  sing N N 9   
ALA CB  HB2  sing N N 10  
ALA CB  HB3  sing N N 11  
ALA OXT HXT  sing N N 12  
ARG N   CA   sing N N 13  
ARG N   H    sing N N 14  
ARG N   H2   sing N N 15  
ARG CA  C    sing N N 16  
ARG CA  CB   sing N N 17  
ARG CA  HA   sing N N 18  
ARG C   O    doub N N 19  
ARG C   OXT  sing N N 20  
ARG CB  CG   sing N N 21  
ARG CB  HB2  sing N N 22  
ARG CB  HB3  sing N N 23  
ARG CG  CD   sing N N 24  
ARG CG  HG2  sing N N 25  
ARG CG  HG3  sing N N 26  
ARG CD  NE   sing N N 27  
ARG CD  HD2  sing N N 28  
ARG CD  HD3  sing N N 29  
ARG NE  CZ   sing N N 30  
ARG NE  HE   sing N N 31  
ARG CZ  NH1  sing N N 32  
ARG CZ  NH2  doub N N 33  
ARG NH1 HH11 sing N N 34  
ARG NH1 HH12 sing N N 35  
ARG NH2 HH21 sing N N 36  
ARG NH2 HH22 sing N N 37  
ARG OXT HXT  sing N N 38  
ASN N   CA   sing N N 39  
ASN N   H    sing N N 40  
ASN N   H2   sing N N 41  
ASN CA  C    sing N N 42  
ASN CA  CB   sing N N 43  
ASN CA  HA   sing N N 44  
ASN C   O    doub N N 45  
ASN C   OXT  sing N N 46  
ASN CB  CG   sing N N 47  
ASN CB  HB2  sing N N 48  
ASN CB  HB3  sing N N 49  
ASN CG  OD1  doub N N 50  
ASN CG  ND2  sing N N 51  
ASN ND2 HD21 sing N N 52  
ASN ND2 HD22 sing N N 53  
ASN OXT HXT  sing N N 54  
ASP N   CA   sing N N 55  
ASP N   H    sing N N 56  
ASP N   H2   sing N N 57  
ASP CA  C    sing N N 58  
ASP CA  CB   sing N N 59  
ASP CA  HA   sing N N 60  
ASP C   O    doub N N 61  
ASP C   OXT  sing N N 62  
ASP CB  CG   sing N N 63  
ASP CB  HB2  sing N N 64  
ASP CB  HB3  sing N N 65  
ASP CG  OD1  doub N N 66  
ASP CG  OD2  sing N N 67  
ASP OD2 HD2  sing N N 68  
ASP OXT HXT  sing N N 69  
CYS N   CA   sing N N 70  
CYS N   H    sing N N 71  
CYS N   H2   sing N N 72  
CYS CA  C    sing N N 73  
CYS CA  CB   sing N N 74  
CYS CA  HA   sing N N 75  
CYS C   O    doub N N 76  
CYS C   OXT  sing N N 77  
CYS CB  SG   sing N N 78  
CYS CB  HB2  sing N N 79  
CYS CB  HB3  sing N N 80  
CYS SG  HG   sing N N 81  
CYS OXT HXT  sing N N 82  
GLN N   CA   sing N N 83  
GLN N   H    sing N N 84  
GLN N   H2   sing N N 85  
GLN CA  C    sing N N 86  
GLN CA  CB   sing N N 87  
GLN CA  HA   sing N N 88  
GLN C   O    doub N N 89  
GLN C   OXT  sing N N 90  
GLN CB  CG   sing N N 91  
GLN CB  HB2  sing N N 92  
GLN CB  HB3  sing N N 93  
GLN CG  CD   sing N N 94  
GLN CG  HG2  sing N N 95  
GLN CG  HG3  sing N N 96  
GLN CD  OE1  doub N N 97  
GLN CD  NE2  sing N N 98  
GLN NE2 HE21 sing N N 99  
GLN NE2 HE22 sing N N 100 
GLN OXT HXT  sing N N 101 
GLU N   CA   sing N N 102 
GLU N   H    sing N N 103 
GLU N   H2   sing N N 104 
GLU CA  C    sing N N 105 
GLU CA  CB   sing N N 106 
GLU CA  HA   sing N N 107 
GLU C   O    doub N N 108 
GLU C   OXT  sing N N 109 
GLU CB  CG   sing N N 110 
GLU CB  HB2  sing N N 111 
GLU CB  HB3  sing N N 112 
GLU CG  CD   sing N N 113 
GLU CG  HG2  sing N N 114 
GLU CG  HG3  sing N N 115 
GLU CD  OE1  doub N N 116 
GLU CD  OE2  sing N N 117 
GLU OE2 HE2  sing N N 118 
GLU OXT HXT  sing N N 119 
GLY N   CA   sing N N 120 
GLY N   H    sing N N 121 
GLY N   H2   sing N N 122 
GLY CA  C    sing N N 123 
GLY CA  HA2  sing N N 124 
GLY CA  HA3  sing N N 125 
GLY C   O    doub N N 126 
GLY C   OXT  sing N N 127 
GLY OXT HXT  sing N N 128 
HIS N   CA   sing N N 129 
HIS N   H    sing N N 130 
HIS N   H2   sing N N 131 
HIS CA  C    sing N N 132 
HIS CA  CB   sing N N 133 
HIS CA  HA   sing N N 134 
HIS C   O    doub N N 135 
HIS C   OXT  sing N N 136 
HIS CB  CG   sing N N 137 
HIS CB  HB2  sing N N 138 
HIS CB  HB3  sing N N 139 
HIS CG  ND1  sing Y N 140 
HIS CG  CD2  doub Y N 141 
HIS ND1 CE1  doub Y N 142 
HIS ND1 HD1  sing N N 143 
HIS CD2 NE2  sing Y N 144 
HIS CD2 HD2  sing N N 145 
HIS CE1 NE2  sing Y N 146 
HIS CE1 HE1  sing N N 147 
HIS NE2 HE2  sing N N 148 
HIS OXT HXT  sing N N 149 
HOH O   H1   sing N N 150 
HOH O   H2   sing N N 151 
ILE N   CA   sing N N 152 
ILE N   H    sing N N 153 
ILE N   H2   sing N N 154 
ILE CA  C    sing N N 155 
ILE CA  CB   sing N N 156 
ILE CA  HA   sing N N 157 
ILE C   O    doub N N 158 
ILE C   OXT  sing N N 159 
ILE CB  CG1  sing N N 160 
ILE CB  CG2  sing N N 161 
ILE CB  HB   sing N N 162 
ILE CG1 CD1  sing N N 163 
ILE CG1 HG12 sing N N 164 
ILE CG1 HG13 sing N N 165 
ILE CG2 HG21 sing N N 166 
ILE CG2 HG22 sing N N 167 
ILE CG2 HG23 sing N N 168 
ILE CD1 HD11 sing N N 169 
ILE CD1 HD12 sing N N 170 
ILE CD1 HD13 sing N N 171 
ILE OXT HXT  sing N N 172 
LEU N   CA   sing N N 173 
LEU N   H    sing N N 174 
LEU N   H2   sing N N 175 
LEU CA  C    sing N N 176 
LEU CA  CB   sing N N 177 
LEU CA  HA   sing N N 178 
LEU C   O    doub N N 179 
LEU C   OXT  sing N N 180 
LEU CB  CG   sing N N 181 
LEU CB  HB2  sing N N 182 
LEU CB  HB3  sing N N 183 
LEU CG  CD1  sing N N 184 
LEU CG  CD2  sing N N 185 
LEU CG  HG   sing N N 186 
LEU CD1 HD11 sing N N 187 
LEU CD1 HD12 sing N N 188 
LEU CD1 HD13 sing N N 189 
LEU CD2 HD21 sing N N 190 
LEU CD2 HD22 sing N N 191 
LEU CD2 HD23 sing N N 192 
LEU OXT HXT  sing N N 193 
LYS N   CA   sing N N 194 
LYS N   H    sing N N 195 
LYS N   H2   sing N N 196 
LYS CA  C    sing N N 197 
LYS CA  CB   sing N N 198 
LYS CA  HA   sing N N 199 
LYS C   O    doub N N 200 
LYS C   OXT  sing N N 201 
LYS CB  CG   sing N N 202 
LYS CB  HB2  sing N N 203 
LYS CB  HB3  sing N N 204 
LYS CG  CD   sing N N 205 
LYS CG  HG2  sing N N 206 
LYS CG  HG3  sing N N 207 
LYS CD  CE   sing N N 208 
LYS CD  HD2  sing N N 209 
LYS CD  HD3  sing N N 210 
LYS CE  NZ   sing N N 211 
LYS CE  HE2  sing N N 212 
LYS CE  HE3  sing N N 213 
LYS NZ  HZ1  sing N N 214 
LYS NZ  HZ2  sing N N 215 
LYS NZ  HZ3  sing N N 216 
LYS OXT HXT  sing N N 217 
MET N   CA   sing N N 218 
MET N   H    sing N N 219 
MET N   H2   sing N N 220 
MET CA  C    sing N N 221 
MET CA  CB   sing N N 222 
MET CA  HA   sing N N 223 
MET C   O    doub N N 224 
MET C   OXT  sing N N 225 
MET CB  CG   sing N N 226 
MET CB  HB2  sing N N 227 
MET CB  HB3  sing N N 228 
MET CG  SD   sing N N 229 
MET CG  HG2  sing N N 230 
MET CG  HG3  sing N N 231 
MET SD  CE   sing N N 232 
MET CE  HE1  sing N N 233 
MET CE  HE2  sing N N 234 
MET CE  HE3  sing N N 235 
MET OXT HXT  sing N N 236 
PHE N   CA   sing N N 237 
PHE N   H    sing N N 238 
PHE N   H2   sing N N 239 
PHE CA  C    sing N N 240 
PHE CA  CB   sing N N 241 
PHE CA  HA   sing N N 242 
PHE C   O    doub N N 243 
PHE C   OXT  sing N N 244 
PHE CB  CG   sing N N 245 
PHE CB  HB2  sing N N 246 
PHE CB  HB3  sing N N 247 
PHE CG  CD1  doub Y N 248 
PHE CG  CD2  sing Y N 249 
PHE CD1 CE1  sing Y N 250 
PHE CD1 HD1  sing N N 251 
PHE CD2 CE2  doub Y N 252 
PHE CD2 HD2  sing N N 253 
PHE CE1 CZ   doub Y N 254 
PHE CE1 HE1  sing N N 255 
PHE CE2 CZ   sing Y N 256 
PHE CE2 HE2  sing N N 257 
PHE CZ  HZ   sing N N 258 
PHE OXT HXT  sing N N 259 
PLM C1  O1   sing N N 260 
PLM C1  O2   doub N N 261 
PLM C1  C2   sing N N 262 
PLM O1  H    sing N N 263 
PLM C2  C3   sing N N 264 
PLM C2  H21  sing N N 265 
PLM C2  H22  sing N N 266 
PLM C3  C4   sing N N 267 
PLM C3  H31  sing N N 268 
PLM C3  H32  sing N N 269 
PLM C4  C5   sing N N 270 
PLM C4  H41  sing N N 271 
PLM C4  H42  sing N N 272 
PLM C5  C6   sing N N 273 
PLM C5  H51  sing N N 274 
PLM C5  H52  sing N N 275 
PLM C6  C7   sing N N 276 
PLM C6  H61  sing N N 277 
PLM C6  H62  sing N N 278 
PLM C7  C8   sing N N 279 
PLM C7  H71  sing N N 280 
PLM C7  H72  sing N N 281 
PLM C8  C9   sing N N 282 
PLM C8  H81  sing N N 283 
PLM C8  H82  sing N N 284 
PLM C9  CA   sing N N 285 
PLM C9  H91  sing N N 286 
PLM C9  H92  sing N N 287 
PLM CA  CB   sing N N 288 
PLM CA  HA1  sing N N 289 
PLM CA  HA2  sing N N 290 
PLM CB  CC   sing N N 291 
PLM CB  HB1  sing N N 292 
PLM CB  HB2  sing N N 293 
PLM CC  CD   sing N N 294 
PLM CC  HC1  sing N N 295 
PLM CC  HC2  sing N N 296 
PLM CD  CE   sing N N 297 
PLM CD  HD1  sing N N 298 
PLM CD  HD2  sing N N 299 
PLM CE  CF   sing N N 300 
PLM CE  HE1  sing N N 301 
PLM CE  HE2  sing N N 302 
PLM CF  CG   sing N N 303 
PLM CF  HF1  sing N N 304 
PLM CF  HF2  sing N N 305 
PLM CG  HG1  sing N N 306 
PLM CG  HG2  sing N N 307 
PLM CG  HG3  sing N N 308 
PRO N   CA   sing N N 309 
PRO N   CD   sing N N 310 
PRO N   H    sing N N 311 
PRO CA  C    sing N N 312 
PRO CA  CB   sing N N 313 
PRO CA  HA   sing N N 314 
PRO C   O    doub N N 315 
PRO C   OXT  sing N N 316 
PRO CB  CG   sing N N 317 
PRO CB  HB2  sing N N 318 
PRO CB  HB3  sing N N 319 
PRO CG  CD   sing N N 320 
PRO CG  HG2  sing N N 321 
PRO CG  HG3  sing N N 322 
PRO CD  HD2  sing N N 323 
PRO CD  HD3  sing N N 324 
PRO OXT HXT  sing N N 325 
SER N   CA   sing N N 326 
SER N   H    sing N N 327 
SER N   H2   sing N N 328 
SER CA  C    sing N N 329 
SER CA  CB   sing N N 330 
SER CA  HA   sing N N 331 
SER C   O    doub N N 332 
SER C   OXT  sing N N 333 
SER CB  OG   sing N N 334 
SER CB  HB2  sing N N 335 
SER CB  HB3  sing N N 336 
SER OG  HG   sing N N 337 
SER OXT HXT  sing N N 338 
THR N   CA   sing N N 339 
THR N   H    sing N N 340 
THR N   H2   sing N N 341 
THR CA  C    sing N N 342 
THR CA  CB   sing N N 343 
THR CA  HA   sing N N 344 
THR C   O    doub N N 345 
THR C   OXT  sing N N 346 
THR CB  OG1  sing N N 347 
THR CB  CG2  sing N N 348 
THR CB  HB   sing N N 349 
THR OG1 HG1  sing N N 350 
THR CG2 HG21 sing N N 351 
THR CG2 HG22 sing N N 352 
THR CG2 HG23 sing N N 353 
THR OXT HXT  sing N N 354 
TRP N   CA   sing N N 355 
TRP N   H    sing N N 356 
TRP N   H2   sing N N 357 
TRP CA  C    sing N N 358 
TRP CA  CB   sing N N 359 
TRP CA  HA   sing N N 360 
TRP C   O    doub N N 361 
TRP C   OXT  sing N N 362 
TRP CB  CG   sing N N 363 
TRP CB  HB2  sing N N 364 
TRP CB  HB3  sing N N 365 
TRP CG  CD1  doub Y N 366 
TRP CG  CD2  sing Y N 367 
TRP CD1 NE1  sing Y N 368 
TRP CD1 HD1  sing N N 369 
TRP CD2 CE2  doub Y N 370 
TRP CD2 CE3  sing Y N 371 
TRP NE1 CE2  sing Y N 372 
TRP NE1 HE1  sing N N 373 
TRP CE2 CZ2  sing Y N 374 
TRP CE3 CZ3  doub Y N 375 
TRP CE3 HE3  sing N N 376 
TRP CZ2 CH2  doub Y N 377 
TRP CZ2 HZ2  sing N N 378 
TRP CZ3 CH2  sing Y N 379 
TRP CZ3 HZ3  sing N N 380 
TRP CH2 HH2  sing N N 381 
TRP OXT HXT  sing N N 382 
TYR N   CA   sing N N 383 
TYR N   H    sing N N 384 
TYR N   H2   sing N N 385 
TYR CA  C    sing N N 386 
TYR CA  CB   sing N N 387 
TYR CA  HA   sing N N 388 
TYR C   O    doub N N 389 
TYR C   OXT  sing N N 390 
TYR CB  CG   sing N N 391 
TYR CB  HB2  sing N N 392 
TYR CB  HB3  sing N N 393 
TYR CG  CD1  doub Y N 394 
TYR CG  CD2  sing Y N 395 
TYR CD1 CE1  sing Y N 396 
TYR CD1 HD1  sing N N 397 
TYR CD2 CE2  doub Y N 398 
TYR CD2 HD2  sing N N 399 
TYR CE1 CZ   doub Y N 400 
TYR CE1 HE1  sing N N 401 
TYR CE2 CZ   sing Y N 402 
TYR CE2 HE2  sing N N 403 
TYR CZ  OH   sing N N 404 
TYR OH  HH   sing N N 405 
TYR OXT HXT  sing N N 406 
VAL N   CA   sing N N 407 
VAL N   H    sing N N 408 
VAL N   H2   sing N N 409 
VAL CA  C    sing N N 410 
VAL CA  CB   sing N N 411 
VAL CA  HA   sing N N 412 
VAL C   O    doub N N 413 
VAL C   OXT  sing N N 414 
VAL CB  CG1  sing N N 415 
VAL CB  CG2  sing N N 416 
VAL CB  HB   sing N N 417 
VAL CG1 HG11 sing N N 418 
VAL CG1 HG12 sing N N 419 
VAL CG1 HG13 sing N N 420 
VAL CG2 HG21 sing N N 421 
VAL CG2 HG22 sing N N 422 
VAL CG2 HG23 sing N N 423 
VAL OXT HXT  sing N N 424 
# 
_pdbx_initial_refinement_model.id               1 
_pdbx_initial_refinement_model.entity_id_list   ? 
_pdbx_initial_refinement_model.type             'experimental model' 
_pdbx_initial_refinement_model.source_name      PDB 
_pdbx_initial_refinement_model.accession_code   3O4M 
_pdbx_initial_refinement_model.details          ? 
# 
_atom_sites.entry_id                    3QLM 
_atom_sites.fract_transf_matrix[1][1]   -0.01486446 
_atom_sites.fract_transf_matrix[1][2]   0.00121195 
_atom_sites.fract_transf_matrix[1][3]   0.00745142 
_atom_sites.fract_transf_matrix[2][1]   -0.01356915 
_atom_sites.fract_transf_matrix[2][2]   0.00358258 
_atom_sites.fract_transf_matrix[2][3]   -0.00899993 
_atom_sites.fract_transf_matrix[3][1]   -0.00224248 
_atom_sites.fract_transf_matrix[3][2]   -0.01400782 
_atom_sites.fract_transf_matrix[3][3]   -0.00219509 
_atom_sites.fract_transf_vector[1]      -0.395687 
_atom_sites.fract_transf_vector[2]      0.238293 
_atom_sites.fract_transf_vector[3]      -0.039413 
# 
loop_
_atom_type.symbol 
C  
CA 
N  
O  
S  
# 
loop_
_atom_site.group_PDB 
_atom_site.id 
_atom_site.type_symbol 
_atom_site.label_atom_id 
_atom_site.label_alt_id 
_atom_site.label_comp_id 
_atom_site.label_asym_id 
_atom_site.label_entity_id 
_atom_site.label_seq_id 
_atom_site.pdbx_PDB_ins_code 
_atom_site.Cartn_x 
_atom_site.Cartn_y 
_atom_site.Cartn_z 
_atom_site.occupancy 
_atom_site.B_iso_or_equiv 
_atom_site.pdbx_formal_charge 
_atom_site.auth_seq_id 
_atom_site.auth_comp_id 
_atom_site.auth_asym_id 
_atom_site.auth_atom_id 
_atom_site.pdbx_PDB_model_num 
ATOM   1    N  N   . ALA A 1 1   ? 7.020   5.199   5.342   1.00 22.43 ? 1   ALA A N   1 
ATOM   2    C  CA  . ALA A 1 1   ? 6.038   6.328   5.467   1.00 24.10 ? 1   ALA A CA  1 
ATOM   3    C  C   . ALA A 1 1   ? 5.394   6.451   4.112   1.00 24.15 ? 1   ALA A C   1 
ATOM   4    O  O   . ALA A 1 1   ? 5.974   5.986   3.148   1.00 25.04 ? 1   ALA A O   1 
ATOM   5    C  CB  . ALA A 1 1   ? 6.766   7.633   5.819   1.00 22.61 ? 1   ALA A CB  1 
ATOM   6    N  N   . LEU A 1 2   ? 4.258   7.122   4.008   1.00 24.98 ? 2   LEU A N   1 
ATOM   7    C  CA  . LEU A 1 2   ? 3.569   7.309   2.711   1.00 26.29 ? 2   LEU A CA  1 
ATOM   8    C  C   . LEU A 1 2   ? 4.486   7.627   1.530   1.00 26.82 ? 2   LEU A C   1 
ATOM   9    O  O   . LEU A 1 2   ? 4.490   6.899   0.524   1.00 28.78 ? 2   LEU A O   1 
ATOM   10   C  CB  . LEU A 1 2   ? 2.484   8.389   2.801   1.00 27.18 ? 2   LEU A CB  1 
ATOM   11   C  CG  . LEU A 1 2   ? 1.642   8.704   1.542   1.00 28.79 ? 2   LEU A CG  1 
ATOM   12   C  CD1 . LEU A 1 2   ? 0.961   7.488   0.990   1.00 28.02 ? 2   LEU A CD1 1 
ATOM   13   C  CD2 . LEU A 1 2   ? 0.616   9.718   1.928   1.00 28.82 ? 2   LEU A CD2 1 
ATOM   14   N  N   . TRP A 1 3   ? 5.270   8.686   1.605   1.00 26.26 ? 3   TRP A N   1 
ATOM   15   C  CA  . TRP A 1 3   ? 6.106   8.964   0.458   1.00 26.94 ? 3   TRP A CA  1 
ATOM   16   C  C   . TRP A 1 3   ? 7.016   7.793   0.077   1.00 27.20 ? 3   TRP A C   1 
ATOM   17   O  O   . TRP A 1 3   ? 7.369   7.670   -1.084  1.00 28.14 ? 3   TRP A O   1 
ATOM   18   C  CB  . TRP A 1 3   ? 6.954   10.216  0.663   1.00 27.00 ? 3   TRP A CB  1 
ATOM   19   C  CG  . TRP A 1 3   ? 8.148   10.042  1.626   1.00 27.68 ? 3   TRP A CG  1 
ATOM   20   C  CD1 . TRP A 1 3   ? 8.149   10.222  2.998   1.00 25.84 ? 3   TRP A CD1 1 
ATOM   21   C  CD2 . TRP A 1 3   ? 9.510   9.710   1.264   1.00 26.59 ? 3   TRP A CD2 1 
ATOM   22   N  NE1 . TRP A 1 3   ? 9.423   10.011  3.489   1.00 26.62 ? 3   TRP A NE1 1 
ATOM   23   C  CE2 . TRP A 1 3   ? 10.270  9.704   2.459   1.00 24.26 ? 3   TRP A CE2 1 
ATOM   24   C  CE3 . TRP A 1 3   ? 10.154  9.433   0.039   1.00 28.65 ? 3   TRP A CE3 1 
ATOM   25   C  CZ2 . TRP A 1 3   ? 11.640  9.414   2.484   1.00 28.40 ? 3   TRP A CZ2 1 
ATOM   26   C  CZ3 . TRP A 1 3   ? 11.545  9.113   0.053   1.00 30.89 ? 3   TRP A CZ3 1 
ATOM   27   C  CH2 . TRP A 1 3   ? 12.268  9.113   1.281   1.00 30.81 ? 3   TRP A CH2 1 
ATOM   28   N  N   . GLN A 1 4   ? 7.438   6.961   1.026   1.00 26.79 ? 4   GLN A N   1 
ATOM   29   C  CA  . GLN A 1 4   ? 8.327   5.852   0.656   1.00 27.08 ? 4   GLN A CA  1 
ATOM   30   C  C   . GLN A 1 4   ? 7.541   4.760   -0.076  1.00 28.24 ? 4   GLN A C   1 
ATOM   31   O  O   . GLN A 1 4   ? 8.022   4.154   -1.024  1.00 28.63 ? 4   GLN A O   1 
ATOM   32   C  CB  . GLN A 1 4   ? 9.042   5.280   1.877   1.00 26.96 ? 4   GLN A CB  1 
ATOM   33   C  CG  . GLN A 1 4   ? 9.868   6.326   2.660   1.00 23.41 ? 4   GLN A CG  1 
ATOM   34   C  CD  . GLN A 1 4   ? 10.474  5.751   3.922   1.00 23.01 ? 4   GLN A CD  1 
ATOM   35   O  OE1 . GLN A 1 4   ? 9.765   5.316   4.849   1.00 25.36 ? 4   GLN A OE1 1 
ATOM   36   N  NE2 . GLN A 1 4   ? 11.781  5.750   3.982   1.00 20.26 ? 4   GLN A NE2 1 
ATOM   37   N  N   . PHE A 1 5   ? 6.305   4.543   0.344   1.00 29.30 ? 5   PHE A N   1 
ATOM   38   C  CA  . PHE A 1 5   ? 5.409   3.606   -0.325  1.00 29.68 ? 5   PHE A CA  1 
ATOM   39   C  C   . PHE A 1 5   ? 5.182   4.095   -1.751  1.00 30.67 ? 5   PHE A C   1 
ATOM   40   O  O   . PHE A 1 5   ? 5.301   3.315   -2.684  1.00 30.66 ? 5   PHE A O   1 
ATOM   41   C  CB  . PHE A 1 5   ? 4.092   3.535   0.439   1.00 29.08 ? 5   PHE A CB  1 
ATOM   42   C  CG  . PHE A 1 5   ? 3.086   2.553   -0.118  1.00 29.08 ? 5   PHE A CG  1 
ATOM   43   C  CD1 . PHE A 1 5   ? 3.485   1.354   -0.694  1.00 27.05 ? 5   PHE A CD1 1 
ATOM   44   C  CD2 . PHE A 1 5   ? 1.731   2.811   0.022   1.00 27.90 ? 5   PHE A CD2 1 
ATOM   45   C  CE1 . PHE A 1 5   ? 2.565   0.444   -1.162  1.00 26.49 ? 5   PHE A CE1 1 
ATOM   46   C  CE2 . PHE A 1 5   ? 0.792   1.913   -0.443  1.00 29.56 ? 5   PHE A CE2 1 
ATOM   47   C  CZ  . PHE A 1 5   ? 1.216   0.718   -1.048  1.00 30.19 ? 5   PHE A CZ  1 
ATOM   48   N  N   . ARG A 1 6   ? 4.871   5.376   -1.939  1.00 31.64 ? 6   ARG A N   1 
ATOM   49   C  CA  . ARG A 1 6   ? 4.626   5.871   -3.303  1.00 33.27 ? 6   ARG A CA  1 
ATOM   50   C  C   . ARG A 1 6   ? 5.810   5.569   -4.181  1.00 34.04 ? 6   ARG A C   1 
ATOM   51   O  O   . ARG A 1 6   ? 5.668   5.218   -5.334  1.00 35.28 ? 6   ARG A O   1 
ATOM   52   C  CB  . ARG A 1 6   ? 4.429   7.371   -3.339  1.00 33.91 ? 6   ARG A CB  1 
ATOM   53   C  CG  . ARG A 1 6   ? 3.020   7.862   -3.191  1.00 35.83 ? 6   ARG A CG  1 
ATOM   54   C  CD  . ARG A 1 6   ? 3.045   9.396   -3.499  1.00 41.78 ? 6   ARG A CD  1 
ATOM   55   N  NE  . ARG A 1 6   ? 2.932   10.248  -2.294  1.00 45.56 ? 6   ARG A NE  1 
ATOM   56   C  CZ  . ARG A 1 6   ? 3.882   11.055  -1.804  1.00 48.04 ? 6   ARG A CZ  1 
ATOM   57   N  NH1 . ARG A 1 6   ? 5.068   11.144  -2.410  1.00 50.88 ? 6   ARG A NH1 1 
ATOM   58   N  NH2 . ARG A 1 6   ? 3.649   11.769  -0.696  1.00 47.66 ? 6   ARG A NH2 1 
ATOM   59   N  N   . SER A 1 7   ? 7.007   5.677   -3.644  1.00 35.10 ? 7   SER A N   1 
ATOM   60   C  CA  . SER A 1 7   ? 8.154   5.436   -4.506  1.00 35.90 ? 7   SER A CA  1 
ATOM   61   C  C   . SER A 1 7   ? 8.610   3.951   -4.591  1.00 35.61 ? 7   SER A C   1 
ATOM   62   O  O   . SER A 1 7   ? 9.298   3.578   -5.549  1.00 36.46 ? 7   SER A O   1 
ATOM   63   C  CB  . SER A 1 7   ? 9.313   6.400   -4.133  1.00 36.88 ? 7   SER A CB  1 
ATOM   64   O  OG  . SER A 1 7   ? 10.196  5.783   -3.221  1.00 36.03 ? 7   SER A OG  1 
ATOM   65   N  N   . MET A 1 8   ? 8.268   3.117   -3.609  1.00 34.64 ? 8   MET A N   1 
ATOM   66   C  CA  . MET A 1 8   ? 8.286   1.681   -3.830  1.00 34.36 ? 8   MET A CA  1 
ATOM   67   C  C   . MET A 1 8   ? 7.337   1.337   -4.994  1.00 35.43 ? 8   MET A C   1 
ATOM   68   O  O   . MET A 1 8   ? 7.598   0.463   -5.788  1.00 35.54 ? 8   MET A O   1 
ATOM   69   C  CB  . MET A 1 8   ? 7.756   0.937   -2.621  1.00 33.52 ? 8   MET A CB  1 
ATOM   70   C  CG  . MET A 1 8   ? 8.734   0.627   -1.550  1.00 32.27 ? 8   MET A CG  1 
ATOM   71   S  SD  . MET A 1 8   ? 7.924   -0.543  -0.458  1.00 29.26 ? 8   MET A SD  1 
ATOM   72   C  CE  . MET A 1 8   ? 8.991   -0.539  0.983   1.00 22.17 ? 8   MET A CE  1 
ATOM   73   N  N   . ILE A 1 9   ? 6.203   1.996   -5.094  1.00 36.96 ? 9   ILE A N   1 
ATOM   74   C  CA  . ILE A 1 9   ? 5.306   1.660   -6.183  1.00 38.51 ? 9   ILE A CA  1 
ATOM   75   C  C   . ILE A 1 9   ? 6.034   1.980   -7.475  1.00 40.54 ? 9   ILE A C   1 
ATOM   76   O  O   . ILE A 1 9   ? 6.023   1.185   -8.417  1.00 41.22 ? 9   ILE A O   1 
ATOM   77   C  CB  . ILE A 1 9   ? 4.014   2.438   -6.104  1.00 37.77 ? 9   ILE A CB  1 
ATOM   78   C  CG1 . ILE A 1 9   ? 3.103   1.816   -5.049  1.00 35.41 ? 9   ILE A CG1 1 
ATOM   79   C  CG2 . ILE A 1 9   ? 3.351   2.448   -7.441  1.00 38.77 ? 9   ILE A CG2 1 
ATOM   80   C  CD1 . ILE A 1 9   ? 2.129   2.794   -4.475  1.00 34.03 ? 9   ILE A CD1 1 
ATOM   81   N  N   . LYS A 1 10  ? 6.697   3.135   -7.484  1.00 42.09 ? 10  LYS A N   1 
ATOM   82   C  CA  . LYS A 1 10  ? 7.423   3.642   -8.659  1.00 43.46 ? 10  LYS A CA  1 
ATOM   83   C  C   . LYS A 1 10  ? 8.648   2.795   -8.959  1.00 43.34 ? 10  LYS A C   1 
ATOM   84   O  O   . LYS A 1 10  ? 9.123   2.748   -10.093 1.00 43.06 ? 10  LYS A O   1 
ATOM   85   C  CB  . LYS A 1 10  ? 7.788   5.116   -8.453  1.00 44.27 ? 10  LYS A CB  1 
ATOM   86   C  CG  . LYS A 1 10  ? 8.419   5.844   -9.650  1.00 48.89 ? 10  LYS A CG  1 
ATOM   87   C  CD  . LYS A 1 10  ? 7.409   6.625   -10.511 1.00 56.19 ? 10  LYS A CD  1 
ATOM   88   C  CE  . LYS A 1 10  ? 7.784   6.592   -12.047 1.00 56.53 ? 10  LYS A CE  1 
ATOM   89   N  NZ  . LYS A 1 10  ? 7.045   7.644   -12.811 1.00 57.57 ? 10  LYS A NZ  1 
ATOM   90   N  N   . CYS A 1 11  ? 9.074   2.087   -7.910  1.00 43.68 ? 11  CYS A N   1 
ATOM   91   C  CA  . CYS A 1 11  ? 10.122  1.109   -8.094  1.00 43.96 ? 11  CYS A CA  1 
ATOM   92   C  C   . CYS A 1 11  ? 9.588   -0.166  -8.798  1.00 44.98 ? 11  CYS A C   1 
ATOM   93   O  O   . CYS A 1 11  ? 10.189  -0.607  -9.798  1.00 45.86 ? 11  CYS A O   1 
ATOM   94   C  CB  . CYS A 1 11  ? 10.800  0.800   -6.764  1.00 43.35 ? 11  CYS A CB  1 
ATOM   95   S  SG  . CYS A 1 11  ? 11.897  -0.639  -6.741  1.00 45.24 ? 11  CYS A SG  1 
ATOM   96   N  N   . ALA A 1 12  ? 8.563   -0.739  -8.332  1.00 45.10 ? 12  ALA A N   1 
ATOM   97   C  CA  . ALA A 1 12  ? 8.108   -2.000  -8.898  1.00 45.56 ? 12  ALA A CA  1 
ATOM   98   C  C   . ALA A 1 12  ? 7.387   -1.842  -10.233 1.00 46.75 ? 12  ALA A C   1 
ATOM   99   O  O   . ALA A 1 12  ? 7.280   -2.811  -10.984 1.00 47.76 ? 12  ALA A O   1 
ATOM   100  C  CB  . ALA A 1 12  ? 7.299   -2.811  -7.914  1.00 44.68 ? 12  ALA A CB  1 
ATOM   101  N  N   . ILE A 1 13  ? 6.925   -0.635  -10.556 1.00 48.12 ? 13  ILE A N   1 
ATOM   102  C  CA  . ILE A 1 13  ? 6.237   -0.359  -11.835 1.00 49.39 ? 13  ILE A CA  1 
ATOM   103  C  C   . ILE A 1 13  ? 6.718   0.985   -12.332 1.00 50.84 ? 13  ILE A C   1 
ATOM   104  O  O   . ILE A 1 13  ? 6.160   2.014   -11.939 1.00 51.41 ? 13  ILE A O   1 
ATOM   105  C  CB  . ILE A 1 13  ? 4.665   -0.218  -11.712 1.00 49.51 ? 13  ILE A CB  1 
ATOM   106  C  CG1 . ILE A 1 13  ? 4.008   -1.395  -10.986 1.00 48.24 ? 13  ILE A CG1 1 
ATOM   107  C  CG2 . ILE A 1 13  ? 4.011   0.012   -13.106 1.00 50.09 ? 13  ILE A CG2 1 
ATOM   108  C  CD1 . ILE A 1 13  ? 2.698   -1.038  -10.335 1.00 46.85 ? 13  ILE A CD1 1 
ATOM   109  N  N   . PRO A 1 14  ? 7.729   0.994   -13.218 1.00 52.15 ? 14  PRO A N   1 
ATOM   110  C  CA  . PRO A 1 14  ? 8.414   2.250   -13.596 1.00 52.73 ? 14  PRO A CA  1 
ATOM   111  C  C   . PRO A 1 14  ? 7.623   3.259   -14.408 1.00 53.78 ? 14  PRO A C   1 
ATOM   112  O  O   . PRO A 1 14  ? 7.880   4.462   -14.306 1.00 52.89 ? 14  PRO A O   1 
ATOM   113  C  CB  . PRO A 1 14  ? 9.635   1.750   -14.362 1.00 53.17 ? 14  PRO A CB  1 
ATOM   114  C  CG  . PRO A 1 14  ? 9.879   0.353   -13.771 1.00 52.60 ? 14  PRO A CG  1 
ATOM   115  C  CD  . PRO A 1 14  ? 8.494   -0.202  -13.614 1.00 51.84 ? 14  PRO A CD  1 
ATOM   116  N  N   . GLY A 1 15  ? 6.658   2.790   -15.195 1.00 55.89 ? 15  GLY A N   1 
ATOM   117  C  CA  . GLY A 1 15  ? 5.769   3.717   -15.925 1.00 59.38 ? 15  GLY A CA  1 
ATOM   118  C  C   . GLY A 1 15  ? 4.722   4.562   -15.137 1.00 61.70 ? 15  GLY A C   1 
ATOM   119  O  O   . GLY A 1 15  ? 4.014   5.413   -15.749 1.00 62.52 ? 15  GLY A O   1 
ATOM   120  N  N   . SER A 1 16  ? 4.623   4.355   -13.803 1.00 62.59 ? 16  SER A N   1 
ATOM   121  C  CA  . SER A 1 16  ? 3.442   4.790   -12.991 1.00 62.91 ? 16  SER A CA  1 
ATOM   122  C  C   . SER A 1 16  ? 3.481   6.157   -12.321 1.00 63.41 ? 16  SER A C   1 
ATOM   123  O  O   . SER A 1 16  ? 4.524   6.621   -11.882 1.00 63.44 ? 16  SER A O   1 
ATOM   124  C  CB  . SER A 1 16  ? 3.019   3.719   -11.948 1.00 62.94 ? 16  SER A CB  1 
ATOM   125  O  OG  . SER A 1 16  ? 4.070   3.276   -11.105 1.00 61.89 ? 16  SER A OG  1 
ATOM   126  N  N   . HIS A 1 17  ? 2.329   6.807   -12.268 1.00 64.18 ? 17  HIS A N   1 
ATOM   127  C  CA  . HIS A 1 17  ? 2.157   7.907   -11.354 1.00 65.59 ? 17  HIS A CA  1 
ATOM   128  C  C   . HIS A 1 17  ? 1.336   7.350   -10.184 1.00 64.66 ? 17  HIS A C   1 
ATOM   129  O  O   . HIS A 1 17  ? 0.111   7.339   -10.249 1.00 65.08 ? 17  HIS A O   1 
ATOM   130  C  CB  . HIS A 1 17  ? 1.440   9.096   -12.023 1.00 66.75 ? 17  HIS A CB  1 
ATOM   131  C  CG  . HIS A 1 17  ? 1.236   10.290  -11.113 1.00 72.94 ? 17  HIS A CG  1 
ATOM   132  N  ND1 . HIS A 1 17  ? 0.669   11.477  -11.547 1.00 78.06 ? 17  HIS A ND1 1 
ATOM   133  C  CD2 . HIS A 1 17  ? 1.533   10.484  -9.797  1.00 77.33 ? 17  HIS A CD2 1 
ATOM   134  C  CE1 . HIS A 1 17  ? 0.615   12.340  -10.542 1.00 79.96 ? 17  HIS A CE1 1 
ATOM   135  N  NE2 . HIS A 1 17  ? 1.134   11.764  -9.469  1.00 80.41 ? 17  HIS A NE2 1 
ATOM   136  N  N   . PRO A 1 18  ? 1.998   6.884   -9.113  1.00 63.86 ? 18  PRO A N   1 
ATOM   137  C  CA  . PRO A 1 18  ? 1.275   6.264   -8.001  1.00 63.41 ? 18  PRO A CA  1 
ATOM   138  C  C   . PRO A 1 18  ? -0.035  6.962   -7.606  1.00 63.04 ? 18  PRO A C   1 
ATOM   139  O  O   . PRO A 1 18  ? -1.094  6.350   -7.736  1.00 62.35 ? 18  PRO A O   1 
ATOM   140  C  CB  . PRO A 1 18  ? 2.299   6.307   -6.872  1.00 63.49 ? 18  PRO A CB  1 
ATOM   141  C  CG  . PRO A 1 18  ? 3.591   6.115   -7.609  1.00 63.94 ? 18  PRO A CG  1 
ATOM   142  C  CD  . PRO A 1 18  ? 3.441   6.964   -8.837  1.00 63.77 ? 18  PRO A CD  1 
ATOM   143  N  N   . LEU A 1 19  ? 0.020   8.220   -7.156  1.00 62.67 ? 19  LEU A N   1 
ATOM   144  C  CA  . LEU A 1 19  ? -1.212  8.917   -6.780  1.00 62.84 ? 19  LEU A CA  1 
ATOM   145  C  C   . LEU A 1 19  ? -2.287  8.822   -7.874  1.00 62.70 ? 19  LEU A C   1 
ATOM   146  O  O   . LEU A 1 19  ? -3.386  8.366   -7.611  1.00 62.59 ? 19  LEU A O   1 
ATOM   147  C  CB  . LEU A 1 19  ? -0.977  10.382  -6.377  1.00 62.73 ? 19  LEU A CB  1 
ATOM   148  C  CG  . LEU A 1 19  ? -2.296  11.170  -6.175  1.00 63.82 ? 19  LEU A CG  1 
ATOM   149  C  CD1 . LEU A 1 19  ? -2.835  11.131  -4.740  1.00 64.69 ? 19  LEU A CD1 1 
ATOM   150  C  CD2 . LEU A 1 19  ? -2.228  12.640  -6.683  1.00 64.09 ? 19  LEU A CD2 1 
ATOM   151  N  N   . MET A 1 20  ? -1.955  9.249   -9.092  1.00 62.82 ? 20  MET A N   1 
ATOM   152  C  CA  . MET A 1 20  ? -2.880  9.240   -10.233 1.00 62.88 ? 20  MET A CA  1 
ATOM   153  C  C   . MET A 1 20  ? -3.369  7.819   -10.607 1.00 61.38 ? 20  MET A C   1 
ATOM   154  O  O   . MET A 1 20  ? -4.525  7.644   -10.988 1.00 61.07 ? 20  MET A O   1 
ATOM   155  C  CB  . MET A 1 20  ? -2.236  9.943   -11.442 1.00 64.01 ? 20  MET A CB  1 
ATOM   156  C  CG  . MET A 1 20  ? -3.174  10.266  -12.631 1.00 69.75 ? 20  MET A CG  1 
ATOM   157  S  SD  . MET A 1 20  ? -2.330  10.054  -14.258 1.00 82.46 ? 20  MET A SD  1 
ATOM   158  C  CE  . MET A 1 20  ? -3.674  9.414   -15.309 1.00 80.37 ? 20  MET A CE  1 
ATOM   159  N  N   . ASP A 1 21  ? -2.507  6.811   -10.470 1.00 59.46 ? 21  ASP A N   1 
ATOM   160  C  CA  . ASP A 1 21  ? -2.860  5.459   -10.878 1.00 58.07 ? 21  ASP A CA  1 
ATOM   161  C  C   . ASP A 1 21  ? -3.626  4.621   -9.818  1.00 56.70 ? 21  ASP A C   1 
ATOM   162  O  O   . ASP A 1 21  ? -4.533  3.853   -10.166 1.00 57.06 ? 21  ASP A O   1 
ATOM   163  C  CB  . ASP A 1 21  ? -1.626  4.696   -11.394 1.00 58.38 ? 21  ASP A CB  1 
ATOM   164  C  CG  . ASP A 1 21  ? -1.074  5.251   -12.728 1.00 60.47 ? 21  ASP A CG  1 
ATOM   165  O  OD1 . ASP A 1 21  ? -1.828  5.876   -13.528 1.00 62.36 ? 21  ASP A OD1 1 
ATOM   166  O  OD2 . ASP A 1 21  ? 0.141   5.038   -12.985 1.00 60.49 ? 21  ASP A OD2 1 
ATOM   167  N  N   . PHE A 1 22  ? -3.284  4.768   -8.541  1.00 54.46 ? 22  PHE A N   1 
ATOM   168  C  CA  . PHE A 1 22  ? -3.780  3.855   -7.525  1.00 51.96 ? 22  PHE A CA  1 
ATOM   169  C  C   . PHE A 1 22  ? -4.462  4.494   -6.366  1.00 51.29 ? 22  PHE A C   1 
ATOM   170  O  O   . PHE A 1 22  ? -4.728  3.812   -5.416  1.00 51.64 ? 22  PHE A O   1 
ATOM   171  C  CB  . PHE A 1 22  ? -2.639  3.048   -6.960  1.00 51.53 ? 22  PHE A CB  1 
ATOM   172  C  CG  . PHE A 1 22  ? -1.862  2.329   -7.987  1.00 51.60 ? 22  PHE A CG  1 
ATOM   173  C  CD1 . PHE A 1 22  ? -2.212  1.045   -8.355  1.00 52.83 ? 22  PHE A CD1 1 
ATOM   174  C  CD2 . PHE A 1 22  ? -0.789  2.938   -8.609  1.00 52.31 ? 22  PHE A CD2 1 
ATOM   175  C  CE1 . PHE A 1 22  ? -1.499  0.361   -9.332  1.00 53.69 ? 22  PHE A CE1 1 
ATOM   176  C  CE2 . PHE A 1 22  ? -0.059  2.268   -9.588  1.00 53.72 ? 22  PHE A CE2 1 
ATOM   177  C  CZ  . PHE A 1 22  ? -0.414  0.975   -9.951  1.00 54.06 ? 22  PHE A CZ  1 
ATOM   178  N  N   . ASN A 1 23  ? -4.701  5.794   -6.394  1.00 50.35 ? 23  ASN A N   1 
ATOM   179  C  CA  . ASN A 1 23  ? -5.524  6.445   -5.365  1.00 50.07 ? 23  ASN A CA  1 
ATOM   180  C  C   . ASN A 1 23  ? -6.933  6.675   -5.999  1.00 49.76 ? 23  ASN A C   1 
ATOM   181  O  O   . ASN A 1 23  ? -7.065  7.111   -7.154  1.00 49.58 ? 23  ASN A O   1 
ATOM   182  C  CB  . ASN A 1 23  ? -4.811  7.715   -4.810  1.00 49.56 ? 23  ASN A CB  1 
ATOM   183  C  CG  . ASN A 1 23  ? -5.521  8.366   -3.593  1.00 51.29 ? 23  ASN A CG  1 
ATOM   184  O  OD1 . ASN A 1 23  ? -6.369  9.256   -3.764  1.00 52.72 ? 23  ASN A OD1 1 
ATOM   185  N  ND2 . ASN A 1 23  ? -5.107  7.992   -2.363  1.00 51.08 ? 23  ASN A ND2 1 
ATOM   186  N  N   . ASN A 1 24  ? -7.984  6.312   -5.270  1.00 49.17 ? 24  ASN A N   1 
ATOM   187  C  CA  . ASN A 1 24  ? -9.341  6.347   -5.822  1.00 48.68 ? 24  ASN A CA  1 
ATOM   188  C  C   . ASN A 1 24  ? -9.556  5.271   -6.881  1.00 46.23 ? 24  ASN A C   1 
ATOM   189  O  O   . ASN A 1 24  ? -10.103 5.539   -7.968  1.00 46.90 ? 24  ASN A O   1 
ATOM   190  C  CB  . ASN A 1 24  ? -9.640  7.711   -6.426  1.00 49.78 ? 24  ASN A CB  1 
ATOM   191  C  CG  . ASN A 1 24  ? -10.913 8.294   -5.893  1.00 55.02 ? 24  ASN A CG  1 
ATOM   192  O  OD1 . ASN A 1 24  ? -10.951 8.757   -4.735  1.00 61.08 ? 24  ASN A OD1 1 
ATOM   193  N  ND2 . ASN A 1 24  ? -11.972 8.298   -6.717  1.00 57.89 ? 24  ASN A ND2 1 
ATOM   194  N  N   . TYR A 1 25  ? -9.097  4.069   -6.562  1.00 42.57 ? 25  TYR A N   1 
ATOM   195  C  CA  . TYR A 1 25  ? -9.310  2.894   -7.386  1.00 39.38 ? 25  TYR A CA  1 
ATOM   196  C  C   . TYR A 1 25  ? -10.078 1.861   -6.554  1.00 37.78 ? 25  TYR A C   1 
ATOM   197  O  O   . TYR A 1 25  ? -9.625  1.478   -5.481  1.00 36.94 ? 25  TYR A O   1 
ATOM   198  C  CB  . TYR A 1 25  ? -7.970  2.298   -7.870  1.00 38.44 ? 25  TYR A CB  1 
ATOM   199  C  CG  . TYR A 1 25  ? -8.109  1.157   -8.875  1.00 35.69 ? 25  TYR A CG  1 
ATOM   200  C  CD1 . TYR A 1 25  ? -8.307  -0.152  -8.458  1.00 34.43 ? 25  TYR A CD1 1 
ATOM   201  C  CD2 . TYR A 1 25  ? -8.031  1.396   -10.218 1.00 33.02 ? 25  TYR A CD2 1 
ATOM   202  C  CE1 . TYR A 1 25  ? -8.425  -1.193  -9.359  1.00 34.45 ? 25  TYR A CE1 1 
ATOM   203  C  CE2 . TYR A 1 25  ? -8.171  0.375   -11.126 1.00 36.17 ? 25  TYR A CE2 1 
ATOM   204  C  CZ  . TYR A 1 25  ? -8.359  -0.923  -10.694 1.00 36.33 ? 25  TYR A CZ  1 
ATOM   205  O  OH  . TYR A 1 25  ? -8.474  -1.935  -11.628 1.00 38.39 ? 25  TYR A OH  1 
ATOM   206  N  N   . GLY A 1 26  ? -11.232 1.424   -7.058  1.00 35.51 ? 26  GLY A N   1 
ATOM   207  C  CA  . GLY A 1 26  ? -11.892 0.272   -6.517  1.00 33.23 ? 26  GLY A CA  1 
ATOM   208  C  C   . GLY A 1 26  ? -12.558 0.681   -5.247  1.00 32.09 ? 26  GLY A C   1 
ATOM   209  O  O   . GLY A 1 26  ? -12.938 1.834   -5.096  1.00 32.16 ? 26  GLY A O   1 
ATOM   210  N  N   . CYS A 1 27  ? -12.621 -0.310  -4.343  1.00 30.86 ? 27  CYS A N   1 
ATOM   211  C  CA  . CYS A 1 27  ? -13.312 -0.081  -3.097  1.00 30.16 ? 27  CYS A CA  1 
ATOM   212  C  C   . CYS A 1 27  ? -12.346 0.244   -1.996  1.00 29.94 ? 27  CYS A C   1 
ATOM   213  O  O   . CYS A 1 27  ? -12.749 0.816   -0.997  1.00 29.68 ? 27  CYS A O   1 
ATOM   214  C  CB  . CYS A 1 27  ? -14.113 -1.329  -2.721  1.00 29.80 ? 27  CYS A CB  1 
ATOM   215  S  SG  . CYS A 1 27  ? -15.485 -1.669  -3.897  1.00 30.16 ? 27  CYS A SG  1 
ATOM   216  N  N   . TYR A 1 28  ? -11.123 -0.115  -2.147  1.00 30.53 ? 28  TYR A N   1 
ATOM   217  C  CA  . TYR A 1 28  ? -10.086 -0.054  -1.071  1.00 31.19 ? 28  TYR A CA  1 
ATOM   218  C  C   . TYR A 1 28  ? -8.874  0.835   -1.379  1.00 32.54 ? 28  TYR A C   1 
ATOM   219  O  O   . TYR A 1 28  ? -8.259  1.249   -0.380  1.00 32.24 ? 28  TYR A O   1 
ATOM   220  C  CB  . TYR A 1 28  ? -9.597  -1.444  -0.617  1.00 29.49 ? 28  TYR A CB  1 
ATOM   221  C  CG  . TYR A 1 28  ? -10.639 -2.053  0.225   1.00 29.58 ? 28  TYR A CG  1 
ATOM   222  C  CD1 . TYR A 1 28  ? -10.643 -1.910  1.626   1.00 29.69 ? 28  TYR A CD1 1 
ATOM   223  C  CD2 . TYR A 1 28  ? -11.699 -2.721  -0.370  1.00 27.58 ? 28  TYR A CD2 1 
ATOM   224  C  CE1 . TYR A 1 28  ? -11.710 -2.466  2.398   1.00 28.16 ? 28  TYR A CE1 1 
ATOM   225  C  CE2 . TYR A 1 28  ? -12.713 -3.270  0.371   1.00 25.20 ? 28  TYR A CE2 1 
ATOM   226  C  CZ  . TYR A 1 28  ? -12.735 -3.142  1.719   1.00 26.06 ? 28  TYR A CZ  1 
ATOM   227  O  OH  . TYR A 1 28  ? -13.824 -3.696  2.334   1.00 27.89 ? 28  TYR A OH  1 
ATOM   228  N  N   . CYS A 1 29  ? -8.591  1.089   -2.711  1.00 34.68 ? 29  CYS A N   1 
ATOM   229  C  CA  . CYS A 1 29  ? -7.560  2.057   -3.058  1.00 36.97 ? 29  CYS A CA  1 
ATOM   230  C  C   . CYS A 1 29  ? -7.977  3.539   -2.914  1.00 39.63 ? 29  CYS A C   1 
ATOM   231  O  O   . CYS A 1 29  ? -8.646  4.086   -3.805  1.00 40.92 ? 29  CYS A O   1 
ATOM   232  C  CB  . CYS A 1 29  ? -6.976  1.820   -4.437  1.00 36.02 ? 29  CYS A CB  1 
ATOM   233  S  SG  . CYS A 1 29  ? -6.680  0.150   -4.857  1.00 30.97 ? 29  CYS A SG  1 
ATOM   234  N  N   . GLY A 1 30  ? -7.442  4.128   -1.846  1.00 41.55 ? 30  GLY A N   1 
ATOM   235  C  CA  . GLY A 1 30  ? -7.923  5.437   -1.373  1.00 43.57 ? 30  GLY A CA  1 
ATOM   236  C  C   . GLY A 1 30  ? -8.572  5.279   -0.036  1.00 45.68 ? 30  GLY A C   1 
ATOM   237  O  O   . GLY A 1 30  ? -9.021  4.188   0.281   1.00 46.98 ? 30  GLY A O   1 
ATOM   238  N  N   . LEU A 1 31  ? -8.634  6.354   0.753   1.00 47.17 ? 31  LEU A N   1 
ATOM   239  C  CA  . LEU A 1 31  ? -9.042  6.302   2.214   1.00 47.73 ? 31  LEU A CA  1 
ATOM   240  C  C   . LEU A 1 31  ? -10.118 5.235   2.723   1.00 46.62 ? 31  LEU A C   1 
ATOM   241  O  O   . LEU A 1 31  ? -11.177 5.051   2.102   1.00 45.99 ? 31  LEU A O   1 
ATOM   242  C  CB  . LEU A 1 31  ? -9.390  7.722   2.740   1.00 47.85 ? 31  LEU A CB  1 
ATOM   243  C  CG  . LEU A 1 31  ? -9.146  7.843   4.246   1.00 50.69 ? 31  LEU A CG  1 
ATOM   244  C  CD1 . LEU A 1 31  ? -7.707  8.347   4.504   1.00 53.91 ? 31  LEU A CD1 1 
ATOM   245  C  CD2 . LEU A 1 31  ? -10.219 8.697   4.979   1.00 52.28 ? 31  LEU A CD2 1 
ATOM   246  N  N   . GLY A 1 32  ? -9.833  4.591   3.871   1.00 45.61 ? 32  GLY A N   1 
ATOM   247  C  CA  . GLY A 1 32  ? -10.676 3.484   4.410   1.00 44.08 ? 32  GLY A CA  1 
ATOM   248  C  C   . GLY A 1 32  ? -11.015 2.506   3.297   1.00 42.59 ? 32  GLY A C   1 
ATOM   249  O  O   . GLY A 1 32  ? -10.155 2.206   2.451   1.00 43.66 ? 32  GLY A O   1 
ATOM   250  N  N   . GLY A 1 33  ? -12.258 2.046   3.250   1.00 40.53 ? 33  GLY A N   1 
ATOM   251  C  CA  . GLY A 1 33  ? -12.733 1.196   2.158   1.00 37.99 ? 33  GLY A CA  1 
ATOM   252  C  C   . GLY A 1 33  ? -13.970 0.547   2.694   1.00 36.80 ? 33  GLY A C   1 
ATOM   253  O  O   . GLY A 1 33  ? -14.225 0.631   3.905   1.00 37.54 ? 33  GLY A O   1 
ATOM   254  N  N   . SER A 1 34  ? -14.753 -0.084  1.822   1.00 35.01 ? 34  SER A N   1 
ATOM   255  C  CA  . SER A 1 34  ? -15.954 -0.830  2.256   1.00 32.42 ? 34  SER A CA  1 
ATOM   256  C  C   . SER A 1 34  ? -16.277 -2.038  1.351   1.00 30.97 ? 34  SER A C   1 
ATOM   257  O  O   . SER A 1 34  ? -15.673 -2.194  0.294   1.00 29.41 ? 34  SER A O   1 
ATOM   258  C  CB  . SER A 1 34  ? -17.151 0.114   2.359   1.00 32.65 ? 34  SER A CB  1 
ATOM   259  O  OG  . SER A 1 34  ? -17.438 0.710   1.095   1.00 32.88 ? 34  SER A OG  1 
ATOM   260  N  N   . GLY A 1 35  ? -17.204 -2.900  1.777   1.00 29.45 ? 35  GLY A N   1 
ATOM   261  C  CA  . GLY A 1 35  ? -17.634 -4.020  0.934   1.00 28.21 ? 35  GLY A CA  1 
ATOM   262  C  C   . GLY A 1 35  ? -16.517 -4.959  0.560   1.00 28.24 ? 35  GLY A C   1 
ATOM   263  O  O   . GLY A 1 35  ? -15.611 -5.207  1.336   1.00 28.39 ? 35  GLY A O   1 
ATOM   264  N  N   . THR A 1 36  ? -16.577 -5.482  -0.646  1.00 28.19 ? 36  THR A N   1 
ATOM   265  C  CA  . THR A 1 36  ? -15.646 -6.486  -1.076  1.00 27.88 ? 36  THR A CA  1 
ATOM   266  C  C   . THR A 1 36  ? -14.874 -5.898  -2.215  1.00 27.87 ? 36  THR A C   1 
ATOM   267  O  O   . THR A 1 36  ? -15.481 -5.294  -3.062  1.00 27.03 ? 36  THR A O   1 
ATOM   268  C  CB  . THR A 1 36  ? -16.426 -7.769  -1.538  1.00 28.03 ? 36  THR A CB  1 
ATOM   269  O  OG1 . THR A 1 36  ? -16.856 -8.479  -0.371  1.00 26.92 ? 36  THR A OG1 1 
ATOM   270  C  CG2 . THR A 1 36  ? -15.566 -8.704  -2.389  1.00 25.87 ? 36  THR A CG2 1 
ATOM   271  N  N   . PRO A 1 37  ? -13.535 -6.096  -2.261  1.00 28.94 ? 37  PRO A N   1 
ATOM   272  C  CA  . PRO A 1 37  ? -12.741 -5.541  -3.347  1.00 30.04 ? 37  PRO A CA  1 
ATOM   273  C  C   . PRO A 1 37  ? -13.301 -5.948  -4.703  1.00 32.24 ? 37  PRO A C   1 
ATOM   274  O  O   . PRO A 1 37  ? -13.875 -7.012  -4.807  1.00 33.28 ? 37  PRO A O   1 
ATOM   275  C  CB  . PRO A 1 37  ? -11.374 -6.143  -3.104  1.00 29.13 ? 37  PRO A CB  1 
ATOM   276  C  CG  . PRO A 1 37  ? -11.609 -7.244  -2.134  1.00 29.03 ? 37  PRO A CG  1 
ATOM   277  C  CD  . PRO A 1 37  ? -12.663 -6.751  -1.282  1.00 28.49 ? 37  PRO A CD  1 
ATOM   278  N  N   . VAL A 1 38  ? -13.136 -5.120  -5.733  1.00 34.43 ? 38  VAL A N   1 
ATOM   279  C  CA  . VAL A 1 38  ? -13.708 -5.417  -7.057  1.00 35.97 ? 38  VAL A CA  1 
ATOM   280  C  C   . VAL A 1 38  ? -12.843 -6.240  -8.011  1.00 37.11 ? 38  VAL A C   1 
ATOM   281  O  O   . VAL A 1 38  ? -13.371 -6.785  -8.979  1.00 38.41 ? 38  VAL A O   1 
ATOM   282  C  CB  . VAL A 1 38  ? -14.178 -4.148  -7.823  1.00 36.37 ? 38  VAL A CB  1 
ATOM   283  C  CG1 . VAL A 1 38  ? -15.315 -3.430  -7.065  1.00 36.41 ? 38  VAL A CG1 1 
ATOM   284  C  CG2 . VAL A 1 38  ? -12.999 -3.189  -8.116  1.00 35.98 ? 38  VAL A CG2 1 
ATOM   285  N  N   . ASP A 1 39  ? -11.537 -6.317  -7.771  1.00 37.38 ? 39  ASP A N   1 
ATOM   286  C  CA  . ASP A 1 39  ? -10.635 -7.115  -8.614  1.00 37.79 ? 39  ASP A CA  1 
ATOM   287  C  C   . ASP A 1 39  ? -9.374  -7.427  -7.810  1.00 38.63 ? 39  ASP A C   1 
ATOM   288  O  O   . ASP A 1 39  ? -9.288  -7.034  -6.650  1.00 39.11 ? 39  ASP A O   1 
ATOM   289  C  CB  . ASP A 1 39  ? -10.337 -6.422  -9.958  1.00 37.11 ? 39  ASP A CB  1 
ATOM   290  C  CG  . ASP A 1 39  ? -9.763  -5.002  -9.803  1.00 37.90 ? 39  ASP A CG  1 
ATOM   291  O  OD1 . ASP A 1 39  ? -9.123  -4.706  -8.767  1.00 38.76 ? 39  ASP A OD1 1 
ATOM   292  O  OD2 . ASP A 1 39  ? -9.924  -4.176  -10.735 1.00 36.01 ? 39  ASP A OD2 1 
ATOM   293  N  N   . GLU A 1 40  ? -8.416  -8.146  -8.389  1.00 39.51 ? 40  GLU A N   1 
ATOM   294  C  CA  . GLU A 1 40  ? -7.137  -8.411  -7.733  1.00 40.52 ? 40  GLU A CA  1 
ATOM   295  C  C   . GLU A 1 40  ? -6.449  -7.127  -7.226  1.00 39.43 ? 40  GLU A C   1 
ATOM   296  O  O   . GLU A 1 40  ? -6.086  -7.060  -6.050  1.00 39.36 ? 40  GLU A O   1 
ATOM   297  C  CB  . GLU A 1 40  ? -6.174  -9.088  -8.702  1.00 42.22 ? 40  GLU A CB  1 
ATOM   298  C  CG  . GLU A 1 40  ? -6.101  -10.612 -8.693  1.00 48.82 ? 40  GLU A CG  1 
ATOM   299  C  CD  . GLU A 1 40  ? -5.322  -11.137 -9.945  1.00 57.36 ? 40  GLU A CD  1 
ATOM   300  O  OE1 . GLU A 1 40  ? -6.010  -11.607 -10.916 1.00 57.81 ? 40  GLU A OE1 1 
ATOM   301  O  OE2 . GLU A 1 40  ? -4.039  -11.020 -9.964  1.00 58.60 ? 40  GLU A OE2 1 
ATOM   302  N  N   . LEU A 1 41  ? -6.244  -6.135  -8.110  1.00 37.91 ? 41  LEU A N   1 
ATOM   303  C  CA  . LEU A 1 41  ? -5.752  -4.801  -7.703  1.00 36.89 ? 41  LEU A CA  1 
ATOM   304  C  C   . LEU A 1 41  ? -6.377  -4.266  -6.400  1.00 36.87 ? 41  LEU A C   1 
ATOM   305  O  O   . LEU A 1 41  ? -5.658  -4.067  -5.417  1.00 36.48 ? 41  LEU A O   1 
ATOM   306  C  CB  . LEU A 1 41  ? -5.850  -3.766  -8.810  1.00 35.65 ? 41  LEU A CB  1 
ATOM   307  C  CG  . LEU A 1 41  ? -5.082  -2.479  -8.475  1.00 35.96 ? 41  LEU A CG  1 
ATOM   308  C  CD1 . LEU A 1 41  ? -3.817  -2.754  -7.722  1.00 33.33 ? 41  LEU A CD1 1 
ATOM   309  C  CD2 . LEU A 1 41  ? -4.768  -1.650  -9.741  1.00 33.64 ? 41  LEU A CD2 1 
ATOM   310  N  N   . ASP A 1 42  ? -7.698  -4.075  -6.385  1.00 36.27 ? 42  ASP A N   1 
ATOM   311  C  CA  . ASP A 1 42  ? -8.414  -3.591  -5.194  1.00 36.09 ? 42  ASP A CA  1 
ATOM   312  C  C   . ASP A 1 42  ? -8.112  -4.478  -3.976  1.00 36.01 ? 42  ASP A C   1 
ATOM   313  O  O   . ASP A 1 42  ? -8.064  -4.055  -2.805  1.00 35.82 ? 42  ASP A O   1 
ATOM   314  C  CB  . ASP A 1 42  ? -9.911  -3.592  -5.521  1.00 36.22 ? 42  ASP A CB  1 
ATOM   315  C  CG  . ASP A 1 42  ? -10.681 -2.581  -4.749  1.00 35.32 ? 42  ASP A CG  1 
ATOM   316  O  OD1 . ASP A 1 42  ? -10.103 -1.650  -4.179  1.00 35.16 ? 42  ASP A OD1 1 
ATOM   317  O  OD2 . ASP A 1 42  ? -11.903 -2.694  -4.733  1.00 35.69 ? 42  ASP A OD2 1 
ATOM   318  N  N   . ARG A 1 43  ? -7.845  -5.732  -4.273  1.00 36.55 ? 43  ARG A N   1 
ATOM   319  C  CA  . ARG A 1 43  ? -7.673  -6.730  -3.247  1.00 37.41 ? 43  ARG A CA  1 
ATOM   320  C  C   . ARG A 1 43  ? -6.395  -6.554  -2.646  1.00 36.07 ? 43  ARG A C   1 
ATOM   321  O  O   . ARG A 1 43  ? -6.118  -6.725  -1.368  1.00 36.15 ? 43  ARG A O   1 
ATOM   322  C  CB  . ARG A 1 43  ? -7.795  -8.081  -3.936  1.00 39.17 ? 43  ARG A CB  1 
ATOM   323  C  CG  . ARG A 1 43  ? -8.603  -9.150  -3.239  1.00 46.49 ? 43  ARG A CG  1 
ATOM   324  C  CD  . ARG A 1 43  ? -7.834  -9.715  -2.032  1.00 58.47 ? 43  ARG A CD  1 
ATOM   325  N  NE  . ARG A 1 43  ? -8.073  -11.155 -1.781  1.00 67.28 ? 43  ARG A NE  1 
ATOM   326  C  CZ  . ARG A 1 43  ? -8.103  -11.714 -0.560  1.00 70.35 ? 43  ARG A CZ  1 
ATOM   327  N  NH1 . ARG A 1 43  ? -7.918  -10.953 0.532   1.00 71.61 ? 43  ARG A NH1 1 
ATOM   328  N  NH2 . ARG A 1 43  ? -8.327  -13.027 -0.430  1.00 69.94 ? 43  ARG A NH2 1 
ATOM   329  N  N   . CYS A 1 44  ? -5.528  -6.082  -3.517  1.00 34.87 ? 44  CYS A N   1 
ATOM   330  C  CA  . CYS A 1 44  ? -4.181  -5.666  -3.055  1.00 32.79 ? 44  CYS A CA  1 
ATOM   331  C  C   . CYS A 1 44  ? -4.349  -4.497  -2.045  1.00 31.45 ? 44  CYS A C   1 
ATOM   332  O  O   . CYS A 1 44  ? -3.708  -4.472  -0.973  1.00 30.52 ? 44  CYS A O   1 
ATOM   333  C  CB  . CYS A 1 44  ? -3.204  -5.132  -4.244  1.00 33.33 ? 44  CYS A CB  1 
ATOM   334  S  SG  . CYS A 1 44  ? -2.690  -6.402  -5.508  1.00 32.67 ? 44  CYS A SG  1 
ATOM   335  N  N   . CYS A 1 45  ? -5.077  -3.462  -2.498  1.00 29.60 ? 45  CYS A N   1 
ATOM   336  C  CA  . CYS A 1 45  ? -5.280  -2.465  -1.443  1.00 28.90 ? 45  CYS A CA  1 
ATOM   337  C  C   . CYS A 1 45  ? -5.958  -2.903  -0.182  1.00 28.67 ? 45  CYS A C   1 
ATOM   338  O  O   . CYS A 1 45  ? -5.561  -2.455  0.896   1.00 28.56 ? 45  CYS A O   1 
ATOM   339  C  CB  . CYS A 1 45  ? -6.082  -1.387  -2.134  1.00 28.77 ? 45  CYS A CB  1 
ATOM   340  S  SG  . CYS A 1 45  ? -5.155  -0.626  -3.427  1.00 30.00 ? 45  CYS A SG  1 
ATOM   341  N  N   . GLU A 1 46  ? -6.943  -3.797  -0.270  1.00 28.42 ? 46  GLU A N   1 
ATOM   342  C  CA  . GLU A 1 46  ? -7.579  -4.198  0.999   1.00 28.33 ? 46  GLU A CA  1 
ATOM   343  C  C   . GLU A 1 46  ? -6.639  -4.897  1.964   1.00 27.77 ? 46  GLU A C   1 
ATOM   344  O  O   . GLU A 1 46  ? -6.649  -4.626  3.200   1.00 27.80 ? 46  GLU A O   1 
ATOM   345  C  CB  . GLU A 1 46  ? -8.818  -5.049  0.810   1.00 28.60 ? 46  GLU A CB  1 
ATOM   346  C  CG  . GLU A 1 46  ? -9.340  -5.576  2.154   1.00 27.97 ? 46  GLU A CG  1 
ATOM   347  C  CD  . GLU A 1 46  ? -10.307 -6.709  1.965   1.00 29.29 ? 46  GLU A CD  1 
ATOM   348  O  OE1 . GLU A 1 46  ? -10.180 -7.431  0.951   1.00 27.82 ? 46  GLU A OE1 1 
ATOM   349  O  OE2 . GLU A 1 46  ? -11.204 -6.863  2.819   1.00 30.24 ? 46  GLU A OE2 1 
ATOM   350  N  N   . THR A 1 47  ? -5.842  -5.807  1.402   1.00 27.62 ? 47  THR A N   1 
ATOM   351  C  CA  . THR A 1 47  ? -4.786  -6.488  2.153   1.00 27.54 ? 47  THR A CA  1 
ATOM   352  C  C   . THR A 1 47  ? -3.878  -5.470  2.824   1.00 27.70 ? 47  THR A C   1 
ATOM   353  O  O   . THR A 1 47  ? -3.595  -5.566  4.022   1.00 28.26 ? 47  THR A O   1 
ATOM   354  C  CB  . THR A 1 47  ? -3.936  -7.329  1.213   1.00 28.92 ? 47  THR A CB  1 
ATOM   355  O  OG1 . THR A 1 47  ? -4.767  -8.288  0.511   1.00 30.40 ? 47  THR A OG1 1 
ATOM   356  C  CG2 . THR A 1 47  ? -2.796  -8.043  1.983   1.00 28.95 ? 47  THR A CG2 1 
ATOM   357  N  N   . HIS A 1 48  ? -3.467  -4.444  2.073   1.00 27.42 ? 48  HIS A N   1 
ATOM   358  C  CA  . HIS A 1 48  ? -2.671  -3.370  2.641   1.00 26.95 ? 48  HIS A CA  1 
ATOM   359  C  C   . HIS A 1 48  ? -3.348  -2.677  3.813   1.00 27.31 ? 48  HIS A C   1 
ATOM   360  O  O   . HIS A 1 48  ? -2.702  -2.483  4.853   1.00 27.54 ? 48  HIS A O   1 
ATOM   361  C  CB  . HIS A 1 48  ? -2.239  -2.403  1.580   1.00 26.84 ? 48  HIS A CB  1 
ATOM   362  C  CG  . HIS A 1 48  ? -1.201  -1.433  2.026   1.00 27.59 ? 48  HIS A CG  1 
ATOM   363  N  ND1 . HIS A 1 48  ? -1.443  -0.072  2.123   1.00 29.14 ? 48  HIS A ND1 1 
ATOM   364  C  CD2 . HIS A 1 48  ? 0.108   -1.605  2.328   1.00 28.75 ? 48  HIS A CD2 1 
ATOM   365  C  CE1 . HIS A 1 48  ? -0.324  0.545   2.467   1.00 27.04 ? 48  HIS A CE1 1 
ATOM   366  N  NE2 . HIS A 1 48  ? 0.630   -0.364  2.614   1.00 24.79 ? 48  HIS A NE2 1 
ATOM   367  N  N   . ASP A 1 49  ? -4.626  -2.329  3.700   1.00 27.38 ? 49  ASP A N   1 
ATOM   368  C  CA  . ASP A 1 49  ? -5.290  -1.766  4.878   1.00 29.00 ? 49  ASP A CA  1 
ATOM   369  C  C   . ASP A 1 49  ? -5.199  -2.748  6.022   1.00 29.55 ? 49  ASP A C   1 
ATOM   370  O  O   . ASP A 1 49  ? -4.941  -2.363  7.183   1.00 29.42 ? 49  ASP A O   1 
ATOM   371  C  CB  . ASP A 1 49  ? -6.776  -1.549  4.667   1.00 30.02 ? 49  ASP A CB  1 
ATOM   372  C  CG  . ASP A 1 49  ? -7.086  -0.406  3.783   1.00 32.55 ? 49  ASP A CG  1 
ATOM   373  O  OD1 . ASP A 1 49  ? -6.247  -0.004  2.935   1.00 35.38 ? 49  ASP A OD1 1 
ATOM   374  O  OD2 . ASP A 1 49  ? -8.231  0.083   3.928   1.00 39.79 ? 49  ASP A OD2 1 
ATOM   375  N  N   . ASN A 1 50  ? -5.445  -4.020  5.722   1.00 30.09 ? 50  ASN A N   1 
ATOM   376  C  CA  . ASN A 1 50  ? -5.427  -4.997  6.803   1.00 31.33 ? 50  ASN A CA  1 
ATOM   377  C  C   . ASN A 1 50  ? -4.063  -5.090  7.460   1.00 31.23 ? 50  ASN A C   1 
ATOM   378  O  O   . ASN A 1 50  ? -3.987  -5.227  8.697   1.00 32.07 ? 50  ASN A O   1 
ATOM   379  C  CB  . ASN A 1 50  ? -5.846  -6.371  6.299   1.00 32.36 ? 50  ASN A CB  1 
ATOM   380  C  CG  . ASN A 1 50  ? -7.336  -6.456  5.980   1.00 34.75 ? 50  ASN A CG  1 
ATOM   381  O  OD1 . ASN A 1 50  ? -8.157  -5.626  6.448   1.00 36.35 ? 50  ASN A OD1 1 
ATOM   382  N  ND2 . ASN A 1 50  ? -7.697  -7.479  5.193   1.00 35.53 ? 50  ASN A ND2 1 
ATOM   383  N  N   . CYS A 1 51  ? -3.103  -5.105  6.658   1.00 30.37 ? 51  CYS A N   1 
ATOM   384  C  CA  . CYS A 1 51  ? -1.724  -5.152  7.126   1.00 29.63 ? 51  CYS A CA  1 
ATOM   385  C  C   . CYS A 1 51  ? -1.497  -3.996  8.056   1.00 29.75 ? 51  CYS A C   1 
ATOM   386  O  O   . CYS A 1 51  ? -0.960  -4.149  9.129   1.00 29.24 ? 51  CYS A O   1 
ATOM   387  C  CB  . CYS A 1 51  ? -0.751  -5.113  5.942   1.00 29.89 ? 51  CYS A CB  1 
ATOM   388  S  SG  . CYS A 1 51  ? 0.968   -5.771  6.252   1.00 30.52 ? 51  CYS A SG  1 
ATOM   389  N  N   . TYR A 1 52  ? -1.863  -2.746  7.658   1.00 30.95 ? 52  TYR A N   1 
ATOM   390  C  CA  . TYR A 1 52  ? -1.672  -1.577  8.526   1.00 33.11 ? 52  TYR A CA  1 
ATOM   391  C  C   . TYR A 1 52  ? -2.456  -1.693  9.808   1.00 35.46 ? 52  TYR A C   1 
ATOM   392  O  O   . TYR A 1 52  ? -1.985  -1.280  10.882  1.00 35.24 ? 52  TYR A O   1 
ATOM   393  C  CB  . TYR A 1 52  ? -2.046  -0.270  7.813   1.00 31.71 ? 52  TYR A CB  1 
ATOM   394  C  CG  . TYR A 1 52  ? -0.881  0.372   7.105   1.00 30.22 ? 52  TYR A CG  1 
ATOM   395  C  CD1 . TYR A 1 52  ? 0.091   -0.421  6.474   1.00 26.03 ? 52  TYR A CD1 1 
ATOM   396  C  CD2 . TYR A 1 52  ? -0.733  1.776   7.059   1.00 25.92 ? 52  TYR A CD2 1 
ATOM   397  C  CE1 . TYR A 1 52  ? 1.156   0.160   5.822   1.00 26.24 ? 52  TYR A CE1 1 
ATOM   398  C  CE2 . TYR A 1 52  ? 0.347   2.350   6.403   1.00 24.20 ? 52  TYR A CE2 1 
ATOM   399  C  CZ  . TYR A 1 52  ? 1.280   1.525   5.789   1.00 24.14 ? 52  TYR A CZ  1 
ATOM   400  O  OH  . TYR A 1 52  ? 2.361   2.026   5.136   1.00 25.00 ? 52  TYR A OH  1 
ATOM   401  N  N   . ARG A 1 53  ? -3.660  -2.251  9.681   1.00 38.96 ? 53  ARG A N   1 
ATOM   402  C  CA  . ARG A 1 53  ? -4.539  -2.479  10.833  1.00 42.43 ? 53  ARG A CA  1 
ATOM   403  C  C   . ARG A 1 53  ? -3.837  -3.449  11.785  1.00 42.50 ? 53  ARG A C   1 
ATOM   404  O  O   . ARG A 1 53  ? -3.757  -3.169  12.976  1.00 43.24 ? 53  ARG A O   1 
ATOM   405  C  CB  . ARG A 1 53  ? -5.891  -3.033  10.382  1.00 43.86 ? 53  ARG A CB  1 
ATOM   406  C  CG  . ARG A 1 53  ? -7.170  -2.337  10.939  1.00 50.32 ? 53  ARG A CG  1 
ATOM   407  C  CD  . ARG A 1 53  ? -8.425  -3.305  10.768  1.00 61.38 ? 53  ARG A CD  1 
ATOM   408  N  NE  . ARG A 1 53  ? -8.088  -4.712  11.131  1.00 67.48 ? 53  ARG A NE  1 
ATOM   409  C  CZ  . ARG A 1 53  ? -8.195  -5.791  10.341  1.00 69.59 ? 53  ARG A CZ  1 
ATOM   410  N  NH1 . ARG A 1 53  ? -8.690  -5.690  9.100   1.00 68.99 ? 53  ARG A NH1 1 
ATOM   411  N  NH2 . ARG A 1 53  ? -7.817  -6.986  10.819  1.00 70.25 ? 53  ARG A NH2 1 
ATOM   412  N  N   . ASP A 1 54  ? -3.285  -4.547  11.267  1.00 42.65 ? 54  ASP A N   1 
ATOM   413  C  CA  . ASP A 1 54  ? -2.468  -5.451  12.090  1.00 42.64 ? 54  ASP A CA  1 
ATOM   414  C  C   . ASP A 1 54  ? -1.331  -4.762  12.814  1.00 43.30 ? 54  ASP A C   1 
ATOM   415  O  O   . ASP A 1 54  ? -1.113  -5.029  13.996  1.00 43.61 ? 54  ASP A O   1 
ATOM   416  C  CB  . ASP A 1 54  ? -1.863  -6.544  11.235  1.00 42.53 ? 54  ASP A CB  1 
ATOM   417  C  CG  . ASP A 1 54  ? -2.883  -7.547  10.779  1.00 43.45 ? 54  ASP A CG  1 
ATOM   418  O  OD1 . ASP A 1 54  ? -2.597  -8.316  9.805   1.00 42.12 ? 54  ASP A OD1 1 
ATOM   419  O  OD2 . ASP A 1 54  ? -3.968  -7.543  11.406  1.00 43.94 ? 54  ASP A OD2 1 
ATOM   420  N  N   . ALA A 1 55  ? -0.594  -3.901  12.106  1.00 43.93 ? 55  ALA A N   1 
ATOM   421  C  CA  . ALA A 1 55  ? 0.616   -3.295  12.646  1.00 45.04 ? 55  ALA A CA  1 
ATOM   422  C  C   . ALA A 1 55  ? 0.284   -2.347  13.770  1.00 46.61 ? 55  ALA A C   1 
ATOM   423  O  O   . ALA A 1 55  ? 1.087   -2.139  14.702  1.00 47.07 ? 55  ALA A O   1 
ATOM   424  C  CB  . ALA A 1 55  ? 1.342   -2.545  11.581  1.00 44.45 ? 55  ALA A CB  1 
ATOM   425  N  N   . LYS A 1 56  ? -0.881  -1.718  13.654  1.00 48.29 ? 56  LYS A N   1 
ATOM   426  C  CA  . LYS A 1 56  ? -1.388  -0.848  14.704  1.00 49.76 ? 56  LYS A CA  1 
ATOM   427  C  C   . LYS A 1 56  ? -1.631  -1.691  15.972  1.00 50.80 ? 56  LYS A C   1 
ATOM   428  O  O   . LYS A 1 56  ? -1.522  -1.178  17.103  1.00 51.04 ? 56  LYS A O   1 
ATOM   429  C  CB  . LYS A 1 56  ? -2.650  -0.103  14.217  1.00 49.95 ? 56  LYS A CB  1 
ATOM   430  C  CG  . LYS A 1 56  ? -2.414  1.386   13.790  1.00 51.05 ? 56  LYS A CG  1 
ATOM   431  C  CD  . LYS A 1 56  ? -3.354  1.868   12.671  1.00 52.34 ? 56  LYS A CD  1 
ATOM   432  C  CE  . LYS A 1 56  ? -4.658  2.511   13.204  1.00 55.49 ? 56  LYS A CE  1 
ATOM   433  N  NZ  . LYS A 1 56  ? -5.844  2.381   12.250  1.00 56.28 ? 56  LYS A NZ  1 
ATOM   434  N  N   . ASN A 1 57  ? -1.890  -2.991  15.773  1.00 51.49 ? 57  ASN A N   1 
ATOM   435  C  CA  . ASN A 1 57  ? -2.148  -3.927  16.879  1.00 52.84 ? 57  ASN A CA  1 
ATOM   436  C  C   . ASN A 1 57  ? -0.962  -4.727  17.472  1.00 53.01 ? 57  ASN A C   1 
ATOM   437  O  O   . ASN A 1 57  ? -1.187  -5.642  18.282  1.00 53.46 ? 57  ASN A O   1 
ATOM   438  C  CB  . ASN A 1 57  ? -3.331  -4.865  16.540  1.00 52.98 ? 57  ASN A CB  1 
ATOM   439  C  CG  . ASN A 1 57  ? -4.693  -4.133  16.558  1.00 55.28 ? 57  ASN A CG  1 
ATOM   440  O  OD1 . ASN A 1 57  ? -5.556  -4.390  15.716  1.00 56.44 ? 57  ASN A OD1 1 
ATOM   441  N  ND2 . ASN A 1 57  ? -4.879  -3.216  17.517  1.00 57.65 ? 57  ASN A ND2 1 
ATOM   442  N  N   . LEU A 1 58  ? 0.278   -4.404  17.089  1.00 52.81 ? 58  LEU A N   1 
ATOM   443  C  CA  . LEU A 1 58  ? 1.475   -4.930  17.781  1.00 52.75 ? 58  LEU A CA  1 
ATOM   444  C  C   . LEU A 1 58  ? 1.709   -3.997  18.974  1.00 52.93 ? 58  LEU A C   1 
ATOM   445  O  O   . LEU A 1 58  ? 2.165   -2.869  18.790  1.00 53.03 ? 58  LEU A O   1 
ATOM   446  C  CB  . LEU A 1 58  ? 2.696   -4.923  16.855  1.00 52.62 ? 58  LEU A CB  1 
ATOM   447  C  CG  . LEU A 1 58  ? 2.706   -5.615  15.473  1.00 52.32 ? 58  LEU A CG  1 
ATOM   448  C  CD1 . LEU A 1 58  ? 3.610   -4.886  14.477  1.00 48.97 ? 58  LEU A CD1 1 
ATOM   449  C  CD2 . LEU A 1 58  ? 3.080   -7.094  15.562  1.00 51.85 ? 58  LEU A CD2 1 
ATOM   450  N  N   . ASP A 1 59  ? 1.343   -4.412  20.185  0.50 52.75 ? 59  ASP A N   1 
ATOM   451  C  CA  . ASP A 1 59  ? 1.193   -3.422  21.266  0.50 52.61 ? 59  ASP A CA  1 
ATOM   452  C  C   . ASP A 1 59  ? 2.492   -2.672  21.584  0.50 53.02 ? 59  ASP A C   1 
ATOM   453  O  O   . ASP A 1 59  ? 2.500   -1.732  22.389  0.50 52.96 ? 59  ASP A O   1 
ATOM   454  C  CB  . ASP A 1 59  ? 0.560   -4.029  22.511  0.50 52.15 ? 59  ASP A CB  1 
ATOM   455  C  CG  . ASP A 1 59  ? 1.527   -4.861  23.285  0.50 51.84 ? 59  ASP A CG  1 
ATOM   456  O  OD1 . ASP A 1 59  ? 1.616   -6.088  23.009  0.50 50.63 ? 59  ASP A OD1 1 
ATOM   457  O  OD2 . ASP A 1 59  ? 2.219   -4.278  24.144  0.50 49.49 ? 59  ASP A OD2 1 
ATOM   458  N  N   . SER A 1 60  ? 3.577   -3.085  20.920  1.00 53.21 ? 60  SER A N   1 
ATOM   459  C  CA  . SER A 1 60  ? 4.897   -2.434  21.049  1.00 53.40 ? 60  SER A CA  1 
ATOM   460  C  C   . SER A 1 60  ? 5.107   -1.194  20.131  1.00 53.33 ? 60  SER A C   1 
ATOM   461  O  O   . SER A 1 60  ? 6.113   -0.463  20.273  1.00 53.03 ? 60  SER A O   1 
ATOM   462  C  CB  . SER A 1 60  ? 5.999   -3.471  20.792  1.00 53.36 ? 60  SER A CB  1 
ATOM   463  O  OG  . SER A 1 60  ? 5.581   -4.360  19.766  1.00 53.52 ? 60  SER A OG  1 
ATOM   464  N  N   . CYS A 1 61  ? 4.041   -0.953  19.169  1.00 52.82 ? 61  CYS A N   1 
ATOM   465  C  CA  . CYS A 1 61  ? 4.161   0.070   18.109  1.00 51.34 ? 61  CYS A CA  1 
ATOM   466  C  C   . CYS A 1 61  ? 3.269   1.275   18.353  1.00 51.52 ? 61  CYS A C   1 
ATOM   467  O  O   . CYS A 1 61  ? 2.065   1.152   18.326  1.00 52.33 ? 61  CYS A O   1 
ATOM   468  C  CB  . CYS A 1 61  ? 3.838   -0.567  16.755  1.00 50.27 ? 61  CYS A CB  1 
ATOM   469  S  SG  . CYS A 1 61  ? 5.001   -1.952  16.237  1.00 48.14 ? 61  CYS A SG  1 
ATOM   470  N  N   . LYS A 1 62  ? 3.954   2.445   18.631  1.00 51.89 ? 62  LYS A N   1 
ATOM   471  C  CA  . LYS A 1 62  ? 3.115   3.636   18.840  1.00 52.48 ? 62  LYS A CA  1 
ATOM   472  C  C   . LYS A 1 62  ? 3.353   4.723   17.812  1.00 51.29 ? 62  LYS A C   1 
ATOM   473  O  O   . LYS A 1 62  ? 4.200   5.611   18.014  1.00 52.00 ? 62  LYS A O   1 
ATOM   474  C  CB  . LYS A 1 62  ? 3.294   4.214   20.246  1.00 53.32 ? 62  LYS A CB  1 
ATOM   475  C  CG  . LYS A 1 62  ? 2.880   3.238   21.386  1.00 58.42 ? 62  LYS A CG  1 
ATOM   476  C  CD  . LYS A 1 62  ? 1.348   2.990   21.490  1.00 65.11 ? 62  LYS A CD  1 
ATOM   477  C  CE  . LYS A 1 62  ? 1.039   1.647   22.219  1.00 69.19 ? 62  LYS A CE  1 
ATOM   478  N  NZ  . LYS A 1 62  ? 1.255   0.373   21.386  1.00 70.50 ? 62  LYS A NZ  1 
ATOM   479  N  N   . PHE A 1 63  ? 2.593   4.667   16.721  1.00 49.45 ? 63  PHE A N   1 
ATOM   480  C  CA  . PHE A 1 63  ? 2.826   5.564   15.599  1.00 47.30 ? 63  PHE A CA  1 
ATOM   481  C  C   . PHE A 1 63  ? 2.407   6.969   15.859  1.00 46.55 ? 63  PHE A C   1 
ATOM   482  O  O   . PHE A 1 63  ? 1.445   7.224   16.585  1.00 46.34 ? 63  PHE A O   1 
ATOM   483  C  CB  . PHE A 1 63  ? 2.197   5.013   14.343  1.00 47.10 ? 63  PHE A CB  1 
ATOM   484  C  CG  . PHE A 1 63  ? 2.726   3.684   13.993  1.00 45.97 ? 63  PHE A CG  1 
ATOM   485  C  CD1 . PHE A 1 63  ? 4.080   3.529   13.715  1.00 44.61 ? 63  PHE A CD1 1 
ATOM   486  C  CD2 . PHE A 1 63  ? 1.901   2.568   14.019  1.00 45.68 ? 63  PHE A CD2 1 
ATOM   487  C  CE1 . PHE A 1 63  ? 4.595   2.286   13.422  1.00 43.97 ? 63  PHE A CE1 1 
ATOM   488  C  CE2 . PHE A 1 63  ? 2.397   1.326   13.720  1.00 43.07 ? 63  PHE A CE2 1 
ATOM   489  C  CZ  . PHE A 1 63  ? 3.756   1.181   13.428  1.00 44.29 ? 63  PHE A CZ  1 
ATOM   490  N  N   . LEU A 1 64  ? 3.160   7.893   15.279  1.00 45.81 ? 64  LEU A N   1 
ATOM   491  C  CA  . LEU A 1 64  ? 2.842   9.293   15.423  1.00 45.43 ? 64  LEU A CA  1 
ATOM   492  C  C   . LEU A 1 64  ? 1.472   9.495   14.819  1.00 45.35 ? 64  LEU A C   1 
ATOM   493  O  O   . LEU A 1 64  ? 1.178   8.957   13.739  1.00 45.59 ? 64  LEU A O   1 
ATOM   494  C  CB  . LEU A 1 64  ? 3.876   10.175  14.745  1.00 45.19 ? 64  LEU A CB  1 
ATOM   495  C  CG  . LEU A 1 64  ? 3.785   11.659  15.110  1.00 46.33 ? 64  LEU A CG  1 
ATOM   496  C  CD1 . LEU A 1 64  ? 4.406   11.949  16.490  1.00 44.72 ? 64  LEU A CD1 1 
ATOM   497  C  CD2 . LEU A 1 64  ? 4.436   12.496  14.013  1.00 44.32 ? 64  LEU A CD2 1 
ATOM   498  N  N   . VAL A 1 65  ? 0.632   10.228  15.554  1.00 45.13 ? 65  VAL A N   1 
ATOM   499  C  CA  . VAL A 1 65  ? -0.775  10.483  15.205  1.00 44.78 ? 65  VAL A CA  1 
ATOM   500  C  C   . VAL A 1 65  ? -1.540  9.179   14.917  1.00 44.80 ? 65  VAL A C   1 
ATOM   501  O  O   . VAL A 1 65  ? -2.551  9.172   14.220  1.00 45.43 ? 65  VAL A O   1 
ATOM   502  C  CB  . VAL A 1 65  ? -0.963  11.615  14.094  1.00 44.84 ? 65  VAL A CB  1 
ATOM   503  C  CG1 . VAL A 1 65  ? -0.098  12.826  14.393  1.00 45.79 ? 65  VAL A CG1 1 
ATOM   504  C  CG2 . VAL A 1 65  ? -0.638  11.142  12.714  1.00 44.15 ? 65  VAL A CG2 1 
ATOM   505  N  N   . ASP A 1 66  ? -1.042  8.072   15.469  1.00 44.69 ? 66  ASP A N   1 
ATOM   506  C  CA  . ASP A 1 66  ? -1.634  6.739   15.297  1.00 43.80 ? 66  ASP A CA  1 
ATOM   507  C  C   . ASP A 1 66  ? -1.636  6.218   13.854  1.00 41.31 ? 66  ASP A C   1 
ATOM   508  O  O   . ASP A 1 66  ? -2.377  5.298   13.488  1.00 41.16 ? 66  ASP A O   1 
ATOM   509  C  CB  . ASP A 1 66  ? -3.044  6.711   15.912  1.00 45.27 ? 66  ASP A CB  1 
ATOM   510  C  CG  . ASP A 1 66  ? -3.495  5.295   16.250  1.00 51.14 ? 66  ASP A CG  1 
ATOM   511  O  OD1 . ASP A 1 66  ? -2.763  4.632   17.045  1.00 56.10 ? 66  ASP A OD1 1 
ATOM   512  O  OD2 . ASP A 1 66  ? -4.549  4.841   15.703  1.00 56.24 ? 66  ASP A OD2 1 
ATOM   513  N  N   . ASN A 1 67  ? -0.798  6.811   13.030  1.00 39.09 ? 67  ASN A N   1 
ATOM   514  C  CA  . ASN A 1 67  ? -0.842  6.552   11.608  1.00 36.83 ? 67  ASN A CA  1 
ATOM   515  C  C   . ASN A 1 67  ? 0.498   5.964   11.143  1.00 35.40 ? 67  ASN A C   1 
ATOM   516  O  O   . ASN A 1 67  ? 1.539   6.650   11.197  1.00 34.39 ? 67  ASN A O   1 
ATOM   517  C  CB  . ASN A 1 67  ? -1.163  7.857   10.903  1.00 36.72 ? 67  ASN A CB  1 
ATOM   518  C  CG  . ASN A 1 67  ? -1.561  7.661   9.441   1.00 39.02 ? 67  ASN A CG  1 
ATOM   519  O  OD1 . ASN A 1 67  ? -1.370  6.587   8.846   1.00 39.43 ? 67  ASN A OD1 1 
ATOM   520  N  ND2 . ASN A 1 67  ? -2.091  8.726   8.838   1.00 40.86 ? 67  ASN A ND2 1 
ATOM   521  N  N   . PRO A 1 68  ? 0.489   4.672   10.732  1.00 34.36 ? 68  PRO A N   1 
ATOM   522  C  CA  . PRO A 1 68  ? 1.731   3.991   10.332  1.00 32.93 ? 68  PRO A CA  1 
ATOM   523  C  C   . PRO A 1 68  ? 2.376   4.646   9.127   1.00 32.05 ? 68  PRO A C   1 
ATOM   524  O  O   . PRO A 1 68  ? 3.590   4.436   8.886   1.00 32.00 ? 68  PRO A O   1 
ATOM   525  C  CB  . PRO A 1 68  ? 1.277   2.560   10.002  1.00 32.87 ? 68  PRO A CB  1 
ATOM   526  C  CG  . PRO A 1 68  ? 0.010   2.376   10.742  1.00 33.44 ? 68  PRO A CG  1 
ATOM   527  C  CD  . PRO A 1 68  ? -0.659  3.737   10.727  1.00 34.35 ? 68  PRO A CD  1 
ATOM   528  N  N   . TYR A 1 69  ? 1.593   5.464   8.410   1.00 31.01 ? 69  TYR A N   1 
ATOM   529  C  CA  . TYR A 1 69  ? 2.098   6.222   7.261   1.00 30.30 ? 69  TYR A CA  1 
ATOM   530  C  C   . TYR A 1 69  ? 3.104   7.281   7.644   1.00 29.41 ? 69  TYR A C   1 
ATOM   531  O  O   . TYR A 1 69  ? 3.823   7.781   6.781   1.00 29.34 ? 69  TYR A O   1 
ATOM   532  C  CB  . TYR A 1 69  ? 0.996   6.895   6.476   1.00 30.60 ? 69  TYR A CB  1 
ATOM   533  C  CG  . TYR A 1 69  ? 0.360   6.032   5.418   1.00 33.36 ? 69  TYR A CG  1 
ATOM   534  C  CD1 . TYR A 1 69  ? 1.131   5.419   4.401   1.00 35.65 ? 69  TYR A CD1 1 
ATOM   535  C  CD2 . TYR A 1 69  ? -1.032  5.832   5.404   1.00 35.68 ? 69  TYR A CD2 1 
ATOM   536  C  CE1 . TYR A 1 69  ? 0.517   4.618   3.393   1.00 35.20 ? 69  TYR A CE1 1 
ATOM   537  C  CE2 . TYR A 1 69  ? -1.637  5.021   4.422   1.00 33.74 ? 69  TYR A CE2 1 
ATOM   538  C  CZ  . TYR A 1 69  ? -0.865  4.442   3.418   1.00 34.94 ? 69  TYR A CZ  1 
ATOM   539  O  OH  . TYR A 1 69  ? -1.497  3.661   2.458   1.00 40.12 ? 69  TYR A OH  1 
ATOM   540  N  N   . THR A 1 70  ? 3.155   7.627   8.921   1.00 27.52 ? 70  THR A N   1 
ATOM   541  C  CA  . THR A 1 70  ? 4.095   8.612   9.363   1.00 26.41 ? 70  THR A CA  1 
ATOM   542  C  C   . THR A 1 70  ? 5.471   8.005   9.622   1.00 26.67 ? 70  THR A C   1 
ATOM   543  O  O   . THR A 1 70  ? 6.410   8.709   9.978   1.00 27.89 ? 70  THR A O   1 
ATOM   544  C  CB  . THR A 1 70  ? 3.637   9.253   10.701  1.00 27.03 ? 70  THR A CB  1 
ATOM   545  O  OG1 . THR A 1 70  ? 3.516   8.228   11.694  1.00 25.64 ? 70  THR A OG1 1 
ATOM   546  C  CG2 . THR A 1 70  ? 2.309   10.029  10.569  1.00 22.59 ? 70  THR A CG2 1 
ATOM   547  N  N   . GLU A 1 71  ? 5.605   6.699   9.480   1.00 26.99 ? 71  GLU A N   1 
ATOM   548  C  CA  . GLU A 1 71  ? 6.793   6.026   9.987   1.00 26.75 ? 71  GLU A CA  1 
ATOM   549  C  C   . GLU A 1 71  ? 7.722   5.727   8.849   1.00 27.03 ? 71  GLU A C   1 
ATOM   550  O  O   . GLU A 1 71  ? 7.338   5.032   7.903   1.00 27.72 ? 71  GLU A O   1 
ATOM   551  C  CB  . GLU A 1 71  ? 6.399   4.736   10.675  1.00 27.07 ? 71  GLU A CB  1 
ATOM   552  C  CG  . GLU A 1 71  ? 7.518   3.813   10.981  1.00 28.58 ? 71  GLU A CG  1 
ATOM   553  C  CD  . GLU A 1 71  ? 8.243   4.118   12.306  1.00 32.27 ? 71  GLU A CD  1 
ATOM   554  O  OE1 . GLU A 1 71  ? 8.011   3.408   13.316  1.00 35.18 ? 71  GLU A OE1 1 
ATOM   555  O  OE2 . GLU A 1 71  ? 9.120   5.004   12.321  1.00 30.55 ? 71  GLU A OE2 1 
ATOM   556  N  N   . SER A 1 72  ? 8.927   6.281   8.942   1.00 25.83 ? 72  SER A N   1 
ATOM   557  C  CA  . SER A 1 72  ? 9.950   6.056   7.971   1.00 24.95 ? 72  SER A CA  1 
ATOM   558  C  C   . SER A 1 72  ? 10.757  4.848   8.398   1.00 25.30 ? 72  SER A C   1 
ATOM   559  O  O   . SER A 1 72  ? 11.039  4.634   9.579   1.00 25.22 ? 72  SER A O   1 
ATOM   560  C  CB  . SER A 1 72  ? 10.856  7.294   7.831   1.00 25.26 ? 72  SER A CB  1 
ATOM   561  O  OG  . SER A 1 72  ? 10.081  8.475   7.921   1.00 20.54 ? 72  SER A OG  1 
ATOM   562  N  N   . TYR A 1 73  ? 11.084  4.051   7.400   1.00 25.57 ? 73  TYR A N   1 
ATOM   563  C  CA  . TYR A 1 73  ? 11.885  2.867   7.528   1.00 25.54 ? 73  TYR A CA  1 
ATOM   564  C  C   . TYR A 1 73  ? 12.972  3.059   6.509   1.00 26.44 ? 73  TYR A C   1 
ATOM   565  O  O   . TYR A 1 73  ? 12.987  4.078   5.789   1.00 26.64 ? 73  TYR A O   1 
ATOM   566  C  CB  . TYR A 1 73  ? 11.058  1.610   7.184   1.00 25.28 ? 73  TYR A CB  1 
ATOM   567  C  CG  . TYR A 1 73  ? 10.147  1.733   5.960   1.00 23.38 ? 73  TYR A CG  1 
ATOM   568  C  CD1 . TYR A 1 73  ? 10.670  1.649   4.674   1.00 23.35 ? 73  TYR A CD1 1 
ATOM   569  C  CD2 . TYR A 1 73  ? 8.751   1.897   6.099   1.00 22.41 ? 73  TYR A CD2 1 
ATOM   570  C  CE1 . TYR A 1 73  ? 9.847   1.739   3.528   1.00 22.24 ? 73  TYR A CE1 1 
ATOM   571  C  CE2 . TYR A 1 73  ? 7.893   1.991   4.962   1.00 20.12 ? 73  TYR A CE2 1 
ATOM   572  C  CZ  . TYR A 1 73  ? 8.461   1.906   3.685   1.00 22.98 ? 73  TYR A CZ  1 
ATOM   573  O  OH  . TYR A 1 73  ? 7.687   1.990   2.535   1.00 24.07 ? 73  TYR A OH  1 
ATOM   574  N  N   . SER A 1 74  ? 13.863  2.077   6.416   1.00 27.55 ? 74  SER A N   1 
ATOM   575  C  CA  . SER A 1 74  ? 14.879  2.097   5.389   1.00 28.37 ? 74  SER A CA  1 
ATOM   576  C  C   . SER A 1 74  ? 14.692  1.058   4.303   1.00 28.16 ? 74  SER A C   1 
ATOM   577  O  O   . SER A 1 74  ? 14.462  -0.080  4.579   1.00 27.91 ? 74  SER A O   1 
ATOM   578  C  CB  . SER A 1 74  ? 16.205  1.877   6.039   1.00 28.78 ? 74  SER A CB  1 
ATOM   579  O  OG  . SER A 1 74  ? 17.174  2.462   5.214   1.00 34.22 ? 74  SER A OG  1 
ATOM   580  N  N   . TYR A 1 75  ? 14.817  1.442   3.052   1.00 29.28 ? 75  TYR A N   1 
ATOM   581  C  CA  . TYR A 1 75  ? 14.739  0.449   1.995   1.00 30.92 ? 75  TYR A CA  1 
ATOM   582  C  C   . TYR A 1 75  ? 15.490  0.909   0.754   1.00 32.49 ? 75  TYR A C   1 
ATOM   583  O  O   . TYR A 1 75  ? 15.849  2.097   0.595   1.00 31.90 ? 75  TYR A O   1 
ATOM   584  C  CB  . TYR A 1 75  ? 13.271  0.198   1.597   1.00 30.76 ? 75  TYR A CB  1 
ATOM   585  C  CG  . TYR A 1 75  ? 12.816  1.271   0.659   1.00 30.33 ? 75  TYR A CG  1 
ATOM   586  C  CD1 . TYR A 1 75  ? 12.709  1.039   -0.721  1.00 30.75 ? 75  TYR A CD1 1 
ATOM   587  C  CD2 . TYR A 1 75  ? 12.564  2.553   1.135   1.00 29.26 ? 75  TYR A CD2 1 
ATOM   588  C  CE1 . TYR A 1 75  ? 12.337  2.064   -1.593  1.00 29.20 ? 75  TYR A CE1 1 
ATOM   589  C  CE2 . TYR A 1 75  ? 12.172  3.565   0.269   1.00 30.85 ? 75  TYR A CE2 1 
ATOM   590  C  CZ  . TYR A 1 75  ? 12.082  3.313   -1.083  1.00 31.27 ? 75  TYR A CZ  1 
ATOM   591  O  OH  . TYR A 1 75  ? 11.713  4.352   -1.898  1.00 34.41 ? 75  TYR A OH  1 
ATOM   592  N  N   . SER A 1 76  ? 15.654  -0.016  -0.181  1.00 35.01 ? 76  SER A N   1 
ATOM   593  C  CA  . SER A 1 76  ? 16.218  0.367   -1.470  1.00 37.69 ? 76  SER A CA  1 
ATOM   594  C  C   . SER A 1 76  ? 15.580  -0.369  -2.630  1.00 39.34 ? 76  SER A C   1 
ATOM   595  O  O   . SER A 1 76  ? 15.103  -1.514  -2.498  1.00 38.64 ? 76  SER A O   1 
ATOM   596  C  CB  . SER A 1 76  ? 17.734  0.134   -1.487  1.00 37.56 ? 76  SER A CB  1 
ATOM   597  O  OG  . SER A 1 76  ? 17.997  -1.226  -1.157  1.00 38.72 ? 76  SER A OG  1 
ATOM   598  N  N   . CYS A 1 77  ? 15.729  0.331   -3.817  1.00 41.87 ? 77  CYS A N   1 
ATOM   599  C  CA  . CYS A 1 77  ? 15.256  -0.190  -5.054  1.00 45.05 ? 77  CYS A CA  1 
ATOM   600  C  C   . CYS A 1 77  ? 16.382  -0.494  -6.039  1.00 47.33 ? 77  CYS A C   1 
ATOM   601  O  O   . CYS A 1 77  ? 17.149  0.405   -6.420  1.00 48.00 ? 77  CYS A O   1 
ATOM   602  C  CB  . CYS A 1 77  ? 14.403  0.870   -5.708  1.00 45.34 ? 77  CYS A CB  1 
ATOM   603  S  SG  . CYS A 1 77  ? 13.827  0.287   -7.315  1.00 46.63 ? 77  CYS A SG  1 
ATOM   604  N  N   . SER A 1 78  ? 16.345  -1.748  -6.475  1.00 49.13 ? 78  SER A N   1 
ATOM   605  C  CA  . SER A 1 78  ? 17.335  -2.063  -7.489  1.00 50.64 ? 78  SER A CA  1 
ATOM   606  C  C   . SER A 1 78  ? 16.730  -2.929  -8.577  1.00 51.66 ? 78  SER A C   1 
ATOM   607  O  O   . SER A 1 78  ? 16.328  -4.079  -8.295  1.00 51.79 ? 78  SER A O   1 
ATOM   608  C  CB  . SER A 1 78  ? 18.507  -2.805  -6.847  1.00 50.82 ? 78  SER A CB  1 
ATOM   609  O  OG  . SER A 1 78  ? 19.536  -2.996  -7.798  1.00 52.08 ? 78  SER A OG  1 
ATOM   610  N  N   . ASN A 1 79  ? 16.696  -2.401  -9.810  1.00 52.69 ? 79  ASN A N   1 
ATOM   611  C  CA  . ASN A 1 79  ? 16.092  -3.100  -10.977 1.00 54.05 ? 79  ASN A CA  1 
ATOM   612  C  C   . ASN A 1 79  ? 14.732  -3.672  -10.640 1.00 53.47 ? 79  ASN A C   1 
ATOM   613  O  O   . ASN A 1 79  ? 14.607  -4.921  -10.541 1.00 53.43 ? 79  ASN A O   1 
ATOM   614  C  CB  . ASN A 1 79  ? 16.931  -4.303  -11.449 1.00 54.78 ? 79  ASN A CB  1 
ATOM   615  C  CG  . ASN A 1 79  ? 18.417  -4.008  -11.529 1.00 58.31 ? 79  ASN A CG  1 
ATOM   616  O  OD1 . ASN A 1 79  ? 19.239  -4.779  -11.001 1.00 61.51 ? 79  ASN A OD1 1 
ATOM   617  N  ND2 . ASN A 1 79  ? 18.781  -2.900  -12.195 1.00 59.34 ? 79  ASN A ND2 1 
ATOM   618  N  N   . THR A 1 80  ? 13.744  -2.798  -10.384 1.00 52.63 ? 80  THR A N   1 
ATOM   619  C  CA  . THR A 1 80  ? 12.370  -3.277  -10.109 1.00 51.69 ? 80  THR A CA  1 
ATOM   620  C  C   . THR A 1 80  ? 12.199  -4.077  -8.791  1.00 50.35 ? 80  THR A C   1 
ATOM   621  O  O   . THR A 1 80  ? 11.074  -4.304  -8.349  1.00 51.10 ? 80  THR A O   1 
ATOM   622  C  CB  . THR A 1 80  ? 11.924  -4.080  -11.353 1.00 51.91 ? 80  THR A CB  1 
ATOM   623  O  OG1 . THR A 1 80  ? 11.668  -3.137  -12.401 1.00 52.99 ? 80  THR A OG1 1 
ATOM   624  C  CG2 . THR A 1 80  ? 10.745  -5.049  -11.113 1.00 52.72 ? 80  THR A CG2 1 
ATOM   625  N  N   . GLU A 1 81  ? 13.310  -4.467  -8.158  1.00 48.31 ? 81  GLU A N   1 
ATOM   626  C  CA  . GLU A 1 81  ? 13.305  -5.243  -6.913  1.00 46.49 ? 81  GLU A CA  1 
ATOM   627  C  C   . GLU A 1 81  ? 13.417  -4.393  -5.620  1.00 44.27 ? 81  GLU A C   1 
ATOM   628  O  O   . GLU A 1 81  ? 14.310  -3.534  -5.490  1.00 44.10 ? 81  GLU A O   1 
ATOM   629  C  CB  . GLU A 1 81  ? 14.397  -6.305  -6.984  1.00 47.16 ? 81  GLU A CB  1 
ATOM   630  C  CG  . GLU A 1 81  ? 14.542  -7.148  -5.741  1.00 51.13 ? 81  GLU A CG  1 
ATOM   631  C  CD  . GLU A 1 81  ? 13.329  -8.042  -5.466  1.00 57.46 ? 81  GLU A CD  1 
ATOM   632  O  OE1 . GLU A 1 81  ? 12.536  -8.270  -6.420  1.00 59.06 ? 81  GLU A OE1 1 
ATOM   633  O  OE2 . GLU A 1 81  ? 13.181  -8.532  -4.300  1.00 58.63 ? 81  GLU A OE2 1 
ATOM   634  N  N   . ILE A 1 82  ? 12.491  -4.625  -4.679  1.00 41.77 ? 82  ILE A N   1 
ATOM   635  C  CA  . ILE A 1 82  ? 12.449  -3.874  -3.398  1.00 39.36 ? 82  ILE A CA  1 
ATOM   636  C  C   . ILE A 1 82  ? 13.068  -4.695  -2.289  1.00 38.41 ? 82  ILE A C   1 
ATOM   637  O  O   . ILE A 1 82  ? 12.817  -5.893  -2.197  1.00 38.49 ? 82  ILE A O   1 
ATOM   638  C  CB  . ILE A 1 82  ? 11.006  -3.434  -2.971  1.00 39.42 ? 82  ILE A CB  1 
ATOM   639  C  CG1 . ILE A 1 82  ? 10.408  -2.454  -3.965  1.00 37.88 ? 82  ILE A CG1 1 
ATOM   640  C  CG2 . ILE A 1 82  ? 10.965  -2.796  -1.543  1.00 37.14 ? 82  ILE A CG2 1 
ATOM   641  C  CD1 . ILE A 1 82  ? 8.858   -2.552  -4.011  1.00 36.83 ? 82  ILE A CD1 1 
ATOM   642  N  N   . THR A 1 83  ? 13.894  -4.052  -1.464  1.00 37.32 ? 83  THR A N   1 
ATOM   643  C  CA  . THR A 1 83  ? 14.517  -4.719  -0.326  1.00 36.19 ? 83  THR A CA  1 
ATOM   644  C  C   . THR A 1 83  ? 14.343  -3.860  0.918   1.00 35.80 ? 83  THR A C   1 
ATOM   645  O  O   . THR A 1 83  ? 14.711  -2.675  0.915   1.00 35.91 ? 83  THR A O   1 
ATOM   646  C  CB  . THR A 1 83  ? 16.024  -4.958  -0.591  1.00 36.59 ? 83  THR A CB  1 
ATOM   647  O  OG1 . THR A 1 83  ? 16.186  -5.691  -1.825  1.00 36.21 ? 83  THR A OG1 1 
ATOM   648  C  CG2 . THR A 1 83  ? 16.669  -5.730  0.571   1.00 35.60 ? 83  THR A CG2 1 
ATOM   649  N  N   . CYS A 1 84  ? 13.753  -4.537  1.911   1.00 34.42 ? 84  CYS A N   1 
ATOM   650  C  CA  . CYS A 1 84  ? 13.595  -3.881  3.186   1.00 32.72 ? 84  CYS A CA  1 
ATOM   651  C  C   . CYS A 1 84  ? 14.827  -4.186  3.975   1.00 33.19 ? 84  CYS A C   1 
ATOM   652  O  O   . CYS A 1 84  ? 15.304  -5.312  4.050   1.00 33.34 ? 84  CYS A O   1 
ATOM   653  C  CB  . CYS A 1 84  ? 12.348  -4.384  3.929   1.00 32.54 ? 84  CYS A CB  1 
ATOM   654  S  SG  . CYS A 1 84  ? 10.800  -3.727  3.195   1.00 28.78 ? 84  CYS A SG  1 
ATOM   655  N  N   . ASN A 1 85  ? 15.386  -3.070  4.636   1.00 33.54 ? 85  ASN A N   1 
ATOM   656  C  CA  . ASN A 1 85  ? 16.654  -3.160  5.308   1.00 32.28 ? 85  ASN A CA  1 
ATOM   657  C  C   . ASN A 1 85  ? 16.432  -3.878  6.623   1.00 32.21 ? 85  ASN A C   1 
ATOM   658  O  O   . ASN A 1 85  ? 15.453  -3.608  7.286   1.00 32.59 ? 85  ASN A O   1 
ATOM   659  C  CB  . ASN A 1 85  ? 17.086  -1.743  5.552   1.00 32.47 ? 85  ASN A CB  1 
ATOM   660  C  CG  . ASN A 1 85  ? 18.506  -1.640  5.957   1.00 32.57 ? 85  ASN A CG  1 
ATOM   661  O  OD1 . ASN A 1 85  ? 18.979  -2.331  6.865   1.00 34.19 ? 85  ASN A OD1 1 
ATOM   662  N  ND2 . ASN A 1 85  ? 19.210  -0.765  5.292   1.00 35.23 ? 85  ASN A ND2 1 
ATOM   663  N  N   . SER A 1 86  ? 17.326  -4.771  7.020   1.00 31.69 ? 86  SER A N   1 
ATOM   664  C  CA  . SER A 1 86  ? 17.073  -5.633  8.208   1.00 30.88 ? 86  SER A CA  1 
ATOM   665  C  C   . SER A 1 86  ? 17.307  -4.885  9.480   1.00 29.04 ? 86  SER A C   1 
ATOM   666  O  O   . SER A 1 86  ? 16.959  -5.319  10.587  1.00 28.46 ? 86  SER A O   1 
ATOM   667  C  CB  . SER A 1 86  ? 17.998  -6.863  8.182   1.00 31.82 ? 86  SER A CB  1 
ATOM   668  O  OG  . SER A 1 86  ? 19.304  -6.474  7.749   1.00 31.12 ? 86  SER A OG  1 
ATOM   669  N  N   . LYS A 1 87  ? 17.910  -3.736  9.311   1.00 27.89 ? 87  LYS A N   1 
ATOM   670  C  CA  . LYS A 1 87  ? 18.191  -2.931  10.457  1.00 27.00 ? 87  LYS A CA  1 
ATOM   671  C  C   . LYS A 1 87  ? 17.001  -2.013  10.825  1.00 26.61 ? 87  LYS A C   1 
ATOM   672  O  O   . LYS A 1 87  ? 17.065  -1.299  11.852  1.00 26.58 ? 87  LYS A O   1 
ATOM   673  C  CB  . LYS A 1 87  ? 19.517  -2.208  10.244  1.00 27.86 ? 87  LYS A CB  1 
ATOM   674  C  CG  . LYS A 1 87  ? 20.730  -3.187  10.316  1.00 27.23 ? 87  LYS A CG  1 
ATOM   675  C  CD  . LYS A 1 87  ? 22.047  -2.591  9.791   1.00 31.90 ? 87  LYS A CD  1 
ATOM   676  C  CE  . LYS A 1 87  ? 21.806  -1.615  8.627   1.00 35.07 ? 87  LYS A CE  1 
ATOM   677  N  NZ  . LYS A 1 87  ? 22.434  -1.873  7.278   1.00 36.10 ? 87  LYS A NZ  1 
ATOM   678  N  N   . ASN A 1 88  ? 15.908  -2.063  10.033  1.00 24.76 ? 88  ASN A N   1 
ATOM   679  C  CA  . ASN A 1 88  ? 14.638  -1.472  10.429  1.00 24.25 ? 88  ASN A CA  1 
ATOM   680  C  C   . ASN A 1 88  ? 14.281  -2.134  11.726  1.00 24.83 ? 88  ASN A C   1 
ATOM   681  O  O   . ASN A 1 88  ? 14.500  -3.350  11.874  1.00 24.65 ? 88  ASN A O   1 
ATOM   682  C  CB  . ASN A 1 88  ? 13.539  -1.798  9.415   1.00 23.89 ? 88  ASN A CB  1 
ATOM   683  C  CG  . ASN A 1 88  ? 13.675  -1.016  8.113   1.00 24.81 ? 88  ASN A CG  1 
ATOM   684  O  OD1 . ASN A 1 88  ? 14.225  0.117   8.046   1.00 24.27 ? 88  ASN A OD1 1 
ATOM   685  N  ND2 . ASN A 1 88  ? 13.187  -1.617  7.067   1.00 25.32 ? 88  ASN A ND2 1 
ATOM   686  N  N   . ASN A 1 89  ? 13.777  -1.376  12.694  1.00 25.39 ? 89  ASN A N   1 
ATOM   687  C  CA  . ASN A 1 89  ? 13.232  -2.016  13.904  1.00 25.54 ? 89  ASN A CA  1 
ATOM   688  C  C   . ASN A 1 89  ? 11.959  -2.772  13.582  1.00 26.01 ? 89  ASN A C   1 
ATOM   689  O  O   . ASN A 1 89  ? 11.375  -2.678  12.463  1.00 26.23 ? 89  ASN A O   1 
ATOM   690  C  CB  . ASN A 1 89  ? 13.047  -1.052  15.083  1.00 25.79 ? 89  ASN A CB  1 
ATOM   691  C  CG  . ASN A 1 89  ? 11.856  -0.023  14.895  1.00 27.79 ? 89  ASN A CG  1 
ATOM   692  O  OD1 . ASN A 1 89  ? 10.718  -0.386  14.492  1.00 25.51 ? 89  ASN A OD1 1 
ATOM   693  N  ND2 . ASN A 1 89  ? 12.135  1.269   15.213  1.00 27.43 ? 89  ASN A ND2 1 
ATOM   694  N  N   . ALA A 1 90  ? 11.537  -3.535  14.568  1.00 26.56 ? 90  ALA A N   1 
ATOM   695  C  CA  . ALA A 1 90  ? 10.469  -4.485  14.395  1.00 27.34 ? 90  ALA A CA  1 
ATOM   696  C  C   . ALA A 1 90  ? 9.229   -3.829  13.821  1.00 27.66 ? 90  ALA A C   1 
ATOM   697  O  O   . ALA A 1 90  ? 8.590   -4.428  12.942  1.00 28.15 ? 90  ALA A O   1 
ATOM   698  C  CB  . ALA A 1 90  ? 10.160  -5.144  15.702  1.00 27.32 ? 90  ALA A CB  1 
ATOM   699  N  N   . CYS A 1 91  ? 8.939   -2.622  14.293  1.00 27.34 ? 91  CYS A N   1 
ATOM   700  C  CA  . CYS A 1 91  ? 7.747   -1.883  13.800  1.00 27.95 ? 91  CYS A CA  1 
ATOM   701  C  C   . CYS A 1 91  ? 7.972   -1.356  12.401  1.00 26.11 ? 91  CYS A C   1 
ATOM   702  O  O   . CYS A 1 91  ? 7.105   -1.458  11.535  1.00 27.19 ? 91  CYS A O   1 
ATOM   703  C  CB  . CYS A 1 91  ? 7.401   -0.701  14.692  1.00 28.62 ? 91  CYS A CB  1 
ATOM   704  S  SG  . CYS A 1 91  ? 7.077   -1.168  16.414  1.00 35.39 ? 91  CYS A SG  1 
ATOM   705  N  N   . GLU A 1 92  ? 9.099   -0.798  12.183  1.00 24.46 ? 92  GLU A N   1 
ATOM   706  C  CA  . GLU A 1 92  ? 9.489   -0.291  10.862  1.00 22.72 ? 92  GLU A CA  1 
ATOM   707  C  C   . GLU A 1 92  ? 9.503   -1.428  9.866   1.00 21.76 ? 92  GLU A C   1 
ATOM   708  O  O   . GLU A 1 92  ? 9.009   -1.288  8.730   1.00 22.22 ? 92  GLU A O   1 
ATOM   709  C  CB  . GLU A 1 92  ? 10.848  0.428   10.938  1.00 21.49 ? 92  GLU A CB  1 
ATOM   710  C  CG  . GLU A 1 92  ? 10.802  1.676   11.754  1.00 21.47 ? 92  GLU A CG  1 
ATOM   711  C  CD  . GLU A 1 92  ? 12.153  2.288   11.984  1.00 24.82 ? 92  GLU A CD  1 
ATOM   712  O  OE1 . GLU A 1 92  ? 12.271  3.529   12.070  1.00 26.38 ? 92  GLU A OE1 1 
ATOM   713  O  OE2 . GLU A 1 92  ? 13.118  1.546   12.070  1.00 26.35 ? 92  GLU A OE2 1 
ATOM   714  N  N   . ALA A 1 93  ? 10.013  -2.576  10.286  1.00 21.10 ? 93  ALA A N   1 
ATOM   715  C  CA  . ALA A 1 93  ? 10.072  -3.689  9.347   1.00 21.78 ? 93  ALA A CA  1 
ATOM   716  C  C   . ALA A 1 93  ? 8.689   -4.164  8.981   1.00 22.58 ? 93  ALA A C   1 
ATOM   717  O  O   . ALA A 1 93  ? 8.447   -4.504  7.803   1.00 23.15 ? 93  ALA A O   1 
ATOM   718  C  CB  . ALA A 1 93  ? 10.921  -4.817  9.886   1.00 21.49 ? 93  ALA A CB  1 
ATOM   719  N  N   . PHE A 1 94  ? 7.757   -4.170  9.943   1.00 23.36 ? 94  PHE A N   1 
ATOM   720  C  CA  . PHE A 1 94  ? 6.392   -4.588  9.613   1.00 24.90 ? 94  PHE A CA  1 
ATOM   721  C  C   . PHE A 1 94  ? 5.794   -3.707  8.565   1.00 24.77 ? 94  PHE A C   1 
ATOM   722  O  O   . PHE A 1 94  ? 5.307   -4.200  7.549   1.00 25.13 ? 94  PHE A O   1 
ATOM   723  C  CB  . PHE A 1 94  ? 5.493   -4.606  10.833  1.00 26.67 ? 94  PHE A CB  1 
ATOM   724  C  CG  . PHE A 1 94  ? 4.192   -5.377  10.619  1.00 31.19 ? 94  PHE A CG  1 
ATOM   725  C  CD1 . PHE A 1 94  ? 3.091   -4.786  9.974   1.00 30.98 ? 94  PHE A CD1 1 
ATOM   726  C  CD2 . PHE A 1 94  ? 4.069   -6.713  11.064  1.00 35.80 ? 94  PHE A CD2 1 
ATOM   727  C  CE1 . PHE A 1 94  ? 1.882   -5.489  9.782   1.00 33.44 ? 94  PHE A CE1 1 
ATOM   728  C  CE2 . PHE A 1 94  ? 2.836   -7.460  10.862  1.00 36.42 ? 94  PHE A CE2 1 
ATOM   729  C  CZ  . PHE A 1 94  ? 1.747   -6.834  10.222  1.00 34.40 ? 94  PHE A CZ  1 
ATOM   730  N  N   . ILE A 1 95  ? 5.851   -2.387  8.785   1.00 25.11 ? 95  ILE A N   1 
ATOM   731  C  CA  . ILE A 1 95  ? 5.345   -1.420  7.801   1.00 24.57 ? 95  ILE A CA  1 
ATOM   732  C  C   . ILE A 1 95  ? 6.053   -1.570  6.471   1.00 24.97 ? 95  ILE A C   1 
ATOM   733  O  O   . ILE A 1 95  ? 5.421   -1.545  5.385   1.00 25.05 ? 95  ILE A O   1 
ATOM   734  C  CB  . ILE A 1 95  ? 5.567   0.026   8.259   1.00 24.91 ? 95  ILE A CB  1 
ATOM   735  C  CG1 . ILE A 1 95  ? 4.888   0.290   9.609   1.00 25.74 ? 95  ILE A CG1 1 
ATOM   736  C  CG2 . ILE A 1 95  ? 5.029   0.992   7.203   1.00 24.60 ? 95  ILE A CG2 1 
ATOM   737  C  CD1 . ILE A 1 95  ? 3.417   -0.256  9.667   1.00 23.33 ? 95  ILE A CD1 1 
ATOM   738  N  N   . CYS A 1 96  ? 7.374   -1.592  6.564   1.00 24.96 ? 96  CYS A N   1 
ATOM   739  C  CA  . CYS A 1 96  ? 8.128   -1.743  5.326   1.00 25.31 ? 96  CYS A CA  1 
ATOM   740  C  C   . CYS A 1 96  ? 7.574   -2.906  4.527   1.00 25.30 ? 96  CYS A C   1 
ATOM   741  O  O   . CYS A 1 96  ? 7.327   -2.773  3.327   1.00 25.01 ? 96  CYS A O   1 
ATOM   742  C  CB  . CYS A 1 96  ? 9.623   -1.966  5.595   1.00 25.75 ? 96  CYS A CB  1 
ATOM   743  S  SG  . CYS A 1 96  ? 10.625  -1.709  4.092   1.00 27.10 ? 96  CYS A SG  1 
ATOM   744  N  N   . ASN A 1 97  ? 7.377   -4.148  5.153   1.00 26.27 ? 97  ASN A N   1 
ATOM   745  C  CA  . ASN A 1 97  ? 6.852   -5.312  4.429   1.00 26.86 ? 97  ASN A CA  1 
ATOM   746  C  C   . ASN A 1 97  ? 5.447   -5.142  3.900   1.00 26.61 ? 97  ASN A C   1 
ATOM   747  O  O   . ASN A 1 97  ? 5.159   -5.574  2.782   1.00 27.14 ? 97  ASN A O   1 
ATOM   748  C  CB  . ASN A 1 97  ? 6.989   -6.599  5.216   1.00 27.51 ? 97  ASN A CB  1 
ATOM   749  C  CG  . ASN A 1 97  ? 8.456   -7.043  5.390   1.00 30.24 ? 97  ASN A CG  1 
ATOM   750  O  OD1 . ASN A 1 97  ? 8.894   -7.240  6.532   1.00 34.22 ? 97  ASN A OD1 1 
ATOM   751  N  ND2 . ASN A 1 97  ? 9.207   -7.187  4.287   1.00 27.03 ? 97  ASN A ND2 1 
ATOM   752  N  N   . CYS A 1 98  ? 4.625   -4.437  4.701   1.00 26.39 ? 98  CYS A N   1 
ATOM   753  C  CA  . CYS A 1 98  ? 3.293   -4.110  4.155   1.00 26.66 ? 98  CYS A CA  1 
ATOM   754  C  C   . CYS A 1 98  ? 3.440   -3.336  2.865   1.00 27.37 ? 98  CYS A C   1 
ATOM   755  O  O   . CYS A 1 98  ? 2.725   -3.589  1.879   1.00 29.15 ? 98  CYS A O   1 
ATOM   756  C  CB  . CYS A 1 98  ? 2.469   -3.226  5.118   1.00 26.30 ? 98  CYS A CB  1 
ATOM   757  S  SG  . CYS A 1 98  ? 2.130   -3.922  6.714   1.00 27.14 ? 98  CYS A SG  1 
ATOM   758  N  N   . ASP A 1 99  ? 4.262   -2.401  2.817   1.00 26.83 ? 99  ASP A N   1 
ATOM   759  C  CA  . ASP A 1 99  ? 4.333   -1.548  1.639   1.00 26.45 ? 99  ASP A CA  1 
ATOM   760  C  C   . ASP A 1 99  ? 4.944   -2.370  0.506   1.00 26.49 ? 99  ASP A C   1 
ATOM   761  O  O   . ASP A 1 99  ? 4.414   -2.426  -0.610  1.00 26.29 ? 99  ASP A O   1 
ATOM   762  C  CB  . ASP A 1 99  ? 5.138   -0.253  1.900   1.00 25.49 ? 99  ASP A CB  1 
ATOM   763  C  CG  . ASP A 1 99  ? 4.482   0.671   2.903   1.00 25.41 ? 99  ASP A CG  1 
ATOM   764  O  OD1 . ASP A 1 99  ? 5.179   1.628   3.325   1.00 24.72 ? 99  ASP A OD1 1 
ATOM   765  O  OD2 . ASP A 1 99  ? 3.304   0.459   3.304   1.00 24.51 ? 99  ASP A OD2 1 
ATOM   766  N  N   . ARG A 1 100 ? 6.072   -2.995  0.792   1.00 26.80 ? 100 ARG A N   1 
ATOM   767  C  CA  . ARG A 1 100 ? 6.660   -3.916  -0.175  1.00 27.82 ? 100 ARG A CA  1 
ATOM   768  C  C   . ARG A 1 100 ? 5.663   -4.923  -0.804  1.00 27.55 ? 100 ARG A C   1 
ATOM   769  O  O   . ARG A 1 100 ? 5.520   -4.976  -2.020  1.00 27.87 ? 100 ARG A O   1 
ATOM   770  C  CB  . ARG A 1 100 ? 7.769   -4.680  0.487   1.00 27.87 ? 100 ARG A CB  1 
ATOM   771  C  CG  . ARG A 1 100 ? 8.424   -5.585  -0.405  1.00 27.59 ? 100 ARG A CG  1 
ATOM   772  C  CD  . ARG A 1 100 ? 9.618   -6.107  0.275   1.00 32.87 ? 100 ARG A CD  1 
ATOM   773  N  NE  . ARG A 1 100 ? 10.287  -6.885  -0.729  1.00 39.55 ? 100 ARG A NE  1 
ATOM   774  C  CZ  . ARG A 1 100 ? 10.078  -8.185  -0.893  1.00 42.78 ? 100 ARG A CZ  1 
ATOM   775  N  NH1 . ARG A 1 100 ? 9.265   -8.842  -0.050  1.00 42.61 ? 100 ARG A NH1 1 
ATOM   776  N  NH2 . ARG A 1 100 ? 10.704  -8.817  -1.884  1.00 43.83 ? 100 ARG A NH2 1 
ATOM   777  N  N   . ASN A 1 101 ? 5.008   -5.738  0.011   1.00 27.21 ? 101 ASN A N   1 
ATOM   778  C  CA  . ASN A 1 101 ? 4.076   -6.711  -0.531  1.00 27.35 ? 101 ASN A CA  1 
ATOM   779  C  C   . ASN A 1 101 ? 3.015   -6.029  -1.356  1.00 27.58 ? 101 ASN A C   1 
ATOM   780  O  O   . ASN A 1 101 ? 2.502   -6.614  -2.295  1.00 28.63 ? 101 ASN A O   1 
ATOM   781  C  CB  . ASN A 1 101 ? 3.435   -7.490  0.586   1.00 27.70 ? 101 ASN A CB  1 
ATOM   782  C  CG  . ASN A 1 101 ? 4.440   -8.400  1.285   1.00 29.61 ? 101 ASN A CG  1 
ATOM   783  O  OD1 . ASN A 1 101 ? 5.392   -8.879  0.668   1.00 30.29 ? 101 ASN A OD1 1 
ATOM   784  N  ND2 . ASN A 1 101 ? 4.249   -8.615  2.577   1.00 31.84 ? 101 ASN A ND2 1 
ATOM   785  N  N   . ALA A 1 102 ? 2.714   -4.770  -1.058  1.00 26.83 ? 102 ALA A N   1 
ATOM   786  C  CA  . ALA A 1 102 ? 1.732   -4.084  -1.848  1.00 26.79 ? 102 ALA A CA  1 
ATOM   787  C  C   . ALA A 1 102 ? 2.269   -3.506  -3.150  1.00 27.78 ? 102 ALA A C   1 
ATOM   788  O  O   . ALA A 1 102 ? 1.566   -3.542  -4.162  1.00 29.28 ? 102 ALA A O   1 
ATOM   789  C  CB  . ALA A 1 102 ? 1.005   -3.072  -1.043  1.00 26.43 ? 102 ALA A CB  1 
ATOM   790  N  N   . ALA A 1 103 ? 3.491   -2.983  -3.198  1.00 28.08 ? 103 ALA A N   1 
ATOM   791  C  CA  . ALA A 1 103 ? 4.008   -2.580  -4.520  1.00 27.99 ? 103 ALA A CA  1 
ATOM   792  C  C   . ALA A 1 103 ? 4.157   -3.810  -5.452  1.00 28.86 ? 103 ALA A C   1 
ATOM   793  O  O   . ALA A 1 103 ? 3.862   -3.738  -6.635  1.00 29.07 ? 103 ALA A O   1 
ATOM   794  C  CB  . ALA A 1 103 ? 5.279   -1.831  -4.401  1.00 26.98 ? 103 ALA A CB  1 
ATOM   795  N  N   . ILE A 1 104 ? 4.574   -4.948  -4.912  1.00 29.90 ? 104 ILE A N   1 
ATOM   796  C  CA  . ILE A 1 104 ? 4.723   -6.156  -5.694  1.00 31.08 ? 104 ILE A CA  1 
ATOM   797  C  C   . ILE A 1 104 ? 3.370   -6.660  -6.183  1.00 32.47 ? 104 ILE A C   1 
ATOM   798  O  O   . ILE A 1 104 ? 3.188   -6.831  -7.365  1.00 34.05 ? 104 ILE A O   1 
ATOM   799  C  CB  . ILE A 1 104 ? 5.388   -7.225  -4.870  1.00 31.59 ? 104 ILE A CB  1 
ATOM   800  C  CG1 . ILE A 1 104 ? 6.884   -6.928  -4.696  1.00 29.73 ? 104 ILE A CG1 1 
ATOM   801  C  CG2 . ILE A 1 104 ? 5.238   -8.560  -5.536  1.00 32.91 ? 104 ILE A CG2 1 
ATOM   802  C  CD1 . ILE A 1 104 ? 7.579   -7.864  -3.689  1.00 28.19 ? 104 ILE A CD1 1 
ATOM   803  N  N   . CYS A 1 105 ? 2.558   -6.938  -5.346  1.00 33.21 ? 105 CYS A N   1 
ATOM   804  C  CA  . CYS A 1 105 ? 1.125   -7.152  -5.668  1.00 33.07 ? 105 CYS A CA  1 
ATOM   805  C  C   . CYS A 1 105 ? 0.569   -6.153  -6.706  1.00 33.65 ? 105 CYS A C   1 
ATOM   806  O  O   . CYS A 1 105 ? 0.035   -6.559  -7.715  1.00 33.87 ? 105 CYS A O   1 
ATOM   807  C  CB  . CYS A 1 105 ? 0.315   -7.142  -4.357  1.00 33.32 ? 105 CYS A CB  1 
ATOM   808  S  SG  . CYS A 1 105 ? -1.418  -7.798  -4.348  1.00 32.13 ? 105 CYS A SG  1 
ATOM   809  N  N   . PHE A 1 106 ? 0.610   -4.815  -6.473  1.00 34.82 ? 106 PHE A N   1 
ATOM   810  C  CA  . PHE A 1 106 ? 0.111   -3.935  -7.540  1.00 35.72 ? 106 PHE A CA  1 
ATOM   811  C  C   . PHE A 1 106 ? 0.767   -4.302  -8.863  1.00 37.63 ? 106 PHE A C   1 
ATOM   812  O  O   . PHE A 1 106 ? 0.174   -4.120  -9.920  1.00 38.29 ? 106 PHE A O   1 
ATOM   813  C  CB  . PHE A 1 106 ? 0.434   -2.452  -7.340  1.00 35.38 ? 106 PHE A CB  1 
ATOM   814  C  CG  . PHE A 1 106 ? -0.252  -1.784  -6.184  1.00 34.59 ? 106 PHE A CG  1 
ATOM   815  C  CD1 . PHE A 1 106 ? -1.112  -2.475  -5.335  1.00 32.10 ? 106 PHE A CD1 1 
ATOM   816  C  CD2 . PHE A 1 106 ? 0.034   -0.427  -5.927  1.00 30.21 ? 106 PHE A CD2 1 
ATOM   817  C  CE1 . PHE A 1 106 ? -1.689  -1.814  -4.242  1.00 33.98 ? 106 PHE A CE1 1 
ATOM   818  C  CE2 . PHE A 1 106 ? -0.525  0.211   -4.883  1.00 30.90 ? 106 PHE A CE2 1 
ATOM   819  C  CZ  . PHE A 1 106 ? -1.391  -0.466  -4.019  1.00 31.59 ? 106 PHE A CZ  1 
ATOM   820  N  N   . SER A 1 107 ? 2.023   -4.741  -8.824  1.00 39.48 ? 107 SER A N   1 
ATOM   821  C  CA  . SER A 1 107 ? 2.781   -4.828  -10.068 1.00 41.27 ? 107 SER A CA  1 
ATOM   822  C  C   . SER A 1 107 ? 2.286   -6.006  -10.887 1.00 42.39 ? 107 SER A C   1 
ATOM   823  O  O   . SER A 1 107 ? 2.442   -6.020  -12.096 1.00 42.92 ? 107 SER A O   1 
ATOM   824  C  CB  . SER A 1 107 ? 4.293   -4.929  -9.812  1.00 41.25 ? 107 SER A CB  1 
ATOM   825  O  OG  . SER A 1 107 ? 4.683   -6.261  -9.550  1.00 40.80 ? 107 SER A OG  1 
ATOM   826  N  N   . LYS A 1 108 ? 1.665   -6.956  -10.201 1.00 43.40 ? 108 LYS A N   1 
ATOM   827  C  CA  . LYS A 1 108 ? 1.166   -8.160  -10.796 1.00 44.93 ? 108 LYS A CA  1 
ATOM   828  C  C   . LYS A 1 108 ? -0.362  -8.102  -11.144 1.00 46.08 ? 108 LYS A C   1 
ATOM   829  O  O   . LYS A 1 108 ? -0.856  -8.925  -11.927 1.00 46.24 ? 108 LYS A O   1 
ATOM   830  C  CB  . LYS A 1 108 ? 1.407   -9.304  -9.831  1.00 45.25 ? 108 LYS A CB  1 
ATOM   831  C  CG  . LYS A 1 108 ? 2.846   -9.804  -9.652  1.00 46.51 ? 108 LYS A CG  1 
ATOM   832  C  CD  . LYS A 1 108 ? 2.743   -11.089 -8.772  1.00 51.56 ? 108 LYS A CD  1 
ATOM   833  C  CE  . LYS A 1 108 ? 4.019   -11.457 -8.010  1.00 55.30 ? 108 LYS A CE  1 
ATOM   834  N  NZ  . LYS A 1 108 ? 5.277   -11.119 -8.809  1.00 58.76 ? 108 LYS A NZ  1 
ATOM   835  N  N   . ALA A 1 109 ? -1.114  -7.158  -10.566 1.00 46.55 ? 109 ALA A N   1 
ATOM   836  C  CA  . ALA A 1 109 ? -2.562  -7.068  -10.831 1.00 46.53 ? 109 ALA A CA  1 
ATOM   837  C  C   . ALA A 1 109 ? -2.866  -6.407  -12.151 1.00 47.06 ? 109 ALA A C   1 
ATOM   838  O  O   . ALA A 1 109 ? -2.184  -5.456  -12.539 1.00 47.15 ? 109 ALA A O   1 
ATOM   839  C  CB  . ALA A 1 109 ? -3.284  -6.326  -9.729  1.00 46.59 ? 109 ALA A CB  1 
ATOM   840  N  N   . PRO A 1 110 ? -3.895  -6.912  -12.854 1.00 47.41 ? 110 PRO A N   1 
ATOM   841  C  CA  . PRO A 1 110 ? -4.412  -6.275  -14.082 1.00 47.59 ? 110 PRO A CA  1 
ATOM   842  C  C   . PRO A 1 110 ? -4.981  -4.896  -13.770 1.00 47.85 ? 110 PRO A C   1 
ATOM   843  O  O   . PRO A 1 110 ? -5.738  -4.769  -12.818 1.00 48.29 ? 110 PRO A O   1 
ATOM   844  C  CB  . PRO A 1 110 ? -5.566  -7.202  -14.511 1.00 47.65 ? 110 PRO A CB  1 
ATOM   845  C  CG  . PRO A 1 110 ? -5.357  -8.507  -13.766 1.00 47.53 ? 110 PRO A CG  1 
ATOM   846  C  CD  . PRO A 1 110 ? -4.555  -8.199  -12.540 1.00 47.20 ? 110 PRO A CD  1 
ATOM   847  N  N   . TYR A 1 111 ? -4.656  -3.873  -14.546 1.00 47.83 ? 111 TYR A N   1 
ATOM   848  C  CA  . TYR A 1 111 ? -5.237  -2.582  -14.266 1.00 47.82 ? 111 TYR A CA  1 
ATOM   849  C  C   . TYR A 1 111 ? -6.486  -2.326  -15.119 1.00 49.16 ? 111 TYR A C   1 
ATOM   850  O  O   . TYR A 1 111 ? -6.382  -2.166  -16.341 1.00 49.78 ? 111 TYR A O   1 
ATOM   851  C  CB  . TYR A 1 111 ? -4.220  -1.482  -14.482 1.00 47.25 ? 111 TYR A CB  1 
ATOM   852  C  CG  . TYR A 1 111 ? -4.693  -0.108  -14.026 1.00 46.43 ? 111 TYR A CG  1 
ATOM   853  C  CD1 . TYR A 1 111 ? -5.452  0.723   -14.869 1.00 45.98 ? 111 TYR A CD1 1 
ATOM   854  C  CD2 . TYR A 1 111 ? -4.385  0.364   -12.754 1.00 42.52 ? 111 TYR A CD2 1 
ATOM   855  C  CE1 . TYR A 1 111 ? -5.889  1.988   -14.440 1.00 43.99 ? 111 TYR A CE1 1 
ATOM   856  C  CE2 . TYR A 1 111 ? -4.807  1.612   -12.338 1.00 42.54 ? 111 TYR A CE2 1 
ATOM   857  C  CZ  . TYR A 1 111 ? -5.560  2.424   -13.174 1.00 43.77 ? 111 TYR A CZ  1 
ATOM   858  O  OH  . TYR A 1 111 ? -5.960  3.681   -12.720 1.00 43.59 ? 111 TYR A OH  1 
ATOM   859  N  N   . ASN A 1 112 ? -7.652  -2.235  -14.464 1.00 49.41 ? 112 ASN A N   1 
ATOM   860  C  CA  . ASN A 1 112 ? -8.935  -2.048  -15.140 1.00 49.33 ? 112 ASN A CA  1 
ATOM   861  C  C   . ASN A 1 112 ? -9.438  -0.627  -15.041 1.00 49.59 ? 112 ASN A C   1 
ATOM   862  O  O   . ASN A 1 112 ? -9.912  -0.228  -13.998 1.00 49.90 ? 112 ASN A O   1 
ATOM   863  C  CB  . ASN A 1 112 ? -9.964  -2.980  -14.514 1.00 49.01 ? 112 ASN A CB  1 
ATOM   864  C  CG  . ASN A 1 112 ? -9.724  -4.431  -14.867 1.00 49.23 ? 112 ASN A CG  1 
ATOM   865  O  OD1 . ASN A 1 112 ? -9.526  -5.266  -13.978 1.00 49.01 ? 112 ASN A OD1 1 
ATOM   866  N  ND2 . ASN A 1 112 ? -9.750  -4.746  -16.168 1.00 48.34 ? 112 ASN A ND2 1 
ATOM   867  N  N   . LYS A 1 113 ? -9.352  0.160   -16.098 1.00 50.52 ? 113 LYS A N   1 
ATOM   868  C  CA  . LYS A 1 113 ? -9.700  1.556   -15.898 1.00 52.45 ? 113 LYS A CA  1 
ATOM   869  C  C   . LYS A 1 113 ? -11.165 1.812   -15.639 1.00 53.18 ? 113 LYS A C   1 
ATOM   870  O  O   . LYS A 1 113 ? -11.530 2.911   -15.240 1.00 53.92 ? 113 LYS A O   1 
ATOM   871  C  CB  . LYS A 1 113 ? -9.071  2.537   -16.912 1.00 53.10 ? 113 LYS A CB  1 
ATOM   872  C  CG  . LYS A 1 113 ? -9.549  2.519   -18.357 1.00 56.44 ? 113 LYS A CG  1 
ATOM   873  C  CD  . LYS A 1 113 ? -8.504  3.232   -19.277 1.00 60.84 ? 113 LYS A CD  1 
ATOM   874  C  CE  . LYS A 1 113 ? -8.639  2.813   -20.788 1.00 64.29 ? 113 LYS A CE  1 
ATOM   875  N  NZ  . LYS A 1 113 ? -9.821  3.406   -21.542 1.00 63.82 ? 113 LYS A NZ  1 
ATOM   876  N  N   . GLU A 1 114 ? -12.023 0.815   -15.839 1.00 53.82 ? 114 GLU A N   1 
ATOM   877  C  CA  . GLU A 1 114 ? -13.411 1.000   -15.435 1.00 54.46 ? 114 GLU A CA  1 
ATOM   878  C  C   . GLU A 1 114 ? -13.460 1.248   -13.908 1.00 53.30 ? 114 GLU A C   1 
ATOM   879  O  O   . GLU A 1 114 ? -14.362 1.962   -13.403 1.00 52.75 ? 114 GLU A O   1 
ATOM   880  C  CB  . GLU A 1 114 ? -14.319 -0.202  -15.795 1.00 55.71 ? 114 GLU A CB  1 
ATOM   881  C  CG  . GLU A 1 114 ? -14.095 -0.896  -17.140 1.00 60.03 ? 114 GLU A CG  1 
ATOM   882  C  CD  . GLU A 1 114 ? -13.249 -2.153  -16.985 1.00 65.01 ? 114 GLU A CD  1 
ATOM   883  O  OE1 . GLU A 1 114 ? -12.050 -1.999  -16.649 1.00 65.56 ? 114 GLU A OE1 1 
ATOM   884  O  OE2 . GLU A 1 114 ? -13.782 -3.284  -17.181 1.00 67.65 ? 114 GLU A OE2 1 
ATOM   885  N  N   . HIS A 1 115 ? -12.478 0.674   -13.200 1.00 51.47 ? 115 HIS A N   1 
ATOM   886  C  CA  . HIS A 1 115 ? -12.499 0.595   -11.743 1.00 50.37 ? 115 HIS A CA  1 
ATOM   887  C  C   . HIS A 1 115 ? -11.886 1.775   -11.013 1.00 49.90 ? 115 HIS A C   1 
ATOM   888  O  O   . HIS A 1 115 ? -12.060 1.909   -9.819  1.00 48.98 ? 115 HIS A O   1 
ATOM   889  C  CB  . HIS A 1 115 ? -11.881 -0.720  -11.273 1.00 50.28 ? 115 HIS A CB  1 
ATOM   890  C  CG  . HIS A 1 115 ? -12.717 -1.930  -11.595 1.00 50.69 ? 115 HIS A CG  1 
ATOM   891  N  ND1 . HIS A 1 115 ? -12.186 -3.198  -11.701 1.00 50.13 ? 115 HIS A ND1 1 
ATOM   892  C  CD2 . HIS A 1 115 ? -14.044 -2.056  -11.855 1.00 48.34 ? 115 HIS A CD2 1 
ATOM   893  C  CE1 . HIS A 1 115 ? -13.150 -4.052  -12.008 1.00 49.81 ? 115 HIS A CE1 1 
ATOM   894  N  NE2 . HIS A 1 115 ? -14.285 -3.382  -12.108 1.00 47.43 ? 115 HIS A NE2 1 
ATOM   895  N  N   . LYS A 1 116 ? -11.172 2.619   -11.742 1.00 50.23 ? 116 LYS A N   1 
ATOM   896  C  CA  . LYS A 1 116 ? -10.595 3.825   -11.194 1.00 51.28 ? 116 LYS A CA  1 
ATOM   897  C  C   . LYS A 1 116 ? -11.740 4.802   -11.067 1.00 51.71 ? 116 LYS A C   1 
ATOM   898  O  O   . LYS A 1 116 ? -12.514 4.977   -12.003 1.00 52.34 ? 116 LYS A O   1 
ATOM   899  C  CB  . LYS A 1 116 ? -9.510  4.362   -12.148 1.00 51.63 ? 116 LYS A CB  1 
ATOM   900  C  CG  . LYS A 1 116 ? -9.060  5.831   -11.939 1.00 53.75 ? 116 LYS A CG  1 
ATOM   901  C  CD  . LYS A 1 116 ? -7.955  6.017   -10.855 1.00 56.06 ? 116 LYS A CD  1 
ATOM   902  C  CE  . LYS A 1 116 ? -7.759  7.526   -10.553 1.00 58.40 ? 116 LYS A CE  1 
ATOM   903  N  NZ  . LYS A 1 116 ? -6.694  7.864   -9.554  1.00 56.19 ? 116 LYS A NZ  1 
ATOM   904  N  N   . ASN A 1 117 ? -11.860 5.430   -9.907  1.00 52.01 ? 117 ASN A N   1 
ATOM   905  C  CA  . ASN A 1 117 ? -12.917 6.415   -9.673  1.00 52.95 ? 117 ASN A CA  1 
ATOM   906  C  C   . ASN A 1 117 ? -14.290 5.777   -9.631  1.00 52.61 ? 117 ASN A C   1 
ATOM   907  O  O   . ASN A 1 117 ? -15.226 6.191   -10.327 1.00 53.07 ? 117 ASN A O   1 
ATOM   908  C  CB  . ASN A 1 117 ? -12.852 7.559   -10.682 1.00 53.18 ? 117 ASN A CB  1 
ATOM   909  C  CG  . ASN A 1 117 ? -11.739 8.524   -10.370 1.00 57.23 ? 117 ASN A CG  1 
ATOM   910  O  OD1 . ASN A 1 117 ? -10.782 8.686   -11.157 1.00 61.76 ? 117 ASN A OD1 1 
ATOM   911  N  ND2 . ASN A 1 117 ? -11.829 9.163   -9.198  1.00 59.34 ? 117 ASN A ND2 1 
ATOM   912  N  N   . LEU A 1 118 ? -14.396 4.763   -8.785  1.00 51.82 ? 118 LEU A N   1 
ATOM   913  C  CA  . LEU A 1 118 ? -15.578 3.942   -8.718  1.00 50.71 ? 118 LEU A CA  1 
ATOM   914  C  C   . LEU A 1 118 ? -16.667 4.661   -7.943  1.00 50.09 ? 118 LEU A C   1 
ATOM   915  O  O   . LEU A 1 118 ? -16.386 5.428   -7.013  1.00 49.29 ? 118 LEU A O   1 
ATOM   916  C  CB  . LEU A 1 118 ? -15.229 2.639   -8.004  1.00 51.08 ? 118 LEU A CB  1 
ATOM   917  C  CG  . LEU A 1 118 ? -16.021 1.390   -8.327  1.00 51.04 ? 118 LEU A CG  1 
ATOM   918  C  CD1 . LEU A 1 118 ? -15.837 1.080   -9.798  1.00 51.54 ? 118 LEU A CD1 1 
ATOM   919  C  CD2 . LEU A 1 118 ? -15.477 0.288   -7.500  1.00 50.22 ? 118 LEU A CD2 1 
ATOM   920  N  N   . ASP A 1 119 ? -17.908 4.404   -8.338  1.00 49.74 ? 119 ASP A N   1 
ATOM   921  C  CA  . ASP A 1 119 ? -19.047 4.818   -7.552  1.00 49.41 ? 119 ASP A CA  1 
ATOM   922  C  C   . ASP A 1 119 ? -19.173 3.901   -6.334  1.00 49.12 ? 119 ASP A C   1 
ATOM   923  O  O   . ASP A 1 119 ? -19.780 2.826   -6.416  1.00 48.88 ? 119 ASP A O   1 
ATOM   924  C  CB  . ASP A 1 119 ? -20.324 4.771   -8.396  1.00 49.66 ? 119 ASP A CB  1 
ATOM   925  C  CG  . ASP A 1 119 ? -21.561 5.251   -7.611  1.00 50.36 ? 119 ASP A CG  1 
ATOM   926  O  OD1 . ASP A 1 119 ? -21.403 5.660   -6.412  1.00 48.16 ? 119 ASP A OD1 1 
ATOM   927  O  OD2 . ASP A 1 119 ? -22.678 5.227   -8.204  1.00 52.32 ? 119 ASP A OD2 1 
ATOM   928  N  N   . THR A 1 120 ? -18.612 4.317   -5.210  1.00 48.46 ? 120 THR A N   1 
ATOM   929  C  CA  . THR A 1 120 ? -18.510 3.396   -4.096  1.00 48.72 ? 120 THR A CA  1 
ATOM   930  C  C   . THR A 1 120 ? -19.803 3.208   -3.300  1.00 49.95 ? 120 THR A C   1 
ATOM   931  O  O   . THR A 1 120 ? -20.169 2.070   -2.985  1.00 50.69 ? 120 THR A O   1 
ATOM   932  C  CB  . THR A 1 120 ? -17.304 3.699   -3.189  1.00 48.67 ? 120 THR A CB  1 
ATOM   933  O  OG1 . THR A 1 120 ? -17.464 4.975   -2.557  1.00 46.46 ? 120 THR A OG1 1 
ATOM   934  C  CG2 . THR A 1 120 ? -16.026 3.667   -4.003  1.00 47.22 ? 120 THR A CG2 1 
ATOM   935  N  N   . LYS A 1 121 ? -20.496 4.302   -2.981  1.00 50.94 ? 121 LYS A N   1 
ATOM   936  C  CA  . LYS A 1 121 ? -21.840 4.266   -2.370  1.00 51.63 ? 121 LYS A CA  1 
ATOM   937  C  C   . LYS A 1 121 ? -22.736 3.177   -3.014  1.00 50.91 ? 121 LYS A C   1 
ATOM   938  O  O   . LYS A 1 121 ? -23.672 2.653   -2.396  1.00 50.67 ? 121 LYS A O   1 
ATOM   939  C  CB  . LYS A 1 121 ? -22.471 5.670   -2.494  1.00 52.65 ? 121 LYS A CB  1 
ATOM   940  C  CG  . LYS A 1 121 ? -24.025 5.746   -2.550  1.00 56.05 ? 121 LYS A CG  1 
ATOM   941  C  CD  . LYS A 1 121 ? -24.571 6.873   -3.493  1.00 61.67 ? 121 LYS A CD  1 
ATOM   942  C  CE  . LYS A 1 121 ? -25.962 7.454   -3.010  1.00 63.89 ? 121 LYS A CE  1 
ATOM   943  N  NZ  . LYS A 1 121 ? -27.091 6.458   -2.798  1.00 63.23 ? 121 LYS A NZ  1 
ATOM   944  N  N   . LYS A 1 122 ? -22.422 2.844   -4.258  1.00 50.13 ? 122 LYS A N   1 
ATOM   945  C  CA  . LYS A 1 122 ? -23.179 1.889   -5.033  1.00 49.70 ? 122 LYS A CA  1 
ATOM   946  C  C   . LYS A 1 122 ? -22.504 0.509   -5.243  1.00 49.13 ? 122 LYS A C   1 
ATOM   947  O  O   . LYS A 1 122 ? -23.138 -0.516  -4.983  1.00 49.78 ? 122 LYS A O   1 
ATOM   948  C  CB  . LYS A 1 122 ? -23.558 2.550   -6.353  1.00 50.62 ? 122 LYS A CB  1 
ATOM   949  C  CG  . LYS A 1 122 ? -23.860 1.644   -7.549  1.00 53.61 ? 122 LYS A CG  1 
ATOM   950  C  CD  . LYS A 1 122 ? -24.773 2.397   -8.567  1.00 58.51 ? 122 LYS A CD  1 
ATOM   951  C  CE  . LYS A 1 122 ? -26.247 1.917   -8.473  1.00 62.49 ? 122 LYS A CE  1 
ATOM   952  N  NZ  . LYS A 1 122 ? -27.282 2.860   -9.059  1.00 64.89 ? 122 LYS A NZ  1 
ATOM   953  N  N   . TYR A 1 123 ? -21.235 0.458   -5.667  1.00 47.02 ? 123 TYR A N   1 
ATOM   954  C  CA  . TYR A 1 123 ? -20.548 -0.830  -5.902  1.00 44.71 ? 123 TYR A CA  1 
ATOM   955  C  C   . TYR A 1 123 ? -19.710 -1.439  -4.764  1.00 41.85 ? 123 TYR A C   1 
ATOM   956  O  O   . TYR A 1 123 ? -19.174 -2.551  -4.887  1.00 40.65 ? 123 TYR A O   1 
ATOM   957  C  CB  . TYR A 1 123 ? -19.707 -0.712  -7.142  1.00 46.14 ? 123 TYR A CB  1 
ATOM   958  C  CG  . TYR A 1 123 ? -20.556 -0.342  -8.316  1.00 51.83 ? 123 TYR A CG  1 
ATOM   959  C  CD1 . TYR A 1 123 ? -21.639 -1.157  -8.698  1.00 57.50 ? 123 TYR A CD1 1 
ATOM   960  C  CD2 . TYR A 1 123 ? -20.308 0.828   -9.039  1.00 56.99 ? 123 TYR A CD2 1 
ATOM   961  C  CE1 . TYR A 1 123 ? -22.449 -0.836  -9.805  1.00 62.49 ? 123 TYR A CE1 1 
ATOM   962  C  CE2 . TYR A 1 123 ? -21.111 1.181   -10.148 1.00 61.70 ? 123 TYR A CE2 1 
ATOM   963  C  CZ  . TYR A 1 123 ? -22.181 0.339   -10.535 1.00 63.77 ? 123 TYR A CZ  1 
ATOM   964  O  OH  . TYR A 1 123 ? -22.976 0.667   -11.630 1.00 65.62 ? 123 TYR A OH  1 
ATOM   965  N  N   . CYS A 1 124 ? -19.623 -0.642  -3.620  1.00 38.34 ? 124 CYS A N   1 
ATOM   966  C  CA  . CYS A 1 124 ? -18.772 -1.120  -2.567  1.00 36.02 ? 124 CYS A CA  1 
ATOM   967  C  C   . CYS A 1 124 ? -19.578 -1.489  -1.352  1.00 35.59 ? 124 CYS A C   1 
ATOM   968  O  O   . CYS A 1 124 ? -20.241 -2.534  -1.373  1.00 35.32 ? 124 CYS A O   1 
ATOM   969  C  CB  . CYS A 1 124 ? -17.672 -0.108  -2.251  1.00 34.87 ? 124 CYS A CB  1 
ATOM   970  S  SG  . CYS A 1 124 ? -16.631 0.196   -3.718  1.00 34.44 ? 124 CYS A SG  1 
ATOM   971  O  OXT . CYS A 1 124 ? -19.557 -0.786  -0.351  1.00 35.01 ? 124 CYS A OXT 1 
HETATM 972  CA CA  . CA  B 2 .   ? 11.172  5.444   11.767  0.50 28.42 ? 125 CA  A CA  1 
HETATM 973  CA CA  . CA  C 2 .   ? -7.767  2.065   1.899   1.00 66.83 ? 126 CA  A CA  1 
HETATM 974  C  C1  . PLM D 3 .   ? -3.465  10.292  3.993   0.80 58.38 ? 127 PLM A C1  1 
HETATM 975  O  O1  . PLM D 3 .   ? -2.433  10.428  4.708   0.80 58.32 ? 127 PLM A O1  1 
HETATM 976  O  O2  . PLM D 3 .   ? -4.666  10.295  4.382   0.80 57.59 ? 127 PLM A O2  1 
HETATM 977  C  C2  . PLM D 3 .   ? -3.235  10.115  2.499   0.80 57.69 ? 127 PLM A C2  1 
HETATM 978  C  C3  . PLM D 3 .   ? -2.877  8.680   2.209   0.80 57.42 ? 127 PLM A C3  1 
HETATM 979  C  C4  . PLM D 3 .   ? -3.684  8.224   1.012   0.80 59.69 ? 127 PLM A C4  1 
HETATM 980  C  C5  . PLM D 3 .   ? -4.539  6.985   1.367   0.80 61.33 ? 127 PLM A C5  1 
HETATM 981  C  C6  . PLM D 3 .   ? -3.669  5.706   1.388   0.80 61.68 ? 127 PLM A C6  1 
HETATM 982  C  C7  . PLM D 3 .   ? -3.436  5.122   -0.018  0.80 60.53 ? 127 PLM A C7  1 
HETATM 983  C  C8  . PLM D 3 .   ? -1.932  5.024   -0.427  0.80 58.11 ? 127 PLM A C8  1 
HETATM 984  C  C9  . PLM D 3 .   ? -1.232  6.296   -1.044  0.80 53.53 ? 127 PLM A C9  1 
HETATM 985  C  CA  . PLM D 3 .   ? -1.919  6.956   -2.255  0.80 46.96 ? 127 PLM A CA  1 
HETATM 986  C  CB  . PLM D 3 .   ? -0.935  7.069   -3.406  0.80 42.77 ? 127 PLM A CB  1 
HETATM 987  C  CC  . PLM D 3 .   ? -0.193  5.761   -3.654  0.80 40.22 ? 127 PLM A CC  1 
HETATM 988  C  CD  . PLM D 3 .   ? -1.024  4.485   -3.391  0.80 39.32 ? 127 PLM A CD  1 
HETATM 989  C  CE  . PLM D 3 .   ? -2.548  4.707   -3.335  0.80 36.46 ? 127 PLM A CE  1 
HETATM 990  C  CF  . PLM D 3 .   ? -3.233  3.826   -2.311  0.80 33.40 ? 127 PLM A CF  1 
HETATM 991  C  CG  . PLM D 3 .   ? -2.678  2.418   -2.319  0.80 35.41 ? 127 PLM A CG  1 
HETATM 992  O  O   . HOH E 4 .   ? 4.747   3.462   4.885   1.00 22.26 ? 128 HOH A O   1 
HETATM 993  O  O   . HOH E 4 .   ? 9.940   3.396   14.798  1.00 30.41 ? 129 HOH A O   1 
HETATM 994  O  O   . HOH E 4 .   ? 2.340   9.982   -6.893  1.00 49.35 ? 130 HOH A O   1 
HETATM 995  O  O   . HOH E 4 .   ? 16.260  5.166   5.584   0.50 14.24 ? 131 HOH A O   1 
HETATM 996  O  O   . HOH E 4 .   ? 11.549  -7.908  12.462  1.00 33.88 ? 132 HOH A O   1 
HETATM 997  O  O   . HOH E 4 .   ? 6.788   7.429   17.765  1.00 39.77 ? 133 HOH A O   1 
HETATM 998  O  O   . HOH E 4 .   ? 12.860  -4.348  7.239   1.00 35.33 ? 134 HOH A O   1 
HETATM 999  O  O   . HOH E 4 .   ? 11.282  10.143  6.040   1.00 21.26 ? 135 HOH A O   1 
HETATM 1000 O  O   . HOH E 4 .   ? 13.276  -5.859  12.870  1.00 20.85 ? 136 HOH A O   1 
HETATM 1001 O  O   . HOH E 4 .   ? -8.698  -2.567  8.330   1.00 43.26 ? 137 HOH A O   1 
HETATM 1002 O  O   . HOH E 4 .   ? 6.963   15.959  0.534   1.00 38.29 ? 138 HOH A O   1 
HETATM 1003 O  O   . HOH E 4 .   ? -19.019 -5.123  -2.250  1.00 30.55 ? 139 HOH A O   1 
HETATM 1004 O  O   . HOH E 4 .   ? 6.139   -8.636  8.211   1.00 28.46 ? 140 HOH A O   1 
HETATM 1005 O  O   . HOH E 4 .   ? 13.126  -6.878  1.738   1.00 42.67 ? 141 HOH A O   1 
HETATM 1006 O  O   . HOH E 4 .   ? 8.620   -7.150  12.127  1.00 22.39 ? 142 HOH A O   1 
HETATM 1007 O  O   . HOH E 4 .   ? 3.078   9.043   -14.839 1.00 36.02 ? 143 HOH A O   1 
HETATM 1008 O  O   . HOH E 4 .   ? -14.084 2.669   5.682   1.00 54.47 ? 144 HOH A O   1 
HETATM 1009 O  O   . HOH E 4 .   ? 15.481  4.363   2.920   1.00 38.85 ? 145 HOH A O   1 
HETATM 1010 O  O   . HOH E 4 .   ? 5.092   6.778   13.555  1.00 17.97 ? 146 HOH A O   1 
HETATM 1011 O  O   . HOH E 4 .   ? 5.459   13.256  3.284   1.00 29.32 ? 147 HOH A O   1 
HETATM 1012 O  O   . HOH E 4 .   ? 16.692  -4.122  -3.620  1.00 32.73 ? 148 HOH A O   1 
HETATM 1013 O  O   . HOH E 4 .   ? 0.433   -10.066 1.653   1.00 37.80 ? 149 HOH A O   1 
HETATM 1014 O  O   . HOH E 4 .   ? -18.693 -1.498  -12.188 1.00 51.96 ? 150 HOH A O   1 
HETATM 1015 O  O   . HOH E 4 .   ? 3.785   -7.067  7.382   1.00 41.01 ? 151 HOH A O   1 
HETATM 1016 O  O   . HOH E 4 .   ? 12.260  0.825   -11.452 1.00 43.89 ? 152 HOH A O   1 
HETATM 1017 O  O   . HOH E 4 .   ? -3.741  1.122   3.645   1.00 28.90 ? 153 HOH A O   1 
HETATM 1018 O  O   . HOH E 4 .   ? -1.245  -9.134  -7.886  1.00 45.64 ? 154 HOH A O   1 
HETATM 1019 O  O   . HOH E 4 .   ? 6.269   13.224  -1.481  1.00 34.17 ? 155 HOH A O   1 
HETATM 1020 O  O   . HOH E 4 .   ? -7.283  3.034   4.259   1.00 36.55 ? 156 HOH A O   1 
HETATM 1021 O  O   . HOH E 4 .   ? 8.363   -7.503  9.191   1.00 30.12 ? 157 HOH A O   1 
HETATM 1022 O  O   . HOH E 4 .   ? -12.577 4.205   -6.574  1.00 27.88 ? 158 HOH A O   1 
HETATM 1023 O  O   . HOH E 4 .   ? -12.467 -0.418  -19.464 1.00 51.26 ? 159 HOH A O   1 
HETATM 1024 O  O   . HOH E 4 .   ? 0.209   -5.403  2.182   1.00 23.49 ? 160 HOH A O   1 
HETATM 1025 O  O   . HOH E 4 .   ? 6.481   10.828  7.952   1.00 26.54 ? 161 HOH A O   1 
HETATM 1026 O  O   . HOH E 4 .   ? -3.890  -8.876  -1.623  1.00 39.86 ? 162 HOH A O   1 
HETATM 1027 O  O   . HOH E 4 .   ? 13.903  6.278   -0.602  1.00 52.72 ? 163 HOH A O   1 
HETATM 1028 O  O   . HOH E 4 .   ? -8.542  -0.782  -18.751 1.00 49.17 ? 164 HOH A O   1 
HETATM 1029 O  O   . HOH E 4 .   ? -31.350 5.750   -0.579  1.00 49.16 ? 165 HOH A O   1 
HETATM 1030 O  O   . HOH E 4 .   ? 11.942  -0.581  -17.344 1.00 50.52 ? 166 HOH A O   1 
HETATM 1031 O  O   . HOH E 4 .   ? -6.319  -1.691  14.287  1.00 52.26 ? 167 HOH A O   1 
HETATM 1032 O  O   . HOH E 4 .   ? -1.175  -8.483  5.515   1.00 40.52 ? 168 HOH A O   1 
HETATM 1033 O  O   . HOH E 4 .   ? 7.643   9.657   -3.000  1.00 43.81 ? 169 HOH A O   1 
HETATM 1034 O  O   . HOH E 4 .   ? -6.036  10.374  -9.046  1.00 59.32 ? 170 HOH A O   1 
HETATM 1035 O  O   . HOH E 4 .   ? -16.956 -6.460  -5.565  1.00 45.62 ? 171 HOH A O   1 
HETATM 1036 O  O   . HOH E 4 .   ? 5.264   10.354  3.587   1.00 35.12 ? 172 HOH A O   1 
HETATM 1037 O  O   . HOH E 4 .   ? -3.062  4.771   7.783   1.00 42.50 ? 173 HOH A O   1 
HETATM 1038 O  O   . HOH E 4 .   ? 9.994   -6.374  -5.568  1.00 55.94 ? 174 HOH A O   1 
HETATM 1039 O  O   . HOH E 4 .   ? -7.139  8.436   -14.062 1.00 52.62 ? 175 HOH A O   1 
HETATM 1040 O  O   . HOH E 4 .   ? -4.025  2.378   6.058   1.00 41.35 ? 176 HOH A O   1 
HETATM 1041 O  O   . HOH E 4 .   ? 20.685  -6.813  9.777   1.00 49.16 ? 177 HOH A O   1 
HETATM 1042 O  O   . HOH E 4 .   ? -7.241  -5.984  -10.981 1.00 47.76 ? 178 HOH A O   1 
HETATM 1043 O  O   . HOH E 4 .   ? -7.817  -8.912  -11.535 1.00 42.27 ? 179 HOH A O   1 
HETATM 1044 O  O   . HOH E 4 .   ? -0.033  -1.472  -13.774 1.00 39.32 ? 180 HOH A O   1 
HETATM 1045 O  O   . HOH E 4 .   ? 11.771  6.350   -6.773  1.00 51.62 ? 181 HOH A O   1 
HETATM 1046 O  O   . HOH E 4 .   ? 7.990   5.470   17.620  0.50 21.51 ? 182 HOH A O   1 
HETATM 1047 O  O   . HOH E 4 .   ? -0.162  -1.830  19.789  1.00 73.09 ? 183 HOH A O   1 
HETATM 1048 O  O   . HOH E 4 .   ? 11.934  -12.302 -7.418  1.00 46.42 ? 184 HOH A O   1 
HETATM 1049 O  O   . HOH E 4 .   ? -3.951  8.246   6.174   1.00 52.21 ? 185 HOH A O   1 
# 
